data_1IRV
# 
_entry.id   1IRV 
# 
_audit_conform.dict_name       mmcif_pdbx.dic 
_audit_conform.dict_version    5.351 
_audit_conform.dict_location   http://mmcif.pdb.org/dictionaries/ascii/mmcif_pdbx.dic 
# 
loop_
_database_2.database_id 
_database_2.database_code 
_database_2.pdbx_database_accession 
_database_2.pdbx_DOI 
PDB   1IRV         pdb_00001irv 10.2210/pdb1irv/pdb 
WWPDB D_1000174246 ?            ?                   
# 
_pdbx_database_status.status_code                     REL 
_pdbx_database_status.entry_id                        1IRV 
_pdbx_database_status.recvd_initial_deposition_date   1996-06-27 
_pdbx_database_status.deposit_site                    ? 
_pdbx_database_status.process_site                    BNL 
_pdbx_database_status.status_code_sf                  REL 
_pdbx_database_status.status_code_mr                  ? 
_pdbx_database_status.SG_entry                        ? 
_pdbx_database_status.pdb_format_compatible           Y 
_pdbx_database_status.status_code_cs                  ? 
_pdbx_database_status.methods_development_category    ? 
_pdbx_database_status.status_code_nmr_data            ? 
# 
loop_
_audit_author.name 
_audit_author.pdbx_ordinal 
'Berghuis, A.M.' 1 
'Brayer, G.D.'   2 
# 
loop_
_citation.id 
_citation.title 
_citation.journal_abbrev 
_citation.journal_volume 
_citation.page_first 
_citation.page_last 
_citation.year 
_citation.journal_id_ASTM 
_citation.country 
_citation.journal_id_ISSN 
_citation.journal_id_CSD 
_citation.book_publisher 
_citation.pdbx_database_id_PubMed 
_citation.pdbx_database_id_DOI 
primary 
'Mechanistic and structural contributions of critical surface and internal residues to cytochrome c electron transfer reactivity.' 
Biochemistry 35  10784 10792 1996 BICHAW US 0006-2960 0033 ? 8718869 10.1021/bi960430v 
1       'The Role of a Conserved Internal Water Molecule and its Associated Hydrogen Bond Network in Cytochrome C' J.Mol.Biol.  
236 786   ?     1994 JMOBAK UK 0022-2836 0070 ? ?       ?                 
2       'Mutation of Tyrosine-67 to Phenylalanine in Cytochrome C Significantly Alters the Local Heme Environment' J.Mol.Biol.  
235 1326  ?     1994 JMOBAK UK 0022-2836 0070 ? ?       ?                 
3       'Oxidation State-Dependent Conformational Changes in Cytochrome C' J.Mol.Biol.  223 959   ?     1992 JMOBAK UK 0022-2836 
0070 ? ?       ?                 
4       'High-Resolution Refinement of Yeast Iso-1-Cytochrome C and Comparisons with Other Eukaryotic Cytochromes C' J.Mol.Biol.  
214 527   ?     1990 JMOBAK UK 0022-2836 0070 ? ?       ?                 
5       'Crystallization of Yeast Iso-2-Cytochrome C Using a Novel Hair Seeding Technique' J.Mol.Biol.  206 783   ?     1989 
JMOBAK UK 0022-2836 0070 ? ?       ?                 
# 
loop_
_citation_author.citation_id 
_citation_author.name 
_citation_author.ordinal 
_citation_author.identifier_ORCID 
primary 'Rafferty, S.P.'    1  ? 
primary 'Guillemette, J.G.' 2  ? 
primary 'Berghuis, A.M.'    3  ? 
primary 'Smith, M.'         4  ? 
primary 'Brayer, G.D.'      5  ? 
primary 'Mauk, A.G.'        6  ? 
1       'Berghuis, A.M.'    7  ? 
1       'Guillemette, J.G.' 8  ? 
1       'Mclendon, G.'      9  ? 
1       'Sherman, F.'       10 ? 
1       'Smith, M.'         11 ? 
1       'Brayer, G.D.'      12 ? 
2       'Berghuis, A.M.'    13 ? 
2       'Guillemette, J.G.' 14 ? 
2       'Smith, M.'         15 ? 
2       'Brayer, G.D.'      16 ? 
3       'Berghuis, A.M.'    17 ? 
3       'Brayer, G.D.'      18 ? 
4       'Louie, G.V.'       19 ? 
4       'Brayer, G.D.'      20 ? 
5       'Leung, C.J.'       21 ? 
5       'Nall, B.T.'        22 ? 
5       'Brayer, G.D.'      23 ? 
# 
_cell.entry_id           1IRV 
_cell.length_a           36.550 
_cell.length_b           36.550 
_cell.length_c           138.590 
_cell.angle_alpha        90.00 
_cell.angle_beta         90.00 
_cell.angle_gamma        90.00 
_cell.Z_PDB              8 
_cell.pdbx_unique_axis   ? 
# 
_symmetry.entry_id                         1IRV 
_symmetry.space_group_name_H-M             'P 43 21 2' 
_symmetry.pdbx_full_space_group_name_H-M   ? 
_symmetry.cell_setting                     ? 
_symmetry.Int_Tables_number                96 
# 
loop_
_entity.id 
_entity.type 
_entity.src_method 
_entity.pdbx_description 
_entity.formula_weight 
_entity.pdbx_number_of_molecules 
_entity.pdbx_ec 
_entity.pdbx_mutation 
_entity.pdbx_fragment 
_entity.details 
1 polymer     man 'CYTOCHROME C'                    12131.914 1  ? 'I75M, C102T' ? 'ISOZYME 1, REDUCED' 
2 non-polymer syn 'SULFATE ION'                     96.063    1  ? ?             ? ?                    
3 non-polymer syn 'PROTOPORPHYRIN IX CONTAINING FE' 616.487   1  ? ?             ? ?                    
4 water       nat water                             18.015    29 ? ?             ? ?                    
# 
_entity_poly.entity_id                      1 
_entity_poly.type                           'polypeptide(L)' 
_entity_poly.nstd_linkage                   no 
_entity_poly.nstd_monomer                   yes 
_entity_poly.pdbx_seq_one_letter_code       
;TEFKAGSAKKGATLFKTRCLQCHTVEKGGPHKVGPNLHGIFGRHSGQAEGYSYTDANIKKNVLWDENNMSEYLTNP
(M3L)KYMPGTKMAFGGLKKEKDRNDLITYLKKATE
;
_entity_poly.pdbx_seq_one_letter_code_can   
;TEFKAGSAKKGATLFKTRCLQCHTVEKGGPHKVGPNLHGIFGRHSGQAEGYSYTDANIKKNVLWDENNMSEYLTNPKKYM
PGTKMAFGGLKKEKDRNDLITYLKKATE
;
_entity_poly.pdbx_strand_id                 A 
_entity_poly.pdbx_target_identifier         ? 
# 
loop_
_entity_poly_seq.entity_id 
_entity_poly_seq.num 
_entity_poly_seq.mon_id 
_entity_poly_seq.hetero 
1 1   THR n 
1 2   GLU n 
1 3   PHE n 
1 4   LYS n 
1 5   ALA n 
1 6   GLY n 
1 7   SER n 
1 8   ALA n 
1 9   LYS n 
1 10  LYS n 
1 11  GLY n 
1 12  ALA n 
1 13  THR n 
1 14  LEU n 
1 15  PHE n 
1 16  LYS n 
1 17  THR n 
1 18  ARG n 
1 19  CYS n 
1 20  LEU n 
1 21  GLN n 
1 22  CYS n 
1 23  HIS n 
1 24  THR n 
1 25  VAL n 
1 26  GLU n 
1 27  LYS n 
1 28  GLY n 
1 29  GLY n 
1 30  PRO n 
1 31  HIS n 
1 32  LYS n 
1 33  VAL n 
1 34  GLY n 
1 35  PRO n 
1 36  ASN n 
1 37  LEU n 
1 38  HIS n 
1 39  GLY n 
1 40  ILE n 
1 41  PHE n 
1 42  GLY n 
1 43  ARG n 
1 44  HIS n 
1 45  SER n 
1 46  GLY n 
1 47  GLN n 
1 48  ALA n 
1 49  GLU n 
1 50  GLY n 
1 51  TYR n 
1 52  SER n 
1 53  TYR n 
1 54  THR n 
1 55  ASP n 
1 56  ALA n 
1 57  ASN n 
1 58  ILE n 
1 59  LYS n 
1 60  LYS n 
1 61  ASN n 
1 62  VAL n 
1 63  LEU n 
1 64  TRP n 
1 65  ASP n 
1 66  GLU n 
1 67  ASN n 
1 68  ASN n 
1 69  MET n 
1 70  SER n 
1 71  GLU n 
1 72  TYR n 
1 73  LEU n 
1 74  THR n 
1 75  ASN n 
1 76  PRO n 
1 77  M3L n 
1 78  LYS n 
1 79  TYR n 
1 80  MET n 
1 81  PRO n 
1 82  GLY n 
1 83  THR n 
1 84  LYS n 
1 85  MET n 
1 86  ALA n 
1 87  PHE n 
1 88  GLY n 
1 89  GLY n 
1 90  LEU n 
1 91  LYS n 
1 92  LYS n 
1 93  GLU n 
1 94  LYS n 
1 95  ASP n 
1 96  ARG n 
1 97  ASN n 
1 98  ASP n 
1 99  LEU n 
1 100 ILE n 
1 101 THR n 
1 102 TYR n 
1 103 LEU n 
1 104 LYS n 
1 105 LYS n 
1 106 ALA n 
1 107 THR n 
1 108 GLU n 
# 
_entity_src_gen.entity_id                          1 
_entity_src_gen.pdbx_src_id                        1 
_entity_src_gen.pdbx_alt_source_flag               sample 
_entity_src_gen.pdbx_seq_type                      ? 
_entity_src_gen.pdbx_beg_seq_num                   ? 
_entity_src_gen.pdbx_end_seq_num                   ? 
_entity_src_gen.gene_src_common_name               
;baker's yeast
;
_entity_src_gen.gene_src_genus                     Saccharomyces 
_entity_src_gen.pdbx_gene_src_gene                 ? 
_entity_src_gen.gene_src_species                   ? 
_entity_src_gen.gene_src_strain                    ? 
_entity_src_gen.gene_src_tissue                    ? 
_entity_src_gen.gene_src_tissue_fraction           ? 
_entity_src_gen.gene_src_details                   ? 
_entity_src_gen.pdbx_gene_src_fragment             ? 
_entity_src_gen.pdbx_gene_src_scientific_name      'Saccharomyces cerevisiae' 
_entity_src_gen.pdbx_gene_src_ncbi_taxonomy_id     4932 
_entity_src_gen.pdbx_gene_src_variant              ? 
_entity_src_gen.pdbx_gene_src_cell_line            ? 
_entity_src_gen.pdbx_gene_src_atcc                 ? 
_entity_src_gen.pdbx_gene_src_organ                ? 
_entity_src_gen.pdbx_gene_src_organelle            ? 
_entity_src_gen.pdbx_gene_src_cell                 ? 
_entity_src_gen.pdbx_gene_src_cellular_location    ? 
_entity_src_gen.host_org_common_name               ? 
_entity_src_gen.pdbx_host_org_scientific_name      ? 
_entity_src_gen.pdbx_host_org_ncbi_taxonomy_id     ? 
_entity_src_gen.host_org_genus                     ? 
_entity_src_gen.pdbx_host_org_gene                 ? 
_entity_src_gen.pdbx_host_org_organ                ? 
_entity_src_gen.host_org_species                   ? 
_entity_src_gen.pdbx_host_org_tissue               ? 
_entity_src_gen.pdbx_host_org_tissue_fraction      ? 
_entity_src_gen.pdbx_host_org_strain               ? 
_entity_src_gen.pdbx_host_org_variant              ? 
_entity_src_gen.pdbx_host_org_cell_line            ? 
_entity_src_gen.pdbx_host_org_atcc                 ? 
_entity_src_gen.pdbx_host_org_culture_collection   ? 
_entity_src_gen.pdbx_host_org_cell                 ? 
_entity_src_gen.pdbx_host_org_organelle            ? 
_entity_src_gen.pdbx_host_org_cellular_location    ? 
_entity_src_gen.pdbx_host_org_vector_type          ? 
_entity_src_gen.pdbx_host_org_vector               ? 
_entity_src_gen.host_org_details                   ? 
_entity_src_gen.expression_system_id               ? 
_entity_src_gen.plasmid_name                       ? 
_entity_src_gen.plasmid_details                    ? 
_entity_src_gen.pdbx_description                   ? 
# 
_struct_ref.id                         1 
_struct_ref.db_name                    UNP 
_struct_ref.db_code                    CYC1_YEAST 
_struct_ref.entity_id                  1 
_struct_ref.pdbx_db_accession          P00044 
_struct_ref.pdbx_align_begin           1 
_struct_ref.pdbx_seq_one_letter_code   
;TEFKAGSAKKGATLFKTRCLQCHTVEKGGPHKVGPNLHGIFGRHSGQAEGYSYTDANIKKNVLWDENNMSEYLTNPKKYI
PGTKMAFGGLKKEKDRNDLITYLKKACE
;
_struct_ref.pdbx_db_isoform            ? 
# 
_struct_ref_seq.align_id                      1 
_struct_ref_seq.ref_id                        1 
_struct_ref_seq.pdbx_PDB_id_code              1IRV 
_struct_ref_seq.pdbx_strand_id                A 
_struct_ref_seq.seq_align_beg                 1 
_struct_ref_seq.pdbx_seq_align_beg_ins_code   ? 
_struct_ref_seq.seq_align_end                 108 
_struct_ref_seq.pdbx_seq_align_end_ins_code   ? 
_struct_ref_seq.pdbx_db_accession             P00044 
_struct_ref_seq.db_align_beg                  1 
_struct_ref_seq.pdbx_db_align_beg_ins_code    ? 
_struct_ref_seq.db_align_end                  108 
_struct_ref_seq.pdbx_db_align_end_ins_code    ? 
_struct_ref_seq.pdbx_auth_seq_align_beg       -5 
_struct_ref_seq.pdbx_auth_seq_align_end       103 
# 
loop_
_struct_ref_seq_dif.align_id 
_struct_ref_seq_dif.pdbx_pdb_id_code 
_struct_ref_seq_dif.mon_id 
_struct_ref_seq_dif.pdbx_pdb_strand_id 
_struct_ref_seq_dif.seq_num 
_struct_ref_seq_dif.pdbx_pdb_ins_code 
_struct_ref_seq_dif.pdbx_seq_db_name 
_struct_ref_seq_dif.pdbx_seq_db_accession_code 
_struct_ref_seq_dif.db_mon_id 
_struct_ref_seq_dif.pdbx_seq_db_seq_num 
_struct_ref_seq_dif.details 
_struct_ref_seq_dif.pdbx_auth_seq_num 
_struct_ref_seq_dif.pdbx_ordinal 
1 1IRV M3L A 77  ? UNP P00044 LYS 77  'modified residue'    72  1 
1 1IRV MET A 80  ? UNP P00044 ILE 80  'engineered mutation' 75  2 
1 1IRV THR A 107 ? UNP P00044 CYS 107 'engineered mutation' 102 3 
# 
loop_
_chem_comp.id 
_chem_comp.type 
_chem_comp.mon_nstd_flag 
_chem_comp.name 
_chem_comp.pdbx_synonyms 
_chem_comp.formula 
_chem_comp.formula_weight 
ALA 'L-peptide linking' y ALANINE                           ?    'C3 H7 N O2'       89.093  
ARG 'L-peptide linking' y ARGININE                          ?    'C6 H15 N4 O2 1'   175.209 
ASN 'L-peptide linking' y ASPARAGINE                        ?    'C4 H8 N2 O3'      132.118 
ASP 'L-peptide linking' y 'ASPARTIC ACID'                   ?    'C4 H7 N O4'       133.103 
CYS 'L-peptide linking' y CYSTEINE                          ?    'C3 H7 N O2 S'     121.158 
GLN 'L-peptide linking' y GLUTAMINE                         ?    'C5 H10 N2 O3'     146.144 
GLU 'L-peptide linking' y 'GLUTAMIC ACID'                   ?    'C5 H9 N O4'       147.129 
GLY 'peptide linking'   y GLYCINE                           ?    'C2 H5 N O2'       75.067  
HEM non-polymer         . 'PROTOPORPHYRIN IX CONTAINING FE' HEME 'C34 H32 Fe N4 O4' 616.487 
HIS 'L-peptide linking' y HISTIDINE                         ?    'C6 H10 N3 O2 1'   156.162 
HOH non-polymer         . WATER                             ?    'H2 O'             18.015  
ILE 'L-peptide linking' y ISOLEUCINE                        ?    'C6 H13 N O2'      131.173 
LEU 'L-peptide linking' y LEUCINE                           ?    'C6 H13 N O2'      131.173 
LYS 'L-peptide linking' y LYSINE                            ?    'C6 H15 N2 O2 1'   147.195 
M3L 'L-peptide linking' n N-TRIMETHYLLYSINE                 ?    'C9 H21 N2 O2 1'   189.275 
MET 'L-peptide linking' y METHIONINE                        ?    'C5 H11 N O2 S'    149.211 
PHE 'L-peptide linking' y PHENYLALANINE                     ?    'C9 H11 N O2'      165.189 
PRO 'L-peptide linking' y PROLINE                           ?    'C5 H9 N O2'       115.130 
SER 'L-peptide linking' y SERINE                            ?    'C3 H7 N O3'       105.093 
SO4 non-polymer         . 'SULFATE ION'                     ?    'O4 S -2'          96.063  
THR 'L-peptide linking' y THREONINE                         ?    'C4 H9 N O3'       119.119 
TRP 'L-peptide linking' y TRYPTOPHAN                        ?    'C11 H12 N2 O2'    204.225 
TYR 'L-peptide linking' y TYROSINE                          ?    'C9 H11 N O3'      181.189 
VAL 'L-peptide linking' y VALINE                            ?    'C5 H11 N O2'      117.146 
# 
_exptl.entry_id          1IRV 
_exptl.method            'X-RAY DIFFRACTION' 
_exptl.crystals_number   ? 
# 
_exptl_crystal.id                    1 
_exptl_crystal.density_meas          ? 
_exptl_crystal.density_Matthews      1.91 
_exptl_crystal.density_percent_sol   35.50 
_exptl_crystal.description           ? 
# 
_diffrn.id                     1 
_diffrn.ambient_temp           ? 
_diffrn.ambient_temp_details   ? 
_diffrn.crystal_id             1 
# 
_diffrn_detector.diffrn_id              1 
_diffrn_detector.detector               DIFFRACTOMETER 
_diffrn_detector.type                   'ENRAF-NONIUS FAST' 
_diffrn_detector.pdbx_collection_date   1992 
_diffrn_detector.details                ? 
# 
_diffrn_radiation.diffrn_id                        1 
_diffrn_radiation.wavelength_id                    1 
_diffrn_radiation.pdbx_monochromatic_or_laue_m_l   M 
_diffrn_radiation.monochromator                    ? 
_diffrn_radiation.pdbx_diffrn_protocol             ? 
_diffrn_radiation.pdbx_scattering_type             x-ray 
# 
_diffrn_radiation_wavelength.id           1 
_diffrn_radiation_wavelength.wavelength   1.5418 
_diffrn_radiation_wavelength.wt           1.0 
# 
_diffrn_source.diffrn_id                   1 
_diffrn_source.source                      ? 
_diffrn_source.type                        ? 
_diffrn_source.pdbx_synchrotron_site       ? 
_diffrn_source.pdbx_synchrotron_beamline   ? 
_diffrn_source.pdbx_wavelength             1.5418 
_diffrn_source.pdbx_wavelength_list        ? 
# 
_reflns.entry_id                     1IRV 
_reflns.observed_criterion_sigma_I   0.0 
_reflns.observed_criterion_sigma_F   ? 
_reflns.d_resolution_low             6.0 
_reflns.d_resolution_high            2.0 
_reflns.number_obs                   8110 
_reflns.number_all                   ? 
_reflns.percent_possible_obs         100. 
_reflns.pdbx_Rmerge_I_obs            ? 
_reflns.pdbx_Rsym_value              ? 
_reflns.pdbx_netI_over_sigmaI        ? 
_reflns.B_iso_Wilson_estimate        ? 
_reflns.pdbx_redundancy              1. 
_reflns.pdbx_diffrn_id               1 
_reflns.pdbx_ordinal                 1 
# 
_refine.entry_id                                 1IRV 
_refine.ls_number_reflns_obs                     3645 
_refine.ls_number_reflns_all                     ? 
_refine.pdbx_ls_sigma_I                          ? 
_refine.pdbx_ls_sigma_F                          2.0 
_refine.pdbx_data_cutoff_high_absF               ? 
_refine.pdbx_data_cutoff_low_absF                ? 
_refine.pdbx_data_cutoff_high_rms_absF           ? 
_refine.ls_d_res_low                             6.0 
_refine.ls_d_res_high                            1.9 
_refine.ls_percent_reflns_obs                    100. 
_refine.ls_R_factor_obs                          ? 
_refine.ls_R_factor_all                          ? 
_refine.ls_R_factor_R_work                       0.2220000 
_refine.ls_R_factor_R_free                       ? 
_refine.ls_R_factor_R_free_error                 ? 
_refine.ls_R_factor_R_free_error_details         ? 
_refine.ls_percent_reflns_R_free                 ? 
_refine.ls_number_reflns_R_free                  ? 
_refine.ls_number_parameters                     ? 
_refine.ls_number_restraints                     ? 
_refine.occupancy_min                            ? 
_refine.occupancy_max                            ? 
_refine.B_iso_mean                               18.2 
_refine.aniso_B[1][1]                            ? 
_refine.aniso_B[2][2]                            ? 
_refine.aniso_B[3][3]                            ? 
_refine.aniso_B[1][2]                            ? 
_refine.aniso_B[1][3]                            ? 
_refine.aniso_B[2][3]                            ? 
_refine.solvent_model_details                    ? 
_refine.solvent_model_param_ksol                 ? 
_refine.solvent_model_param_bsol                 ? 
_refine.pdbx_ls_cross_valid_method               ? 
_refine.details                                  
;PROLSQ STANDARD SET OF IDEAL BOND LENGTHS ETC. (I.E. VERY SIMILAR TO ENGH & HUBER) ESTIMATED COORD. ERROR 0.25 ANGSTROMS FINAL RMS COORD. SHIFT 0.35 ANGSTROMS
;
_refine.pdbx_starting_model                      ? 
_refine.pdbx_method_to_determine_struct          ? 
_refine.pdbx_isotropic_thermal_model             ? 
_refine.pdbx_stereochemistry_target_values       ? 
_refine.pdbx_stereochem_target_val_spec_case     ? 
_refine.pdbx_R_Free_selection_details            ? 
_refine.pdbx_overall_ESU_R                       ? 
_refine.pdbx_overall_ESU_R_Free                  ? 
_refine.overall_SU_ML                            ? 
_refine.overall_SU_B                             ? 
_refine.pdbx_refine_id                           'X-RAY DIFFRACTION' 
_refine.pdbx_diffrn_id                           1 
_refine.pdbx_TLS_residual_ADP_flag               ? 
_refine.correlation_coeff_Fo_to_Fc               ? 
_refine.correlation_coeff_Fo_to_Fc_free          ? 
_refine.pdbx_solvent_vdw_probe_radii             ? 
_refine.pdbx_solvent_ion_probe_radii             ? 
_refine.pdbx_solvent_shrinkage_radii             ? 
_refine.pdbx_overall_phase_error                 ? 
_refine.overall_SU_R_Cruickshank_DPI             ? 
_refine.pdbx_overall_SU_R_free_Cruickshank_DPI   ? 
_refine.pdbx_overall_SU_R_Blow_DPI               ? 
_refine.pdbx_overall_SU_R_free_Blow_DPI          ? 
# 
_refine_analyze.entry_id                        1IRV 
_refine_analyze.Luzzati_coordinate_error_obs    0.24 
_refine_analyze.Luzzati_sigma_a_obs             ? 
_refine_analyze.Luzzati_d_res_low_obs           ? 
_refine_analyze.Luzzati_coordinate_error_free   ? 
_refine_analyze.Luzzati_sigma_a_free            ? 
_refine_analyze.Luzzati_d_res_low_free          ? 
_refine_analyze.number_disordered_residues      ? 
_refine_analyze.occupancy_sum_hydrogen          ? 
_refine_analyze.occupancy_sum_non_hydrogen      ? 
_refine_analyze.pdbx_refine_id                  'X-RAY DIFFRACTION' 
# 
_refine_hist.pdbx_refine_id                   'X-RAY DIFFRACTION' 
_refine_hist.cycle_id                         LAST 
_refine_hist.pdbx_number_atoms_protein        851 
_refine_hist.pdbx_number_atoms_nucleic_acid   0 
_refine_hist.pdbx_number_atoms_ligand         48 
_refine_hist.number_atoms_solvent             29 
_refine_hist.number_atoms_total               928 
_refine_hist.d_res_high                       1.9 
_refine_hist.d_res_low                        6.0 
# 
loop_
_refine_ls_restr.type 
_refine_ls_restr.dev_ideal 
_refine_ls_restr.dev_ideal_target 
_refine_ls_restr.weight 
_refine_ls_restr.number 
_refine_ls_restr.pdbx_refine_id 
_refine_ls_restr.pdbx_restraint_function 
p_bond_d            0.024 0.020 ? ? 'X-RAY DIFFRACTION' ? 
p_angle_d           0.050 0.030 ? ? 'X-RAY DIFFRACTION' ? 
p_angle_deg         ?     ?     ? ? 'X-RAY DIFFRACTION' ? 
p_planar_d          0.064 0.050 ? ? 'X-RAY DIFFRACTION' ? 
p_hb_or_metal_coord ?     ?     ? ? 'X-RAY DIFFRACTION' ? 
p_mcbond_it         1.940 1.500 ? ? 'X-RAY DIFFRACTION' ? 
p_mcangle_it        2.989 2.500 ? ? 'X-RAY DIFFRACTION' ? 
p_scbond_it         2.666 2.000 ? ? 'X-RAY DIFFRACTION' ? 
p_scangle_it        4.118 3.000 ? ? 'X-RAY DIFFRACTION' ? 
p_plane_restr       0.018 0.020 ? ? 'X-RAY DIFFRACTION' ? 
p_chiral_restr      0.286 0.160 ? ? 'X-RAY DIFFRACTION' ? 
p_singtor_nbd       0.236 0.250 ? ? 'X-RAY DIFFRACTION' ? 
p_multtor_nbd       0.242 0.250 ? ? 'X-RAY DIFFRACTION' ? 
p_xhyhbond_nbd      ?     ?     ? ? 'X-RAY DIFFRACTION' ? 
p_xyhbond_nbd       0.262 0.250 ? ? 'X-RAY DIFFRACTION' ? 
p_planar_tor        2.6   2.5   ? ? 'X-RAY DIFFRACTION' ? 
p_staggered_tor     26.3  12.0  ? ? 'X-RAY DIFFRACTION' ? 
p_orthonormal_tor   ?     ?     ? ? 'X-RAY DIFFRACTION' ? 
p_transverse_tor    19.6  15.0  ? ? 'X-RAY DIFFRACTION' ? 
p_special_tor       ?     ?     ? ? 'X-RAY DIFFRACTION' ? 
# 
_struct.entry_id                  1IRV 
_struct.title                     'CYTOCHROME C ISOZYME 1, REDUCED, MUTANT WITH ILE 75 REPLACED BY MET AND CYS 102 REPLACED BY THR' 
_struct.pdbx_model_details        ? 
_struct.pdbx_CASP_flag            ? 
_struct.pdbx_model_type_details   ? 
# 
_struct_keywords.entry_id        1IRV 
_struct_keywords.pdbx_keywords   'ELECTRON TRANSPORT' 
_struct_keywords.text            'HEME PROTEIN, MITOCHONDRION, ELECTRON TRANSPORT' 
# 
loop_
_struct_asym.id 
_struct_asym.pdbx_blank_PDB_chainid_flag 
_struct_asym.pdbx_modified 
_struct_asym.entity_id 
_struct_asym.details 
A N N 1 ? 
B N N 2 ? 
C N N 3 ? 
D N N 4 ? 
# 
_struct_biol.id   1 
# 
loop_
_struct_conf.conf_type_id 
_struct_conf.id 
_struct_conf.pdbx_PDB_helix_id 
_struct_conf.beg_label_comp_id 
_struct_conf.beg_label_asym_id 
_struct_conf.beg_label_seq_id 
_struct_conf.pdbx_beg_PDB_ins_code 
_struct_conf.end_label_comp_id 
_struct_conf.end_label_asym_id 
_struct_conf.end_label_seq_id 
_struct_conf.pdbx_end_PDB_ins_code 
_struct_conf.beg_auth_comp_id 
_struct_conf.beg_auth_asym_id 
_struct_conf.beg_auth_seq_id 
_struct_conf.end_auth_comp_id 
_struct_conf.end_auth_asym_id 
_struct_conf.end_auth_seq_id 
_struct_conf.pdbx_PDB_helix_class 
_struct_conf.details 
_struct_conf.pdbx_PDB_helix_length 
HELX_P HELX_P1 1 ALA A 8  ? CYS A 19  ? ALA A 3  CYS A 14  1 ? 12 
HELX_P HELX_P2 2 ASP A 55 ? LYS A 60  ? ASP A 50 LYS A 55  1 ? 6  
HELX_P HELX_P3 3 ASN A 68 ? THR A 74  ? ASN A 63 THR A 69  1 ? 7  
HELX_P HELX_P4 4 PRO A 76 ? TYR A 79  ? PRO A 71 TYR A 74  5 ? 4  
HELX_P HELX_P5 5 GLU A 93 ? ALA A 106 ? GLU A 88 ALA A 101 1 ? 14 
# 
_struct_conf_type.id          HELX_P 
_struct_conf_type.criteria    ? 
_struct_conf_type.reference   ? 
# 
loop_
_struct_conn.id 
_struct_conn.conn_type_id 
_struct_conn.pdbx_leaving_atom_flag 
_struct_conn.pdbx_PDB_id 
_struct_conn.ptnr1_label_asym_id 
_struct_conn.ptnr1_label_comp_id 
_struct_conn.ptnr1_label_seq_id 
_struct_conn.ptnr1_label_atom_id 
_struct_conn.pdbx_ptnr1_label_alt_id 
_struct_conn.pdbx_ptnr1_PDB_ins_code 
_struct_conn.pdbx_ptnr1_standard_comp_id 
_struct_conn.ptnr1_symmetry 
_struct_conn.ptnr2_label_asym_id 
_struct_conn.ptnr2_label_comp_id 
_struct_conn.ptnr2_label_seq_id 
_struct_conn.ptnr2_label_atom_id 
_struct_conn.pdbx_ptnr2_label_alt_id 
_struct_conn.pdbx_ptnr2_PDB_ins_code 
_struct_conn.ptnr1_auth_asym_id 
_struct_conn.ptnr1_auth_comp_id 
_struct_conn.ptnr1_auth_seq_id 
_struct_conn.ptnr2_auth_asym_id 
_struct_conn.ptnr2_auth_comp_id 
_struct_conn.ptnr2_auth_seq_id 
_struct_conn.ptnr2_symmetry 
_struct_conn.pdbx_ptnr3_label_atom_id 
_struct_conn.pdbx_ptnr3_label_seq_id 
_struct_conn.pdbx_ptnr3_label_comp_id 
_struct_conn.pdbx_ptnr3_label_asym_id 
_struct_conn.pdbx_ptnr3_label_alt_id 
_struct_conn.pdbx_ptnr3_PDB_ins_code 
_struct_conn.details 
_struct_conn.pdbx_dist_value 
_struct_conn.pdbx_value_order 
_struct_conn.pdbx_role 
covale1 covale none ? A CYS 19 SG  ? ? ? 1_555 C HEM .  CAB ? ? A CYS 14 A HEM 104 1_555 ? ? ? ? ? ? ? 1.781 ? ? 
covale2 covale none ? A CYS 22 SG  ? ? ? 1_555 C HEM .  CAC ? ? A CYS 17 A HEM 104 1_555 ? ? ? ? ? ? ? 1.807 ? ? 
covale3 covale both ? A PRO 76 C   ? ? ? 1_555 A M3L 77 N   ? ? A PRO 71 A M3L 72  1_555 ? ? ? ? ? ? ? 1.342 ? ? 
covale4 covale both ? A M3L 77 C   ? ? ? 1_555 A LYS 78 N   ? ? A M3L 72 A LYS 73  1_555 ? ? ? ? ? ? ? 1.282 ? ? 
metalc1 metalc ?    ? A HIS 23 NE2 ? ? ? 1_555 C HEM .  FE  ? ? A HIS 18 A HEM 104 1_555 ? ? ? ? ? ? ? 1.863 ? ? 
metalc2 metalc ?    ? A MET 85 SD  ? ? ? 1_555 C HEM .  FE  ? ? A MET 80 A HEM 104 1_555 ? ? ? ? ? ? ? 2.322 ? ? 
# 
loop_
_struct_conn_type.id 
_struct_conn_type.criteria 
_struct_conn_type.reference 
covale ? ? 
metalc ? ? 
# 
_struct_sheet.id               S1 
_struct_sheet.type             ? 
_struct_sheet.number_strands   2 
_struct_sheet.details          ? 
# 
_struct_sheet_order.sheet_id     S1 
_struct_sheet_order.range_id_1   1 
_struct_sheet_order.range_id_2   2 
_struct_sheet_order.offset       ? 
_struct_sheet_order.sense        anti-parallel 
# 
loop_
_struct_sheet_range.sheet_id 
_struct_sheet_range.id 
_struct_sheet_range.beg_label_comp_id 
_struct_sheet_range.beg_label_asym_id 
_struct_sheet_range.beg_label_seq_id 
_struct_sheet_range.pdbx_beg_PDB_ins_code 
_struct_sheet_range.end_label_comp_id 
_struct_sheet_range.end_label_asym_id 
_struct_sheet_range.end_label_seq_id 
_struct_sheet_range.pdbx_end_PDB_ins_code 
_struct_sheet_range.beg_auth_comp_id 
_struct_sheet_range.beg_auth_asym_id 
_struct_sheet_range.beg_auth_seq_id 
_struct_sheet_range.end_auth_comp_id 
_struct_sheet_range.end_auth_asym_id 
_struct_sheet_range.end_auth_seq_id 
S1 1 GLY A 42 ? SER A 45 ? GLY A 37 SER A 40 
S1 2 VAL A 62 ? TRP A 64 ? VAL A 57 TRP A 59 
# 
_pdbx_struct_sheet_hbond.sheet_id                S1 
_pdbx_struct_sheet_hbond.range_id_1              1 
_pdbx_struct_sheet_hbond.range_id_2              2 
_pdbx_struct_sheet_hbond.range_1_label_atom_id   N 
_pdbx_struct_sheet_hbond.range_1_label_comp_id   SER 
_pdbx_struct_sheet_hbond.range_1_label_asym_id   A 
_pdbx_struct_sheet_hbond.range_1_label_seq_id    45 
_pdbx_struct_sheet_hbond.range_1_PDB_ins_code    ? 
_pdbx_struct_sheet_hbond.range_1_auth_atom_id    N 
_pdbx_struct_sheet_hbond.range_1_auth_comp_id    SER 
_pdbx_struct_sheet_hbond.range_1_auth_asym_id    A 
_pdbx_struct_sheet_hbond.range_1_auth_seq_id     40 
_pdbx_struct_sheet_hbond.range_2_label_atom_id   O 
_pdbx_struct_sheet_hbond.range_2_label_comp_id   VAL 
_pdbx_struct_sheet_hbond.range_2_label_asym_id   A 
_pdbx_struct_sheet_hbond.range_2_label_seq_id    62 
_pdbx_struct_sheet_hbond.range_2_PDB_ins_code    ? 
_pdbx_struct_sheet_hbond.range_2_auth_atom_id    O 
_pdbx_struct_sheet_hbond.range_2_auth_comp_id    VAL 
_pdbx_struct_sheet_hbond.range_2_auth_asym_id    A 
_pdbx_struct_sheet_hbond.range_2_auth_seq_id     57 
# 
loop_
_struct_site.id 
_struct_site.pdbx_evidence_code 
_struct_site.pdbx_auth_asym_id 
_struct_site.pdbx_auth_comp_id 
_struct_site.pdbx_auth_seq_id 
_struct_site.pdbx_auth_ins_code 
_struct_site.pdbx_num_residues 
_struct_site.details 
AC1 Software A SO4 117 ? 6  'BINDING SITE FOR RESIDUE SO4 A 117' 
AC2 Software A HEM 104 ? 21 'BINDING SITE FOR RESIDUE HEM A 104' 
# 
loop_
_struct_site_gen.id 
_struct_site_gen.site_id 
_struct_site_gen.pdbx_num_res 
_struct_site_gen.label_comp_id 
_struct_site_gen.label_asym_id 
_struct_site_gen.label_seq_id 
_struct_site_gen.pdbx_auth_ins_code 
_struct_site_gen.auth_comp_id 
_struct_site_gen.auth_asym_id 
_struct_site_gen.auth_seq_id 
_struct_site_gen.label_atom_id 
_struct_site_gen.label_alt_id 
_struct_site_gen.symmetry 
_struct_site_gen.details 
1  AC1 6  GLY A 6   ? GLY A 1   . ? 1_555 ? 
2  AC1 6  SER A 7   ? SER A 2   . ? 1_555 ? 
3  AC1 6  ALA A 8   ? ALA A 3   . ? 1_555 ? 
4  AC1 6  LYS A 9   ? LYS A 4   . ? 1_555 ? 
5  AC1 6  SER A 52  ? SER A 47  . ? 3_554 ? 
6  AC1 6  HOH D .   ? HOH A 219 . ? 1_555 ? 
7  AC2 21 ARG A 18  ? ARG A 13  . ? 1_555 ? 
8  AC2 21 CYS A 19  ? CYS A 14  . ? 1_555 ? 
9  AC2 21 CYS A 22  ? CYS A 17  . ? 1_555 ? 
10 AC2 21 HIS A 23  ? HIS A 18  . ? 1_555 ? 
11 AC2 21 GLY A 34  ? GLY A 29  . ? 1_555 ? 
12 AC2 21 PRO A 35  ? PRO A 30  . ? 1_555 ? 
13 AC2 21 SER A 45  ? SER A 40  . ? 1_555 ? 
14 AC2 21 GLY A 46  ? GLY A 41  . ? 1_555 ? 
15 AC2 21 TYR A 51  ? TYR A 46  . ? 1_555 ? 
16 AC2 21 TYR A 53  ? TYR A 48  . ? 1_555 ? 
17 AC2 21 THR A 54  ? THR A 49  . ? 1_555 ? 
18 AC2 21 ASN A 57  ? ASN A 52  . ? 1_555 ? 
19 AC2 21 TRP A 64  ? TRP A 59  . ? 1_555 ? 
20 AC2 21 MET A 69  ? MET A 64  . ? 1_555 ? 
21 AC2 21 TYR A 72  ? TYR A 67  . ? 1_555 ? 
22 AC2 21 LEU A 73  ? LEU A 68  . ? 1_555 ? 
23 AC2 21 THR A 83  ? THR A 78  . ? 1_555 ? 
24 AC2 21 LYS A 84  ? LYS A 79  . ? 1_555 ? 
25 AC2 21 MET A 85  ? MET A 80  . ? 1_555 ? 
26 AC2 21 LEU A 103 ? LEU A 98  . ? 1_555 ? 
27 AC2 21 HOH D .   ? HOH A 168 . ? 1_555 ? 
# 
_atom_sites.entry_id                    1IRV 
_atom_sites.fract_transf_matrix[1][1]   0.00592256 
_atom_sites.fract_transf_matrix[1][2]   -0.00174337 
_atom_sites.fract_transf_matrix[1][3]   -0.02665434 
_atom_sites.fract_transf_matrix[2][1]   -0.02234290 
_atom_sites.fract_transf_matrix[2][2]   0.01463878 
_atom_sites.fract_transf_matrix[2][3]   -0.00592203 
_atom_sites.fract_transf_matrix[3][1]   0.00386082 
_atom_sites.fract_transf_matrix[3][2]   0.00607889 
_atom_sites.fract_transf_matrix[3][3]   0.00046027 
_atom_sites.fract_transf_vector[1]      0.127125 
_atom_sites.fract_transf_vector[2]      0.547102 
_atom_sites.fract_transf_vector[3]      0.057995 
# 
loop_
_atom_type.symbol 
C  
FE 
N  
O  
S  
# 
loop_
_atom_site.group_PDB 
_atom_site.id 
_atom_site.type_symbol 
_atom_site.label_atom_id 
_atom_site.label_alt_id 
_atom_site.label_comp_id 
_atom_site.label_asym_id 
_atom_site.label_entity_id 
_atom_site.label_seq_id 
_atom_site.pdbx_PDB_ins_code 
_atom_site.Cartn_x 
_atom_site.Cartn_y 
_atom_site.Cartn_z 
_atom_site.occupancy 
_atom_site.B_iso_or_equiv 
_atom_site.pdbx_formal_charge 
_atom_site.auth_seq_id 
_atom_site.auth_comp_id 
_atom_site.auth_asym_id 
_atom_site.auth_atom_id 
_atom_site.pdbx_PDB_model_num 
ATOM   1   N  N   . THR A 1 1   ? -0.723  -18.945 0.251   1.00 46.03 ? -5  THR A N   1 
ATOM   2   C  CA  . THR A 1 1   ? -1.054  -17.634 0.743   1.00 45.85 ? -5  THR A CA  1 
ATOM   3   C  C   . THR A 1 1   ? -1.394  -17.678 2.246   1.00 45.10 ? -5  THR A C   1 
ATOM   4   O  O   . THR A 1 1   ? -1.702  -18.691 2.843   1.00 43.13 ? -5  THR A O   1 
ATOM   5   C  CB  . THR A 1 1   ? -2.209  -16.804 0.042   1.00 47.70 ? -5  THR A CB  1 
ATOM   6   O  OG1 . THR A 1 1   ? -3.435  -17.022 0.822   1.00 44.78 ? -5  THR A OG1 1 
ATOM   7   C  CG2 . THR A 1 1   ? -2.347  -17.003 -1.475  1.00 48.34 ? -5  THR A CG2 1 
ATOM   8   N  N   . GLU A 1 2   ? -1.246  -16.436 2.718   1.00 45.34 ? -4  GLU A N   1 
ATOM   9   C  CA  . GLU A 1 2   ? -1.533  -16.149 4.145   1.00 44.89 ? -4  GLU A CA  1 
ATOM   10  C  C   . GLU A 1 2   ? -2.504  -14.976 4.147   1.00 43.89 ? -4  GLU A C   1 
ATOM   11  O  O   . GLU A 1 2   ? -2.826  -14.319 5.140   1.00 44.02 ? -4  GLU A O   1 
ATOM   12  C  CB  . GLU A 1 2   ? -0.304  -16.057 5.022   1.00 43.39 ? -4  GLU A CB  1 
ATOM   13  C  CG  . GLU A 1 2   ? 0.373   -17.344 5.508   1.00 41.71 ? -4  GLU A CG  1 
ATOM   14  C  CD  . GLU A 1 2   ? 1.870   -17.436 5.377   1.00 42.75 ? -4  GLU A CD  1 
ATOM   15  O  OE1 . GLU A 1 2   ? 2.521   -18.038 4.510   1.00 41.87 ? -4  GLU A OE1 1 
ATOM   16  O  OE2 . GLU A 1 2   ? 2.443   -16.808 6.306   1.00 42.51 ? -4  GLU A OE2 1 
ATOM   17  N  N   . PHE A 1 3   ? -3.038  -14.755 2.928   1.00 43.44 ? -3  PHE A N   1 
ATOM   18  C  CA  . PHE A 1 3   ? -4.048  -13.725 2.720   1.00 42.85 ? -3  PHE A CA  1 
ATOM   19  C  C   . PHE A 1 3   ? -5.398  -14.314 2.239   1.00 41.50 ? -3  PHE A C   1 
ATOM   20  O  O   . PHE A 1 3   ? -5.441  -14.987 1.177   1.00 43.04 ? -3  PHE A O   1 
ATOM   21  C  CB  . PHE A 1 3   ? -3.625  -12.652 1.702   1.00 44.49 ? -3  PHE A CB  1 
ATOM   22  C  CG  . PHE A 1 3   ? -4.775  -11.823 1.191   1.00 45.45 ? -3  PHE A CG  1 
ATOM   23  C  CD1 . PHE A 1 3   ? -5.324  -10.841 2.022   1.00 47.76 ? -3  PHE A CD1 1 
ATOM   24  C  CD2 . PHE A 1 3   ? -5.370  -12.064 -0.027  1.00 45.54 ? -3  PHE A CD2 1 
ATOM   25  C  CE1 . PHE A 1 3   ? -6.396  -10.074 1.591   1.00 49.69 ? -3  PHE A CE1 1 
ATOM   26  C  CE2 . PHE A 1 3   ? -6.450  -11.327 -0.490  1.00 46.44 ? -3  PHE A CE2 1 
ATOM   27  C  CZ  . PHE A 1 3   ? -6.975  -10.334 0.339   1.00 48.64 ? -3  PHE A CZ  1 
ATOM   28  N  N   . LYS A 1 4   ? -6.442  -13.930 2.940   1.00 36.54 ? -2  LYS A N   1 
ATOM   29  C  CA  . LYS A 1 4   ? -7.786  -14.337 2.547   1.00 31.36 ? -2  LYS A CA  1 
ATOM   30  C  C   . LYS A 1 4   ? -8.583  -13.083 2.193   1.00 27.63 ? -2  LYS A C   1 
ATOM   31  O  O   . LYS A 1 4   ? -8.727  -12.121 2.982   1.00 25.70 ? -2  LYS A O   1 
ATOM   32  C  CB  . LYS A 1 4   ? -8.490  -15.140 3.634   1.00 33.19 ? -2  LYS A CB  1 
ATOM   33  C  CG  . LYS A 1 4   ? -9.147  -16.455 3.219   1.00 34.81 ? -2  LYS A CG  1 
ATOM   34  C  CD  . LYS A 1 4   ? -10.435 -16.894 3.890   1.00 32.14 ? -2  LYS A CD  1 
ATOM   35  C  CE  . LYS A 1 4   ? -10.406 -17.472 5.254   1.00 30.49 ? -2  LYS A CE  1 
ATOM   36  N  NZ  . LYS A 1 4   ? -9.025  -17.759 5.775   1.00 28.56 ? -2  LYS A NZ  1 
ATOM   37  N  N   . ALA A 1 5   ? -9.081  -13.088 0.959   1.00 24.56 ? -1  ALA A N   1 
ATOM   38  C  CA  . ALA A 1 5   ? -9.938  -12.012 0.466   1.00 22.41 ? -1  ALA A CA  1 
ATOM   39  C  C   . ALA A 1 5   ? -11.029 -11.724 1.535   1.00 22.12 ? -1  ALA A C   1 
ATOM   40  O  O   . ALA A 1 5   ? -11.319 -12.401 2.527   1.00 22.10 ? -1  ALA A O   1 
ATOM   41  C  CB  . ALA A 1 5   ? -10.585 -12.168 -0.898  1.00 16.77 ? -1  ALA A CB  1 
ATOM   42  N  N   . GLY A 1 6   ? -11.591 -10.561 1.290   1.00 21.97 ? 1   GLY A N   1 
ATOM   43  C  CA  . GLY A 1 6   ? -12.572 -9.943  2.129   1.00 21.42 ? 1   GLY A CA  1 
ATOM   44  C  C   . GLY A 1 6   ? -13.398 -9.007  1.257   1.00 21.03 ? 1   GLY A C   1 
ATOM   45  O  O   . GLY A 1 6   ? -13.421 -9.125  0.030   1.00 23.28 ? 1   GLY A O   1 
ATOM   46  N  N   . SER A 1 7   ? -14.016 -8.127  2.009   1.00 18.65 ? 2   SER A N   1 
ATOM   47  C  CA  . SER A 1 7   ? -14.947 -7.160  1.490   1.00 15.03 ? 2   SER A CA  1 
ATOM   48  C  C   . SER A 1 7   ? -14.246 -5.981  0.851   1.00 16.93 ? 2   SER A C   1 
ATOM   49  O  O   . SER A 1 7   ? -13.581 -5.180  1.559   1.00 16.22 ? 2   SER A O   1 
ATOM   50  C  CB  . SER A 1 7   ? -15.867 -6.706  2.633   1.00 7.95  ? 2   SER A CB  1 
ATOM   51  O  OG  . SER A 1 7   ? -16.683 -5.744  1.974   1.00 4.00  ? 2   SER A OG  1 
ATOM   52  N  N   . ALA A 1 8   ? -14.499 -5.939  -0.456  1.00 16.62 ? 3   ALA A N   1 
ATOM   53  C  CA  . ALA A 1 8   ? -14.015 -4.884  -1.333  1.00 18.06 ? 3   ALA A CA  1 
ATOM   54  C  C   . ALA A 1 8   ? -14.646 -3.541  -0.935  1.00 16.67 ? 3   ALA A C   1 
ATOM   55  O  O   . ALA A 1 8   ? -14.016 -2.528  -1.082  1.00 15.89 ? 3   ALA A O   1 
ATOM   56  C  CB  . ALA A 1 8   ? -14.329 -5.164  -2.805  1.00 16.23 ? 3   ALA A CB  1 
ATOM   57  N  N   . LYS A 1 9   ? -15.909 -3.590  -0.531  1.00 17.24 ? 4   LYS A N   1 
ATOM   58  C  CA  . LYS A 1 9   ? -16.597 -2.373  -0.137  1.00 17.00 ? 4   LYS A CA  1 
ATOM   59  C  C   . LYS A 1 9   ? -16.105 -1.995  1.250   1.00 15.95 ? 4   LYS A C   1 
ATOM   60  O  O   . LYS A 1 9   ? -16.238 -0.801  1.601   1.00 15.33 ? 4   LYS A O   1 
ATOM   61  C  CB  . LYS A 1 9   ? -18.099 -2.328  -0.188  1.00 23.25 ? 4   LYS A CB  1 
ATOM   62  C  CG  . LYS A 1 9   ? -18.607 -2.353  -1.672  1.00 28.26 ? 4   LYS A CG  1 
ATOM   63  C  CD  . LYS A 1 9   ? -20.138 -2.584  -1.543  1.00 32.50 ? 4   LYS A CD  1 
ATOM   64  C  CE  . LYS A 1 9   ? -20.554 -3.621  -2.575  1.00 36.55 ? 4   LYS A CE  1 
ATOM   65  N  NZ  . LYS A 1 9   ? -21.768 -3.108  -3.322  1.00 38.82 ? 4   LYS A NZ  1 
ATOM   66  N  N   . LYS A 1 10  ? -15.588 -2.988  1.943   1.00 14.46 ? 5   LYS A N   1 
ATOM   67  C  CA  . LYS A 1 10  ? -15.082 -2.674  3.290   1.00 13.37 ? 5   LYS A CA  1 
ATOM   68  C  C   . LYS A 1 10  ? -13.731 -1.989  3.044   1.00 14.28 ? 5   LYS A C   1 
ATOM   69  O  O   . LYS A 1 10  ? -13.462 -0.954  3.674   1.00 13.40 ? 5   LYS A O   1 
ATOM   70  C  CB  . LYS A 1 10  ? -15.027 -3.805  4.241   1.00 16.24 ? 5   LYS A CB  1 
ATOM   71  C  CG  . LYS A 1 10  ? -14.034 -3.774  5.392   1.00 17.49 ? 5   LYS A CG  1 
ATOM   72  C  CD  . LYS A 1 10  ? -14.530 -4.137  6.759   1.00 18.07 ? 5   LYS A CD  1 
ATOM   73  C  CE  . LYS A 1 10  ? -13.719 -3.507  7.898   1.00 18.92 ? 5   LYS A CE  1 
ATOM   74  N  NZ  . LYS A 1 10  ? -12.428 -4.222  8.129   1.00 21.75 ? 5   LYS A NZ  1 
ATOM   75  N  N   . GLY A 1 11  ? -12.955 -2.531  2.139   1.00 13.59 ? 6   GLY A N   1 
ATOM   76  C  CA  . GLY A 1 11  ? -11.615 -1.958  1.832   1.00 17.22 ? 6   GLY A CA  1 
ATOM   77  C  C   . GLY A 1 11  ? -11.711 -0.476  1.387   1.00 16.84 ? 6   GLY A C   1 
ATOM   78  O  O   . GLY A 1 11  ? -10.984 0.331   1.980   1.00 19.22 ? 6   GLY A O   1 
ATOM   79  N  N   . ALA A 1 12  ? -12.479 -0.167  0.366   1.00 12.56 ? 7   ALA A N   1 
ATOM   80  C  CA  . ALA A 1 12  ? -12.751 1.050   -0.264  1.00 8.70  ? 7   ALA A CA  1 
ATOM   81  C  C   . ALA A 1 12  ? -12.809 2.156   0.783   1.00 11.82 ? 7   ALA A C   1 
ATOM   82  O  O   . ALA A 1 12  ? -12.179 3.196   0.532   1.00 14.77 ? 7   ALA A O   1 
ATOM   83  C  CB  . ALA A 1 12  ? -14.185 1.092   -0.847  1.00 13.03 ? 7   ALA A CB  1 
ATOM   84  N  N   . THR A 1 13  ? -13.581 1.830   1.789   1.00 11.07 ? 8   THR A N   1 
ATOM   85  C  CA  . THR A 1 13  ? -13.782 2.752   2.904   1.00 11.36 ? 8   THR A CA  1 
ATOM   86  C  C   . THR A 1 13  ? -12.580 2.913   3.816   1.00 11.87 ? 8   THR A C   1 
ATOM   87  O  O   . THR A 1 13  ? -12.204 4.055   4.238   1.00 11.21 ? 8   THR A O   1 
ATOM   88  C  CB  . THR A 1 13  ? -15.092 2.446   3.702   1.00 11.38 ? 8   THR A CB  1 
ATOM   89  O  OG1 . THR A 1 13  ? -14.766 1.357   4.644   1.00 10.43 ? 8   THR A OG1 1 
ATOM   90  C  CG2 . THR A 1 13  ? -16.325 2.209   2.787   1.00 12.86 ? 8   THR A CG2 1 
ATOM   91  N  N   . LEU A 1 14  ? -12.015 1.833   4.282   1.00 12.41 ? 9   LEU A N   1 
ATOM   92  C  CA  . LEU A 1 14  ? -10.830 1.905   5.160   1.00 12.76 ? 9   LEU A CA  1 
ATOM   93  C  C   . LEU A 1 14  ? -9.868  2.907   4.449   1.00 12.70 ? 9   LEU A C   1 
ATOM   94  O  O   . LEU A 1 14  ? -9.474  3.909   5.019   1.00 11.13 ? 9   LEU A O   1 
ATOM   95  C  CB  . LEU A 1 14  ? -10.137 0.547   5.287   1.00 16.31 ? 9   LEU A CB  1 
ATOM   96  C  CG  . LEU A 1 14  ? -9.779  -0.119  6.581   1.00 16.94 ? 9   LEU A CG  1 
ATOM   97  C  CD1 . LEU A 1 14  ? -10.621 0.277   7.814   1.00 18.81 ? 9   LEU A CD1 1 
ATOM   98  C  CD2 . LEU A 1 14  ? -9.863  -1.661  6.423   1.00 14.50 ? 9   LEU A CD2 1 
ATOM   99  N  N   . PHE A 1 15  ? -9.588  2.532   3.199   1.00 11.96 ? 10  PHE A N   1 
ATOM   100 C  CA  . PHE A 1 15  ? -8.616  3.334   2.395   1.00 10.81 ? 10  PHE A CA  1 
ATOM   101 C  C   . PHE A 1 15  ? -8.981  4.808   2.363   1.00 9.66  ? 10  PHE A C   1 
ATOM   102 O  O   . PHE A 1 15  ? -8.033  5.542   2.502   1.00 8.40  ? 10  PHE A O   1 
ATOM   103 C  CB  . PHE A 1 15  ? -8.240  2.749   1.068   1.00 12.03 ? 10  PHE A CB  1 
ATOM   104 C  CG  . PHE A 1 15  ? -7.389  3.558   0.110   1.00 5.66  ? 10  PHE A CG  1 
ATOM   105 C  CD1 . PHE A 1 15  ? -8.000  4.682   -0.506  1.00 4.00  ? 10  PHE A CD1 1 
ATOM   106 C  CD2 . PHE A 1 15  ? -6.068  3.186   -0.119  1.00 7.09  ? 10  PHE A CD2 1 
ATOM   107 C  CE1 . PHE A 1 15  ? -7.269  5.389   -1.429  1.00 5.85  ? 10  PHE A CE1 1 
ATOM   108 C  CE2 . PHE A 1 15  ? -5.267  3.936   -1.015  1.00 6.74  ? 10  PHE A CE2 1 
ATOM   109 C  CZ  . PHE A 1 15  ? -5.926  4.989   -1.699  1.00 9.11  ? 10  PHE A CZ  1 
ATOM   110 N  N   . LYS A 1 16  ? -10.233 5.135   2.212   1.00 9.65  ? 11  LYS A N   1 
ATOM   111 C  CA  . LYS A 1 16  ? -10.565 6.578   2.230   1.00 10.25 ? 11  LYS A CA  1 
ATOM   112 C  C   . LYS A 1 16  ? -10.132 7.093   3.582   1.00 12.18 ? 11  LYS A C   1 
ATOM   113 O  O   . LYS A 1 16  ? -9.171  7.826   3.659   1.00 15.04 ? 11  LYS A O   1 
ATOM   114 C  CB  . LYS A 1 16  ? -11.977 6.878   1.876   1.00 10.74 ? 11  LYS A CB  1 
ATOM   115 C  CG  . LYS A 1 16  ? -12.494 5.999   0.717   1.00 20.35 ? 11  LYS A CG  1 
ATOM   116 C  CD  . LYS A 1 16  ? -11.705 6.127   -0.600  1.00 23.30 ? 11  LYS A CD  1 
ATOM   117 C  CE  . LYS A 1 16  ? -12.139 4.971   -1.543  1.00 28.81 ? 11  LYS A CE  1 
ATOM   118 N  NZ  . LYS A 1 16  ? -11.022 4.612   -2.493  1.00 30.11 ? 11  LYS A NZ  1 
ATOM   119 N  N   . THR A 1 17  ? -10.738 6.693   4.658   1.00 14.15 ? 12  THR A N   1 
ATOM   120 C  CA  . THR A 1 17  ? -10.405 7.067   6.018   1.00 16.83 ? 12  THR A CA  1 
ATOM   121 C  C   . THR A 1 17  ? -8.974  6.785   6.404   1.00 16.50 ? 12  THR A C   1 
ATOM   122 O  O   . THR A 1 17  ? -8.557  7.295   7.475   1.00 18.61 ? 12  THR A O   1 
ATOM   123 C  CB  . THR A 1 17  ? -11.320 6.232   7.036   1.00 19.45 ? 12  THR A CB  1 
ATOM   124 O  OG1 . THR A 1 17  ? -10.528 5.003   7.244   1.00 25.12 ? 12  THR A OG1 1 
ATOM   125 C  CG2 . THR A 1 17  ? -12.723 5.951   6.523   1.00 19.36 ? 12  THR A CG2 1 
ATOM   126 N  N   . ARG A 1 18  ? -8.199  5.976   5.682   1.00 15.65 ? 13  ARG A N   1 
ATOM   127 C  CA  . ARG A 1 18  ? -6.821  5.770   6.187   1.00 15.07 ? 13  ARG A CA  1 
ATOM   128 C  C   . ARG A 1 18  ? -5.669  6.051   5.241   1.00 12.34 ? 13  ARG A C   1 
ATOM   129 O  O   . ARG A 1 18  ? -4.529  6.256   5.749   1.00 7.54  ? 13  ARG A O   1 
ATOM   130 C  CB  . ARG A 1 18  ? -6.758  4.462   6.951   1.00 20.03 ? 13  ARG A CB  1 
ATOM   131 C  CG  . ARG A 1 18  ? -7.772  4.370   8.120   1.00 26.65 ? 13  ARG A CG  1 
ATOM   132 C  CD  . ARG A 1 18  ? -7.053  4.307   9.441   1.00 29.96 ? 13  ARG A CD  1 
ATOM   133 N  NE  . ARG A 1 18  ? -6.242  3.134   9.590   1.00 34.52 ? 13  ARG A NE  1 
ATOM   134 C  CZ  . ARG A 1 18  ? -5.432  2.653   10.516  1.00 37.69 ? 13  ARG A CZ  1 
ATOM   135 N  NH1 . ARG A 1 18  ? -4.800  1.463   10.346  1.00 37.49 ? 13  ARG A NH1 1 
ATOM   136 N  NH2 . ARG A 1 18  ? -5.136  3.302   11.658  1.00 38.62 ? 13  ARG A NH2 1 
ATOM   137 N  N   . CYS A 1 19  ? -5.815  6.114   3.911   1.00 9.58  ? 14  CYS A N   1 
ATOM   138 C  CA  . CYS A 1 19  ? -4.689  6.323   3.018   1.00 8.88  ? 14  CYS A CA  1 
ATOM   139 C  C   . CYS A 1 19  ? -4.996  7.237   1.850   1.00 8.49  ? 14  CYS A C   1 
ATOM   140 O  O   . CYS A 1 19  ? -4.116  7.401   0.998   1.00 11.28 ? 14  CYS A O   1 
ATOM   141 C  CB  . CYS A 1 19  ? -4.148  5.026   2.370   1.00 10.81 ? 14  CYS A CB  1 
ATOM   142 S  SG  . CYS A 1 19  ? -4.765  3.411   3.079   1.00 8.69  ? 14  CYS A SG  1 
ATOM   143 N  N   . LEU A 1 20  ? -6.189  7.738   1.739   1.00 7.83  ? 15  LEU A N   1 
ATOM   144 C  CA  . LEU A 1 20  ? -6.580  8.620   0.601   1.00 4.93  ? 15  LEU A CA  1 
ATOM   145 C  C   . LEU A 1 20  ? -5.771  9.957   0.813   1.00 7.58  ? 15  LEU A C   1 
ATOM   146 O  O   . LEU A 1 20  ? -5.400  10.759  -0.050  1.00 4.00  ? 15  LEU A O   1 
ATOM   147 C  CB  . LEU A 1 20  ? -8.067  8.859   0.856   1.00 4.00  ? 15  LEU A CB  1 
ATOM   148 C  CG  . LEU A 1 20  ? -8.838  10.025  0.434   1.00 4.00  ? 15  LEU A CG  1 
ATOM   149 C  CD1 . LEU A 1 20  ? -9.156  9.917   -1.019  1.00 4.00  ? 15  LEU A CD1 1 
ATOM   150 C  CD2 . LEU A 1 20  ? -10.047 10.274  1.343   1.00 4.00  ? 15  LEU A CD2 1 
ATOM   151 N  N   . GLN A 1 21  ? -5.741  10.096  2.138   1.00 10.90 ? 16  GLN A N   1 
ATOM   152 C  CA  . GLN A 1 21  ? -5.105  11.123  2.892   1.00 12.74 ? 16  GLN A CA  1 
ATOM   153 C  C   . GLN A 1 21  ? -3.784  11.436  2.154   1.00 13.83 ? 16  GLN A C   1 
ATOM   154 O  O   . GLN A 1 21  ? -3.541  12.670  1.910   1.00 15.11 ? 16  GLN A O   1 
ATOM   155 C  CB  . GLN A 1 21  ? -4.859  10.792  4.363   1.00 15.59 ? 16  GLN A CB  1 
ATOM   156 C  CG  . GLN A 1 21  ? -4.897  12.094  5.191   1.00 22.00 ? 16  GLN A CG  1 
ATOM   157 C  CD  . GLN A 1 21  ? -4.032  12.137  6.415   1.00 24.10 ? 16  GLN A CD  1 
ATOM   158 O  OE1 . GLN A 1 21  ? -4.156  11.318  7.313   1.00 23.48 ? 16  GLN A OE1 1 
ATOM   159 N  NE2 . GLN A 1 21  ? -3.100  13.103  6.463   1.00 26.40 ? 16  GLN A NE2 1 
ATOM   160 N  N   . CYS A 1 22  ? -3.057  10.389  1.769   1.00 8.90  ? 17  CYS A N   1 
ATOM   161 C  CA  . CYS A 1 22  ? -1.801  10.739  1.113   1.00 10.78 ? 17  CYS A CA  1 
ATOM   162 C  C   . CYS A 1 22  ? -1.663  9.999   -0.209  1.00 9.05  ? 17  CYS A C   1 
ATOM   163 O  O   . CYS A 1 22  ? -0.510  10.044  -0.715  1.00 11.17 ? 17  CYS A O   1 
ATOM   164 C  CB  . CYS A 1 22  ? -0.584  10.447  2.024   1.00 6.92  ? 17  CYS A CB  1 
ATOM   165 S  SG  . CYS A 1 22  ? -0.705  10.908  3.730   1.00 4.00  ? 17  CYS A SG  1 
ATOM   166 N  N   . HIS A 1 23  ? -2.710  9.366   -0.677  1.00 10.53 ? 18  HIS A N   1 
ATOM   167 C  CA  . HIS A 1 23  ? -2.478  8.538   -1.959  1.00 4.76  ? 18  HIS A CA  1 
ATOM   168 C  C   . HIS A 1 23  ? -3.801  8.386   -2.682  1.00 4.04  ? 18  HIS A C   1 
ATOM   169 O  O   . HIS A 1 23  ? -4.793  8.405   -1.956  1.00 4.00  ? 18  HIS A O   1 
ATOM   170 C  CB  . HIS A 1 23  ? -2.157  7.078   -1.627  1.00 4.00  ? 18  HIS A CB  1 
ATOM   171 C  CG  . HIS A 1 23  ? -0.961  6.603   -0.955  1.00 4.00  ? 18  HIS A CG  1 
ATOM   172 N  ND1 . HIS A 1 23  ? 0.114   6.099   -1.673  1.00 4.00  ? 18  HIS A ND1 1 
ATOM   173 C  CD2 . HIS A 1 23  ? -0.675  6.425   0.355   1.00 4.00  ? 18  HIS A CD2 1 
ATOM   174 C  CE1 . HIS A 1 23  ? 1.071   5.736   -0.760  1.00 4.00  ? 18  HIS A CE1 1 
ATOM   175 N  NE2 . HIS A 1 23  ? 0.609   5.920   0.446   1.00 4.00  ? 18  HIS A NE2 1 
ATOM   176 N  N   . THR A 1 24  ? -3.714  8.214   -3.946  1.00 4.25  ? 19  THR A N   1 
ATOM   177 C  CA  . THR A 1 24  ? -4.594  7.963   -5.008  1.00 4.00  ? 19  THR A CA  1 
ATOM   178 C  C   . THR A 1 24  ? -4.148  6.604   -5.614  1.00 4.00  ? 19  THR A C   1 
ATOM   179 O  O   . THR A 1 24  ? -2.990  6.266   -5.718  1.00 4.00  ? 19  THR A O   1 
ATOM   180 C  CB  . THR A 1 24  ? -4.521  9.019   -6.238  1.00 4.00  ? 19  THR A CB  1 
ATOM   181 O  OG1 . THR A 1 24  ? -3.232  8.806   -6.899  1.00 7.53  ? 19  THR A OG1 1 
ATOM   182 C  CG2 . THR A 1 24  ? -4.662  10.409  -5.605  1.00 4.17  ? 19  THR A CG2 1 
ATOM   183 N  N   . VAL A 1 25  ? -5.230  5.940   -6.076  1.00 6.44  ? 20  VAL A N   1 
ATOM   184 C  CA  . VAL A 1 25  ? -5.292  4.638   -6.688  1.00 4.00  ? 20  VAL A CA  1 
ATOM   185 C  C   . VAL A 1 25  ? -5.533  4.478   -8.164  1.00 4.00  ? 20  VAL A C   1 
ATOM   186 O  O   . VAL A 1 25  ? -5.054  3.463   -8.821  1.00 5.98  ? 20  VAL A O   1 
ATOM   187 C  CB  . VAL A 1 25  ? -6.373  3.853   -5.849  1.00 4.00  ? 20  VAL A CB  1 
ATOM   188 C  CG1 . VAL A 1 25  ? -6.019  3.643   -4.445  1.00 4.00  ? 20  VAL A CG1 1 
ATOM   189 C  CG2 . VAL A 1 25  ? -7.742  4.536   -6.079  1.00 4.00  ? 20  VAL A CG2 1 
ATOM   190 N  N   . GLU A 1 26  ? -6.253  5.322   -8.775  1.00 4.00  ? 21  GLU A N   1 
ATOM   191 C  CA  . GLU A 1 26  ? -6.606  5.176   -10.198 1.00 7.95  ? 21  GLU A CA  1 
ATOM   192 C  C   . GLU A 1 26  ? -5.429  5.458   -11.115 1.00 8.67  ? 21  GLU A C   1 
ATOM   193 O  O   . GLU A 1 26  ? -4.606  6.322   -10.733 1.00 9.47  ? 21  GLU A O   1 
ATOM   194 C  CB  . GLU A 1 26  ? -7.706  6.150   -10.641 1.00 12.97 ? 21  GLU A CB  1 
ATOM   195 C  CG  . GLU A 1 26  ? -7.534  7.568   -10.061 1.00 22.44 ? 21  GLU A CG  1 
ATOM   196 C  CD  . GLU A 1 26  ? -7.585  7.662   -8.531  1.00 28.13 ? 21  GLU A CD  1 
ATOM   197 O  OE1 . GLU A 1 26  ? -8.069  6.696   -7.906  1.00 28.50 ? 21  GLU A OE1 1 
ATOM   198 O  OE2 . GLU A 1 26  ? -7.078  8.755   -8.073  1.00 28.10 ? 21  GLU A OE2 1 
ATOM   199 N  N   . LYS A 1 27  ? -5.510  4.837   -12.271 1.00 10.04 ? 22  LYS A N   1 
ATOM   200 C  CA  . LYS A 1 27  ? -4.473  5.033   -13.308 1.00 13.67 ? 22  LYS A CA  1 
ATOM   201 C  C   . LYS A 1 27  ? -4.565  6.485   -13.754 1.00 15.78 ? 22  LYS A C   1 
ATOM   202 O  O   . LYS A 1 27  ? -5.664  6.946   -14.104 1.00 14.44 ? 22  LYS A O   1 
ATOM   203 C  CB  . LYS A 1 27  ? -4.461  3.985   -14.361 1.00 14.48 ? 22  LYS A CB  1 
ATOM   204 C  CG  . LYS A 1 27  ? -4.906  4.233   -15.756 1.00 18.29 ? 22  LYS A CG  1 
ATOM   205 C  CD  . LYS A 1 27  ? -4.164  5.248   -16.570 1.00 20.30 ? 22  LYS A CD  1 
ATOM   206 C  CE  . LYS A 1 27  ? -3.406  4.622   -17.746 1.00 20.65 ? 22  LYS A CE  1 
ATOM   207 N  NZ  . LYS A 1 27  ? -2.026  4.232   -17.300 1.00 23.20 ? 22  LYS A NZ  1 
ATOM   208 N  N   . GLY A 1 28  ? -3.437  7.244   -13.729 1.00 16.01 ? 23  GLY A N   1 
ATOM   209 C  CA  . GLY A 1 28  ? -3.588  8.642   -14.199 1.00 16.97 ? 23  GLY A CA  1 
ATOM   210 C  C   . GLY A 1 28  ? -4.002  9.561   -13.084 1.00 18.22 ? 23  GLY A C   1 
ATOM   211 O  O   . GLY A 1 28  ? -4.448  10.681  -13.328 1.00 21.29 ? 23  GLY A O   1 
ATOM   212 N  N   . GLY A 1 29  ? -3.936  9.109   -11.859 1.00 19.52 ? 24  GLY A N   1 
ATOM   213 C  CA  . GLY A 1 29  ? -4.237  9.972   -10.642 1.00 17.53 ? 24  GLY A CA  1 
ATOM   214 C  C   . GLY A 1 29  ? -2.763  10.415  -10.273 1.00 15.73 ? 24  GLY A C   1 
ATOM   215 O  O   . GLY A 1 29  ? -1.785  9.746   -10.676 1.00 17.16 ? 24  GLY A O   1 
ATOM   216 N  N   . PRO A 1 30  ? -2.683  11.510  -9.564  1.00 14.41 ? 25  PRO A N   1 
ATOM   217 C  CA  . PRO A 1 30  ? -1.368  12.086  -9.218  1.00 11.51 ? 25  PRO A CA  1 
ATOM   218 C  C   . PRO A 1 30  ? -0.752  11.643  -7.929  1.00 8.97  ? 25  PRO A C   1 
ATOM   219 O  O   . PRO A 1 30  ? -1.419  11.148  -6.996  1.00 6.05  ? 25  PRO A O   1 
ATOM   220 C  CB  . PRO A 1 30  ? -1.808  13.577  -8.986  1.00 10.31 ? 25  PRO A CB  1 
ATOM   221 C  CG  . PRO A 1 30  ? -3.068  13.379  -8.183  1.00 11.30 ? 25  PRO A CG  1 
ATOM   222 C  CD  . PRO A 1 30  ? -3.807  12.378  -9.130  1.00 13.82 ? 25  PRO A CD  1 
ATOM   223 N  N   . HIS A 1 31  ? 0.588   11.893  -7.879  1.00 8.30  ? 26  HIS A N   1 
ATOM   224 C  CA  . HIS A 1 31  ? 1.163   11.583  -6.511  1.00 7.69  ? 26  HIS A CA  1 
ATOM   225 C  C   . HIS A 1 31  ? 0.714   12.802  -5.657  1.00 8.86  ? 26  HIS A C   1 
ATOM   226 O  O   . HIS A 1 31  ? 0.356   13.891  -6.195  1.00 8.42  ? 26  HIS A O   1 
ATOM   227 C  CB  . HIS A 1 31  ? 2.678   11.484  -6.515  1.00 12.96 ? 26  HIS A CB  1 
ATOM   228 C  CG  . HIS A 1 31  ? 3.082   10.554  -7.638  1.00 14.01 ? 26  HIS A CG  1 
ATOM   229 N  ND1 . HIS A 1 31  ? 2.932   9.192   -7.581  1.00 11.38 ? 26  HIS A ND1 1 
ATOM   230 C  CD2 . HIS A 1 31  ? 3.632   10.889  -8.842  1.00 16.56 ? 26  HIS A CD2 1 
ATOM   231 C  CE1 . HIS A 1 31  ? 3.411   8.724   -8.711  1.00 10.89 ? 26  HIS A CE1 1 
ATOM   232 N  NE2 . HIS A 1 31  ? 3.860   9.666   -9.480  1.00 12.51 ? 26  HIS A NE2 1 
ATOM   233 N  N   . LYS A 1 32  ? 0.599   12.558  -4.387  1.00 8.55  ? 27  LYS A N   1 
ATOM   234 C  CA  . LYS A 1 32  ? 0.215   13.455  -3.300  1.00 7.67  ? 27  LYS A CA  1 
ATOM   235 C  C   . LYS A 1 32  ? 1.318   13.210  -2.259  1.00 8.60  ? 27  LYS A C   1 
ATOM   236 O  O   . LYS A 1 32  ? 2.500   12.926  -2.749  1.00 12.53 ? 27  LYS A O   1 
ATOM   237 C  CB  . LYS A 1 32  ? -1.151  13.116  -2.801  1.00 9.53  ? 27  LYS A CB  1 
ATOM   238 C  CG  . LYS A 1 32  ? -2.261  13.109  -3.906  1.00 9.10  ? 27  LYS A CG  1 
ATOM   239 C  CD  . LYS A 1 32  ? -3.605  13.526  -3.229  1.00 9.00  ? 27  LYS A CD  1 
ATOM   240 C  CE  . LYS A 1 32  ? -3.983  12.757  -1.956  1.00 13.25 ? 27  LYS A CE  1 
ATOM   241 N  NZ  . LYS A 1 32  ? -5.457  12.391  -2.045  1.00 10.78 ? 27  LYS A NZ  1 
ATOM   242 N  N   . VAL A 1 33  ? 1.018   13.182  -1.002  1.00 4.99  ? 28  VAL A N   1 
ATOM   243 C  CA  . VAL A 1 33  ? 2.062   12.918  -0.003  1.00 4.00  ? 28  VAL A CA  1 
ATOM   244 C  C   . VAL A 1 33  ? 2.836   11.680  -0.334  1.00 4.42  ? 28  VAL A C   1 
ATOM   245 O  O   . VAL A 1 33  ? 4.073   11.614  -0.612  1.00 4.00  ? 28  VAL A O   1 
ATOM   246 C  CB  . VAL A 1 33  ? 1.379   13.120  1.358   1.00 4.00  ? 28  VAL A CB  1 
ATOM   247 C  CG1 . VAL A 1 33  ? 2.121   12.307  2.421   1.00 6.24  ? 28  VAL A CG1 1 
ATOM   248 C  CG2 . VAL A 1 33  ? 1.172   14.577  1.625   1.00 4.00  ? 28  VAL A CG2 1 
ATOM   249 N  N   . GLY A 1 34  ? 1.966   10.562  -0.472  1.00 5.20  ? 29  GLY A N   1 
ATOM   250 C  CA  . GLY A 1 34  ? 2.587   9.313   -0.898  1.00 4.00  ? 29  GLY A CA  1 
ATOM   251 C  C   . GLY A 1 34  ? 2.300   9.199   -2.410  1.00 4.00  ? 29  GLY A C   1 
ATOM   252 O  O   . GLY A 1 34  ? 1.453   9.831   -3.007  1.00 4.00  ? 29  GLY A O   1 
ATOM   253 N  N   . PRO A 1 35  ? 3.034   8.267   -2.985  1.00 4.41  ? 30  PRO A N   1 
ATOM   254 C  CA  . PRO A 1 35  ? 2.963   7.959   -4.405  1.00 4.26  ? 30  PRO A CA  1 
ATOM   255 C  C   . PRO A 1 35  ? 1.604   7.512   -4.911  1.00 5.59  ? 30  PRO A C   1 
ATOM   256 O  O   . PRO A 1 35  ? 0.837   7.045   -4.012  1.00 5.29  ? 30  PRO A O   1 
ATOM   257 C  CB  . PRO A 1 35  ? 3.929   6.773   -4.492  1.00 4.00  ? 30  PRO A CB  1 
ATOM   258 C  CG  . PRO A 1 35  ? 4.649   6.539   -3.229  1.00 4.00  ? 30  PRO A CG  1 
ATOM   259 C  CD  . PRO A 1 35  ? 3.990   7.425   -2.168  1.00 4.00  ? 30  PRO A CD  1 
ATOM   260 N  N   . ASN A 1 36  ? 1.356   7.490   -6.225  1.00 7.29  ? 31  ASN A N   1 
ATOM   261 C  CA  . ASN A 1 36  ? 0.060   6.948   -6.773  1.00 5.21  ? 31  ASN A CA  1 
ATOM   262 C  C   . ASN A 1 36  ? 0.182   5.396   -6.769  1.00 6.51  ? 31  ASN A C   1 
ATOM   263 O  O   . ASN A 1 36  ? 1.221   4.693   -6.960  1.00 5.97  ? 31  ASN A O   1 
ATOM   264 C  CB  . ASN A 1 36  ? -0.559  7.520   -7.971  1.00 4.00  ? 31  ASN A CB  1 
ATOM   265 C  CG  . ASN A 1 36  ? -1.583  6.820   -8.849  1.00 4.00  ? 31  ASN A CG  1 
ATOM   266 O  OD1 . ASN A 1 36  ? -1.246  6.023   -9.778  1.00 4.00  ? 31  ASN A OD1 1 
ATOM   267 N  ND2 . ASN A 1 36  ? -2.844  7.163   -8.559  1.00 4.00  ? 31  ASN A ND2 1 
ATOM   268 N  N   . LEU A 1 37  ? -1.021  4.810   -6.478  1.00 5.38  ? 32  LEU A N   1 
ATOM   269 C  CA  . LEU A 1 37  ? -0.928  3.293   -6.375  1.00 6.12  ? 32  LEU A CA  1 
ATOM   270 C  C   . LEU A 1 37  ? -1.144  2.475   -7.583  1.00 8.74  ? 32  LEU A C   1 
ATOM   271 O  O   . LEU A 1 37  ? -0.728  1.224   -7.598  1.00 11.06 ? 32  LEU A O   1 
ATOM   272 C  CB  . LEU A 1 37  ? -1.635  2.883   -5.080  1.00 4.00  ? 32  LEU A CB  1 
ATOM   273 C  CG  . LEU A 1 37  ? -1.038  3.505   -3.786  1.00 4.00  ? 32  LEU A CG  1 
ATOM   274 C  CD1 . LEU A 1 37  ? -1.962  3.330   -2.590  1.00 4.00  ? 32  LEU A CD1 1 
ATOM   275 C  CD2 . LEU A 1 37  ? 0.331   2.933   -3.533  1.00 5.62  ? 32  LEU A CD2 1 
ATOM   276 N  N   . HIS A 1 38  ? -1.723  3.005   -8.639  1.00 9.57  ? 33  HIS A N   1 
ATOM   277 C  CA  . HIS A 1 38  ? -1.970  2.205   -9.859  1.00 10.65 ? 33  HIS A CA  1 
ATOM   278 C  C   . HIS A 1 38  ? -0.769  1.378   -10.295 1.00 14.43 ? 33  HIS A C   1 
ATOM   279 O  O   . HIS A 1 38  ? 0.400   1.819   -10.340 1.00 16.20 ? 33  HIS A O   1 
ATOM   280 C  CB  . HIS A 1 38  ? -2.502  2.969   -11.023 1.00 13.13 ? 33  HIS A CB  1 
ATOM   281 C  CG  . HIS A 1 38  ? -3.578  2.276   -11.781 1.00 14.36 ? 33  HIS A CG  1 
ATOM   282 N  ND1 . HIS A 1 38  ? -4.918  2.411   -11.380 1.00 16.74 ? 33  HIS A ND1 1 
ATOM   283 C  CD2 . HIS A 1 38  ? -3.554  1.493   -12.874 1.00 15.20 ? 33  HIS A CD2 1 
ATOM   284 C  CE1 . HIS A 1 38  ? -5.687  1.732   -12.242 1.00 12.50 ? 33  HIS A CE1 1 
ATOM   285 N  NE2 . HIS A 1 38  ? -4.879  1.179   -13.135 1.00 14.68 ? 33  HIS A NE2 1 
ATOM   286 N  N   . GLY A 1 39  ? -1.108  0.140   -10.562 1.00 15.64 ? 34  GLY A N   1 
ATOM   287 C  CA  . GLY A 1 39  ? -0.326  -1.007  -10.930 1.00 11.86 ? 34  GLY A CA  1 
ATOM   288 C  C   . GLY A 1 39  ? 0.686   -1.347  -9.836  1.00 10.12 ? 34  GLY A C   1 
ATOM   289 O  O   . GLY A 1 39  ? 1.801   -1.770  -10.252 1.00 11.14 ? 34  GLY A O   1 
ATOM   290 N  N   . ILE A 1 40  ? 0.315   -1.216  -8.595  1.00 5.84  ? 35  ILE A N   1 
ATOM   291 C  CA  . ILE A 1 40  ? 1.264   -1.546  -7.512  1.00 9.64  ? 35  ILE A CA  1 
ATOM   292 C  C   . ILE A 1 40  ? 1.759   -2.965  -7.440  1.00 12.91 ? 35  ILE A C   1 
ATOM   293 O  O   . ILE A 1 40  ? 2.966   -3.392  -7.335  1.00 12.72 ? 35  ILE A O   1 
ATOM   294 C  CB  . ILE A 1 40  ? 0.639   -1.001  -6.187  1.00 10.05 ? 35  ILE A CB  1 
ATOM   295 C  CG1 . ILE A 1 40  ? 1.517   -1.237  -4.916  1.00 13.58 ? 35  ILE A CG1 1 
ATOM   296 C  CG2 . ILE A 1 40  ? -0.779  -1.546  -5.817  1.00 14.33 ? 35  ILE A CG2 1 
ATOM   297 C  CD1 . ILE A 1 40  ? 2.461   -0.016  -4.624  1.00 10.76 ? 35  ILE A CD1 1 
ATOM   298 N  N   . PHE A 1 41  ? 0.779   -3.901  -7.435  1.00 15.05 ? 36  PHE A N   1 
ATOM   299 C  CA  . PHE A 1 41  ? 1.185   -5.315  -7.223  1.00 16.20 ? 36  PHE A CA  1 
ATOM   300 C  C   . PHE A 1 41  ? 1.991   -5.890  -8.361  1.00 16.03 ? 36  PHE A C   1 
ATOM   301 O  O   . PHE A 1 41  ? 1.708   -5.622  -9.518  1.00 15.76 ? 36  PHE A O   1 
ATOM   302 C  CB  . PHE A 1 41  ? 0.232   -6.199  -6.499  1.00 16.71 ? 36  PHE A CB  1 
ATOM   303 C  CG  . PHE A 1 41  ? -0.608  -5.737  -5.366  1.00 14.63 ? 36  PHE A CG  1 
ATOM   304 C  CD1 . PHE A 1 41  ? -0.188  -5.976  -4.037  1.00 14.67 ? 36  PHE A CD1 1 
ATOM   305 C  CD2 . PHE A 1 41  ? -1.885  -5.215  -5.615  1.00 12.23 ? 36  PHE A CD2 1 
ATOM   306 C  CE1 . PHE A 1 41  ? -1.012  -5.645  -2.964  1.00 9.42  ? 36  PHE A CE1 1 
ATOM   307 C  CE2 . PHE A 1 41  ? -2.703  -4.861  -4.555  1.00 10.52 ? 36  PHE A CE2 1 
ATOM   308 C  CZ  . PHE A 1 41  ? -2.258  -5.060  -3.220  1.00 9.63  ? 36  PHE A CZ  1 
ATOM   309 N  N   . GLY A 1 42  ? 3.020   -6.628  -7.876  1.00 16.02 ? 37  GLY A N   1 
ATOM   310 C  CA  . GLY A 1 42  ? 3.895   -7.251  -8.895  1.00 21.49 ? 37  GLY A CA  1 
ATOM   311 C  C   . GLY A 1 42  ? 4.979   -6.158  -9.211  1.00 23.42 ? 37  GLY A C   1 
ATOM   312 O  O   . GLY A 1 42  ? 6.032   -6.503  -9.826  1.00 22.58 ? 37  GLY A O   1 
ATOM   313 N  N   . ARG A 1 43  ? 4.613   -4.980  -8.719  1.00 22.80 ? 38  ARG A N   1 
ATOM   314 C  CA  . ARG A 1 43  ? 5.543   -3.859  -8.869  1.00 25.51 ? 38  ARG A CA  1 
ATOM   315 C  C   . ARG A 1 43  ? 6.480   -3.816  -7.634  1.00 26.25 ? 38  ARG A C   1 
ATOM   316 O  O   . ARG A 1 43  ? 6.079   -4.114  -6.510  1.00 26.49 ? 38  ARG A O   1 
ATOM   317 C  CB  . ARG A 1 43  ? 4.956   -2.470  -9.090  1.00 23.69 ? 38  ARG A CB  1 
ATOM   318 C  CG  . ARG A 1 43  ? 5.526   -1.775  -10.327 1.00 19.32 ? 38  ARG A CG  1 
ATOM   319 C  CD  . ARG A 1 43  ? 4.772   -0.545  -10.648 1.00 19.28 ? 38  ARG A CD  1 
ATOM   320 N  NE  . ARG A 1 43  ? 4.448   0.245   -9.462  1.00 18.50 ? 38  ARG A NE  1 
ATOM   321 C  CZ  . ARG A 1 43  ? 3.539   1.208   -9.440  1.00 20.35 ? 38  ARG A CZ  1 
ATOM   322 N  NH1 . ARG A 1 43  ? 3.261   1.931   -8.368  1.00 21.81 ? 38  ARG A NH1 1 
ATOM   323 N  NH2 . ARG A 1 43  ? 2.892   1.516   -10.559 1.00 23.56 ? 38  ARG A NH2 1 
ATOM   324 N  N   . HIS A 1 44  ? 7.718   -3.476  -7.997  1.00 27.98 ? 39  HIS A N   1 
ATOM   325 C  CA  . HIS A 1 44  ? 8.823   -3.362  -7.025  1.00 26.76 ? 39  HIS A CA  1 
ATOM   326 C  C   . HIS A 1 44  ? 8.773   -1.938  -6.398  1.00 25.62 ? 39  HIS A C   1 
ATOM   327 O  O   . HIS A 1 44  ? 8.359   -0.938  -7.015  1.00 23.81 ? 39  HIS A O   1 
ATOM   328 C  CB  . HIS A 1 44  ? 10.184  -3.687  -7.536  1.00 28.21 ? 39  HIS A CB  1 
ATOM   329 C  CG  . HIS A 1 44  ? 10.535  -5.014  -8.086  1.00 27.96 ? 39  HIS A CG  1 
ATOM   330 N  ND1 . HIS A 1 44  ? 10.510  -5.360  -9.405  1.00 29.84 ? 39  HIS A ND1 1 
ATOM   331 C  CD2 . HIS A 1 44  ? 11.035  -6.116  -7.441  1.00 29.06 ? 39  HIS A CD2 1 
ATOM   332 C  CE1 . HIS A 1 44  ? 10.976  -6.599  -9.584  1.00 28.61 ? 39  HIS A CE1 1 
ATOM   333 N  NE2 . HIS A 1 44  ? 11.288  -7.064  -8.398  1.00 28.70 ? 39  HIS A NE2 1 
ATOM   334 N  N   . SER A 1 45  ? 9.168   -1.935  -5.129  1.00 23.20 ? 40  SER A N   1 
ATOM   335 C  CA  . SER A 1 45  ? 9.199   -0.808  -4.221  1.00 21.30 ? 40  SER A CA  1 
ATOM   336 C  C   . SER A 1 45  ? 9.957   0.413   -4.754  1.00 21.13 ? 40  SER A C   1 
ATOM   337 O  O   . SER A 1 45  ? 11.080  0.437   -5.338  1.00 18.45 ? 40  SER A O   1 
ATOM   338 C  CB  . SER A 1 45  ? 9.641   -1.266  -2.832  1.00 19.30 ? 40  SER A CB  1 
ATOM   339 O  OG  . SER A 1 45  ? 11.003  -1.729  -2.818  1.00 17.54 ? 40  SER A OG  1 
ATOM   340 N  N   . GLY A 1 46  ? 9.299   1.565   -4.511  1.00 19.72 ? 41  GLY A N   1 
ATOM   341 C  CA  . GLY A 1 46  ? 9.814   2.833   -4.944  1.00 19.47 ? 41  GLY A CA  1 
ATOM   342 C  C   . GLY A 1 46  ? 10.135  3.007   -6.432  1.00 19.95 ? 41  GLY A C   1 
ATOM   343 O  O   . GLY A 1 46  ? 11.212  3.601   -6.786  1.00 21.32 ? 41  GLY A O   1 
ATOM   344 N  N   . GLN A 1 47  ? 9.238   2.740   -7.354  1.00 18.37 ? 42  GLN A N   1 
ATOM   345 C  CA  . GLN A 1 47  ? 9.529   2.833   -8.781  1.00 17.71 ? 42  GLN A CA  1 
ATOM   346 C  C   . GLN A 1 47  ? 8.653   3.701   -9.640  1.00 16.44 ? 42  GLN A C   1 
ATOM   347 O  O   . GLN A 1 47  ? 8.799   3.664   -10.911 1.00 17.32 ? 42  GLN A O   1 
ATOM   348 C  CB  . GLN A 1 47  ? 9.489   1.403   -9.357  1.00 24.05 ? 42  GLN A CB  1 
ATOM   349 C  CG  . GLN A 1 47  ? 10.431  0.417   -8.723  1.00 27.66 ? 42  GLN A CG  1 
ATOM   350 C  CD  . GLN A 1 47  ? 11.720  0.225   -9.477  1.00 28.19 ? 42  GLN A CD  1 
ATOM   351 O  OE1 . GLN A 1 47  ? 12.649  -0.400  -8.947  1.00 31.22 ? 42  GLN A OE1 1 
ATOM   352 N  NE2 . GLN A 1 47  ? 11.818  0.736   -10.690 1.00 29.69 ? 42  GLN A NE2 1 
ATOM   353 N  N   . ALA A 1 48  ? 7.738   4.436   -9.090  1.00 14.46 ? 43  ALA A N   1 
ATOM   354 C  CA  . ALA A 1 48  ? 6.864   5.359   -9.828  1.00 12.88 ? 43  ALA A CA  1 
ATOM   355 C  C   . ALA A 1 48  ? 7.793   6.544   -10.198 1.00 14.74 ? 43  ALA A C   1 
ATOM   356 O  O   . ALA A 1 48  ? 8.552   7.053   -9.336  1.00 13.91 ? 43  ALA A O   1 
ATOM   357 C  CB  . ALA A 1 48  ? 5.752   5.842   -8.898  1.00 12.03 ? 43  ALA A CB  1 
ATOM   358 N  N   . GLU A 1 49  ? 7.701   6.925   -11.462 1.00 14.73 ? 44  GLU A N   1 
ATOM   359 C  CA  . GLU A 1 49  ? 8.466   8.039   -11.994 1.00 14.87 ? 44  GLU A CA  1 
ATOM   360 C  C   . GLU A 1 49  ? 7.778   9.345   -11.547 1.00 13.16 ? 44  GLU A C   1 
ATOM   361 O  O   . GLU A 1 49  ? 6.539   9.388   -11.650 1.00 12.87 ? 44  GLU A O   1 
ATOM   362 C  CB  . GLU A 1 49  ? 8.410   8.173   -13.498 1.00 16.71 ? 44  GLU A CB  1 
ATOM   363 C  CG  . GLU A 1 49  ? 7.337   7.577   -14.400 1.00 16.69 ? 44  GLU A CG  1 
ATOM   364 C  CD  . GLU A 1 49  ? 7.762   7.647   -15.841 1.00 19.47 ? 44  GLU A CD  1 
ATOM   365 O  OE1 . GLU A 1 49  ? 8.327   8.700   -16.221 1.00 24.05 ? 44  GLU A OE1 1 
ATOM   366 O  OE2 . GLU A 1 49  ? 7.566   6.684   -16.615 1.00 18.91 ? 44  GLU A OE2 1 
ATOM   367 N  N   . GLY A 1 50  ? 8.647   10.261  -11.128 1.00 12.46 ? 45  GLY A N   1 
ATOM   368 C  CA  . GLY A 1 50  ? 8.214   11.599  -10.707 1.00 9.52  ? 45  GLY A CA  1 
ATOM   369 C  C   . GLY A 1 50  ? 8.011   11.663  -9.206  1.00 10.23 ? 45  GLY A C   1 
ATOM   370 O  O   . GLY A 1 50  ? 7.440   12.730  -8.787  1.00 9.22  ? 45  GLY A O   1 
ATOM   371 N  N   . TYR A 1 51  ? 8.408   10.595  -8.500  1.00 8.62  ? 46  TYR A N   1 
ATOM   372 C  CA  . TYR A 1 51  ? 8.270   10.607  -7.023  1.00 9.20  ? 46  TYR A CA  1 
ATOM   373 C  C   . TYR A 1 51  ? 9.611   10.274  -6.326  1.00 9.75  ? 46  TYR A C   1 
ATOM   374 O  O   . TYR A 1 51  ? 10.431  9.392   -6.730  1.00 10.34 ? 46  TYR A O   1 
ATOM   375 C  CB  . TYR A 1 51  ? 7.078   9.745   -6.553  1.00 6.00  ? 46  TYR A CB  1 
ATOM   376 C  CG  . TYR A 1 51  ? 6.772   9.877   -5.057  1.00 4.00  ? 46  TYR A CG  1 
ATOM   377 C  CD1 . TYR A 1 51  ? 5.690   10.612  -4.570  1.00 4.00  ? 46  TYR A CD1 1 
ATOM   378 C  CD2 . TYR A 1 51  ? 7.631   9.146   -4.199  1.00 4.00  ? 46  TYR A CD2 1 
ATOM   379 C  CE1 . TYR A 1 51  ? 5.500   10.730  -3.202  1.00 4.00  ? 46  TYR A CE1 1 
ATOM   380 C  CE2 . TYR A 1 51  ? 7.407   9.234   -2.813  1.00 4.00  ? 46  TYR A CE2 1 
ATOM   381 C  CZ  . TYR A 1 51  ? 6.349   10.001  -2.357  1.00 4.00  ? 46  TYR A CZ  1 
ATOM   382 O  OH  . TYR A 1 51  ? 6.237   10.054  -1.002  1.00 4.00  ? 46  TYR A OH  1 
ATOM   383 N  N   . SER A 1 52  ? 9.876   11.006  -5.260  1.00 6.72  ? 47  SER A N   1 
ATOM   384 C  CA  . SER A 1 52  ? 11.114  10.891  -4.486  1.00 13.90 ? 47  SER A CA  1 
ATOM   385 C  C   . SER A 1 52  ? 10.845  10.061  -3.238  1.00 14.42 ? 47  SER A C   1 
ATOM   386 O  O   . SER A 1 52  ? 10.254  10.363  -2.199  1.00 11.26 ? 47  SER A O   1 
ATOM   387 C  CB  . SER A 1 52  ? 11.752  12.283  -4.237  1.00 19.08 ? 47  SER A CB  1 
ATOM   388 O  OG  . SER A 1 52  ? 13.006  12.219  -3.515  1.00 22.43 ? 47  SER A OG  1 
ATOM   389 N  N   . TYR A 1 53  ? 11.332  8.832   -3.413  1.00 18.65 ? 48  TYR A N   1 
ATOM   390 C  CA  . TYR A 1 53  ? 11.075  7.859   -2.305  1.00 20.66 ? 48  TYR A CA  1 
ATOM   391 C  C   . TYR A 1 53  ? 12.347  7.791   -1.456  1.00 19.97 ? 48  TYR A C   1 
ATOM   392 O  O   . TYR A 1 53  ? 13.362  7.693   -2.116  1.00 20.49 ? 48  TYR A O   1 
ATOM   393 C  CB  . TYR A 1 53  ? 10.762  6.491   -2.845  1.00 22.83 ? 48  TYR A CB  1 
ATOM   394 C  CG  . TYR A 1 53  ? 9.717   6.044   -3.807  1.00 23.95 ? 48  TYR A CG  1 
ATOM   395 C  CD1 . TYR A 1 53  ? 8.450   5.673   -3.322  1.00 24.49 ? 48  TYR A CD1 1 
ATOM   396 C  CD2 . TYR A 1 53  ? 9.929   5.877   -5.179  1.00 25.36 ? 48  TYR A CD2 1 
ATOM   397 C  CE1 . TYR A 1 53  ? 7.460   5.205   -4.151  1.00 26.41 ? 48  TYR A CE1 1 
ATOM   398 C  CE2 . TYR A 1 53  ? 8.926   5.473   -6.050  1.00 27.08 ? 48  TYR A CE2 1 
ATOM   399 C  CZ  . TYR A 1 53  ? 7.697   5.056   -5.517  1.00 27.24 ? 48  TYR A CZ  1 
ATOM   400 O  OH  . TYR A 1 53  ? 6.692   4.589   -6.331  1.00 23.62 ? 48  TYR A OH  1 
ATOM   401 N  N   . THR A 1 54  ? 12.167  7.749   -0.141  1.00 19.14 ? 49  THR A N   1 
ATOM   402 C  CA  . THR A 1 54  ? 13.193  7.552   0.815   1.00 15.58 ? 49  THR A CA  1 
ATOM   403 C  C   . THR A 1 54  ? 14.143  6.498   0.164   1.00 17.90 ? 49  THR A C   1 
ATOM   404 O  O   . THR A 1 54  ? 13.793  5.772   -0.751  1.00 14.67 ? 49  THR A O   1 
ATOM   405 C  CB  . THR A 1 54  ? 12.927  7.012   2.268   1.00 11.52 ? 49  THR A CB  1 
ATOM   406 O  OG1 . THR A 1 54  ? 12.800  5.591   2.219   1.00 9.83  ? 49  THR A OG1 1 
ATOM   407 C  CG2 . THR A 1 54  ? 11.969  7.822   3.145   1.00 10.90 ? 49  THR A CG2 1 
ATOM   408 N  N   . ASP A 1 55  ? 15.329  6.588   0.734   1.00 21.18 ? 50  ASP A N   1 
ATOM   409 C  CA  . ASP A 1 55  ? 16.409  5.710   0.247   1.00 24.14 ? 50  ASP A CA  1 
ATOM   410 C  C   . ASP A 1 55  ? 16.114  4.342   0.841   1.00 23.31 ? 50  ASP A C   1 
ATOM   411 O  O   . ASP A 1 55  ? 16.477  3.344   0.202   1.00 21.25 ? 50  ASP A O   1 
ATOM   412 C  CB  . ASP A 1 55  ? 17.688  6.434   0.456   1.00 29.45 ? 50  ASP A CB  1 
ATOM   413 C  CG  . ASP A 1 55  ? 18.947  5.618   0.334   1.00 35.18 ? 50  ASP A CG  1 
ATOM   414 O  OD1 . ASP A 1 55  ? 20.049  6.254   0.314   1.00 38.79 ? 50  ASP A OD1 1 
ATOM   415 O  OD2 . ASP A 1 55  ? 18.785  4.377   0.221   1.00 37.91 ? 50  ASP A OD2 1 
ATOM   416 N  N   . ALA A 1 56  ? 15.409  4.385   1.966   1.00 24.30 ? 51  ALA A N   1 
ATOM   417 C  CA  . ALA A 1 56  ? 14.957  3.186   2.710   1.00 26.50 ? 51  ALA A CA  1 
ATOM   418 C  C   . ALA A 1 56  ? 14.037  2.305   1.824   1.00 24.24 ? 51  ALA A C   1 
ATOM   419 O  O   . ALA A 1 56  ? 14.346  1.125   1.667   1.00 23.98 ? 51  ALA A O   1 
ATOM   420 C  CB  . ALA A 1 56  ? 14.091  3.392   3.965   1.00 28.13 ? 51  ALA A CB  1 
ATOM   421 N  N   . ASN A 1 57  ? 12.982  2.974   1.383   1.00 22.26 ? 52  ASN A N   1 
ATOM   422 C  CA  . ASN A 1 57  ? 12.018  2.274   0.512   1.00 22.16 ? 52  ASN A CA  1 
ATOM   423 C  C   . ASN A 1 57  ? 12.788  1.668   -0.671  1.00 22.67 ? 52  ASN A C   1 
ATOM   424 O  O   . ASN A 1 57  ? 12.872  0.438   -0.863  1.00 21.64 ? 52  ASN A O   1 
ATOM   425 C  CB  . ASN A 1 57  ? 10.892  3.217   0.124   1.00 18.85 ? 52  ASN A CB  1 
ATOM   426 C  CG  . ASN A 1 57  ? 9.852   2.559   -0.795  1.00 16.38 ? 52  ASN A CG  1 
ATOM   427 O  OD1 . ASN A 1 57  ? 10.045  2.501   -2.016  1.00 16.59 ? 52  ASN A OD1 1 
ATOM   428 N  ND2 . ASN A 1 57  ? 8.764   2.226   -0.115  1.00 15.87 ? 52  ASN A ND2 1 
ATOM   429 N  N   . ILE A 1 58  ? 13.358  2.598   -1.420  1.00 22.30 ? 53  ILE A N   1 
ATOM   430 C  CA  . ILE A 1 58  ? 14.116  2.230   -2.606  1.00 23.31 ? 53  ILE A CA  1 
ATOM   431 C  C   . ILE A 1 58  ? 14.997  0.994   -2.521  1.00 23.59 ? 53  ILE A C   1 
ATOM   432 O  O   . ILE A 1 58  ? 15.043  0.263   -3.572  1.00 24.37 ? 53  ILE A O   1 
ATOM   433 C  CB  . ILE A 1 58  ? 14.921  3.467   -3.154  1.00 24.65 ? 53  ILE A CB  1 
ATOM   434 C  CG1 . ILE A 1 58  ? 13.929  4.315   -3.999  1.00 24.77 ? 53  ILE A CG1 1 
ATOM   435 C  CG2 . ILE A 1 58  ? 16.177  3.063   -4.016  1.00 24.26 ? 53  ILE A CG2 1 
ATOM   436 C  CD1 . ILE A 1 58  ? 14.344  5.794   -4.204  1.00 23.27 ? 53  ILE A CD1 1 
ATOM   437 N  N   . LYS A 1 59  ? 15.725  0.812   -1.452  1.00 22.67 ? 54  LYS A N   1 
ATOM   438 C  CA  . LYS A 1 59  ? 16.658  -0.316  -1.364  1.00 23.83 ? 54  LYS A CA  1 
ATOM   439 C  C   . LYS A 1 59  ? 16.059  -1.569  -0.769  1.00 24.65 ? 54  LYS A C   1 
ATOM   440 O  O   . LYS A 1 59  ? 16.707  -2.623  -0.672  1.00 22.84 ? 54  LYS A O   1 
ATOM   441 C  CB  . LYS A 1 59  ? 17.982  0.063   -0.719  1.00 23.99 ? 54  LYS A CB  1 
ATOM   442 C  CG  . LYS A 1 59  ? 18.871  0.937   -1.647  1.00 22.91 ? 54  LYS A CG  1 
ATOM   443 C  CD  . LYS A 1 59  ? 20.298  1.148   -1.203  1.00 22.44 ? 54  LYS A CD  1 
ATOM   444 C  CE  . LYS A 1 59  ? 21.227  -0.037  -1.501  1.00 23.77 ? 54  LYS A CE  1 
ATOM   445 N  NZ  . LYS A 1 59  ? 21.683  -0.747  -0.267  1.00 19.91 ? 54  LYS A NZ  1 
ATOM   446 N  N   . LYS A 1 60  ? 14.791  -1.475  -0.425  1.00 28.24 ? 55  LYS A N   1 
ATOM   447 C  CA  . LYS A 1 60  ? 14.026  -2.619  0.155   1.00 29.79 ? 55  LYS A CA  1 
ATOM   448 C  C   . LYS A 1 60  ? 13.711  -3.615  -0.980  1.00 30.94 ? 55  LYS A C   1 
ATOM   449 O  O   . LYS A 1 60  ? 13.551  -4.835  -0.732  1.00 31.17 ? 55  LYS A O   1 
ATOM   450 C  CB  . LYS A 1 60  ? 12.795  -2.110  0.860   1.00 30.13 ? 55  LYS A CB  1 
ATOM   451 C  CG  . LYS A 1 60  ? 12.055  -2.804  1.944   1.00 30.33 ? 55  LYS A CG  1 
ATOM   452 C  CD  . LYS A 1 60  ? 12.839  -3.711  2.878   1.00 31.53 ? 55  LYS A CD  1 
ATOM   453 C  CE  . LYS A 1 60  ? 12.044  -4.957  3.267   1.00 33.68 ? 55  LYS A CE  1 
ATOM   454 N  NZ  . LYS A 1 60  ? 12.442  -5.469  4.616   1.00 33.46 ? 55  LYS A NZ  1 
ATOM   455 N  N   . ASN A 1 61  ? 13.682  -3.174  -2.187  1.00 31.86 ? 56  ASN A N   1 
ATOM   456 C  CA  . ASN A 1 61  ? 13.399  -3.730  -3.478  1.00 34.99 ? 56  ASN A CA  1 
ATOM   457 C  C   . ASN A 1 61  ? 12.259  -4.757  -3.431  1.00 36.15 ? 56  ASN A C   1 
ATOM   458 O  O   . ASN A 1 61  ? 12.115  -5.689  -4.227  1.00 35.68 ? 56  ASN A O   1 
ATOM   459 C  CB  . ASN A 1 61  ? 14.551  -4.080  -4.411  1.00 35.76 ? 56  ASN A CB  1 
ATOM   460 C  CG  . ASN A 1 61  ? 14.170  -4.226  -5.889  1.00 36.47 ? 56  ASN A CG  1 
ATOM   461 O  OD1 . ASN A 1 61  ? 14.788  -4.995  -6.673  1.00 36.58 ? 56  ASN A OD1 1 
ATOM   462 N  ND2 . ASN A 1 61  ? 13.139  -3.500  -6.339  1.00 34.55 ? 56  ASN A ND2 1 
ATOM   463 N  N   . VAL A 1 62  ? 11.397  -4.478  -2.474  1.00 37.92 ? 57  VAL A N   1 
ATOM   464 C  CA  . VAL A 1 62  ? 10.180  -5.223  -2.155  1.00 37.02 ? 57  VAL A CA  1 
ATOM   465 C  C   . VAL A 1 62  ? 9.438   -5.443  -3.484  1.00 38.41 ? 57  VAL A C   1 
ATOM   466 O  O   . VAL A 1 62  ? 9.333   -4.506  -4.284  1.00 39.42 ? 57  VAL A O   1 
ATOM   467 C  CB  . VAL A 1 62  ? 9.283   -4.428  -1.182  1.00 36.08 ? 57  VAL A CB  1 
ATOM   468 C  CG1 . VAL A 1 62  ? 7.768   -4.701  -1.319  1.00 36.64 ? 57  VAL A CG1 1 
ATOM   469 C  CG2 . VAL A 1 62  ? 9.741   -4.521  0.261   1.00 35.01 ? 57  VAL A CG2 1 
ATOM   470 N  N   . LEU A 1 63  ? 8.936   -6.639  -3.521  1.00 39.17 ? 58  LEU A N   1 
ATOM   471 C  CA  . LEU A 1 63  ? 8.092   -7.231  -4.596  1.00 37.62 ? 58  LEU A CA  1 
ATOM   472 C  C   . LEU A 1 63  ? 6.659   -7.265  -3.991  1.00 35.93 ? 58  LEU A C   1 
ATOM   473 O  O   . LEU A 1 63  ? 6.317   -8.055  -3.091  1.00 34.96 ? 58  LEU A O   1 
ATOM   474 C  CB  . LEU A 1 63  ? 8.716   -8.563  -4.878  1.00 39.08 ? 58  LEU A CB  1 
ATOM   475 C  CG  . LEU A 1 63  ? 9.535   -9.003  -6.049  1.00 38.23 ? 58  LEU A CG  1 
ATOM   476 C  CD1 . LEU A 1 63  ? 10.090  -10.415 -5.767  1.00 36.56 ? 58  LEU A CD1 1 
ATOM   477 C  CD2 . LEU A 1 63  ? 8.615   -9.083  -7.281  1.00 40.63 ? 58  LEU A CD2 1 
ATOM   478 N  N   . TRP A 1 64  ? 5.854   -6.341  -4.481  1.00 35.02 ? 59  TRP A N   1 
ATOM   479 C  CA  . TRP A 1 64  ? 4.482   -6.084  -4.087  1.00 33.02 ? 59  TRP A CA  1 
ATOM   480 C  C   . TRP A 1 64  ? 3.463   -7.134  -4.550  1.00 30.43 ? 59  TRP A C   1 
ATOM   481 O  O   . TRP A 1 64  ? 2.949   -7.173  -5.664  1.00 28.89 ? 59  TRP A O   1 
ATOM   482 C  CB  . TRP A 1 64  ? 4.025   -4.649  -4.439  1.00 32.86 ? 59  TRP A CB  1 
ATOM   483 C  CG  . TRP A 1 64  ? 4.694   -3.536  -3.693  1.00 32.84 ? 59  TRP A CG  1 
ATOM   484 C  CD1 . TRP A 1 64  ? 5.313   -2.420  -4.209  1.00 30.60 ? 59  TRP A CD1 1 
ATOM   485 C  CD2 . TRP A 1 64  ? 4.862   -3.454  -2.259  1.00 31.40 ? 59  TRP A CD2 1 
ATOM   486 N  NE1 . TRP A 1 64  ? 5.834   -1.655  -3.184  1.00 30.34 ? 59  TRP A NE1 1 
ATOM   487 C  CE2 . TRP A 1 64  ? 5.555   -2.250  -1.988  1.00 29.52 ? 59  TRP A CE2 1 
ATOM   488 C  CE3 . TRP A 1 64  ? 4.455   -4.280  -1.214  1.00 30.87 ? 59  TRP A CE3 1 
ATOM   489 C  CZ2 . TRP A 1 64  ? 5.840   -1.854  -0.697  1.00 28.82 ? 59  TRP A CZ2 1 
ATOM   490 C  CZ3 . TRP A 1 64  ? 4.756   -3.883  0.089   1.00 30.05 ? 59  TRP A CZ3 1 
ATOM   491 C  CH2 . TRP A 1 64  ? 5.424   -2.677  0.337   1.00 30.11 ? 59  TRP A CH2 1 
ATOM   492 N  N   . ASP A 1 65  ? 3.098   -7.932  -3.556  1.00 28.81 ? 60  ASP A N   1 
ATOM   493 C  CA  . ASP A 1 65  ? 2.136   -9.037  -3.638  1.00 25.78 ? 60  ASP A CA  1 
ATOM   494 C  C   . ASP A 1 65  ? 1.262   -8.962  -2.385  1.00 24.23 ? 60  ASP A C   1 
ATOM   495 O  O   . ASP A 1 65  ? 1.891   -8.738  -1.367  1.00 24.40 ? 60  ASP A O   1 
ATOM   496 C  CB  . ASP A 1 65  ? 2.810   -10.419 -3.717  1.00 24.24 ? 60  ASP A CB  1 
ATOM   497 C  CG  . ASP A 1 65  ? 3.592   -10.859 -2.508  1.00 21.65 ? 60  ASP A CG  1 
ATOM   498 O  OD1 . ASP A 1 65  ? 3.157   -10.642 -1.370  1.00 19.94 ? 60  ASP A OD1 1 
ATOM   499 O  OD2 . ASP A 1 65  ? 4.669   -11.489 -2.742  1.00 19.13 ? 60  ASP A OD2 1 
ATOM   500 N  N   . GLU A 1 66  ? -0.017  -9.139  -2.537  1.00 20.97 ? 61  GLU A N   1 
ATOM   501 C  CA  . GLU A 1 66  ? -1.040  -9.130  -1.508  1.00 19.06 ? 61  GLU A CA  1 
ATOM   502 C  C   . GLU A 1 66  ? -0.523  -9.534  -0.134  1.00 18.33 ? 61  GLU A C   1 
ATOM   503 O  O   . GLU A 1 66  ? -0.802  -8.929  0.909   1.00 17.41 ? 61  GLU A O   1 
ATOM   504 C  CB  . GLU A 1 66  ? -2.190  -10.046 -1.959  1.00 17.87 ? 61  GLU A CB  1 
ATOM   505 C  CG  . GLU A 1 66  ? -1.868  -11.478 -2.303  1.00 23.80 ? 61  GLU A CG  1 
ATOM   506 C  CD  . GLU A 1 66  ? -2.741  -12.661 -1.902  1.00 24.21 ? 61  GLU A CD  1 
ATOM   507 O  OE1 . GLU A 1 66  ? -3.172  -13.064 -0.838  1.00 23.00 ? 61  GLU A OE1 1 
ATOM   508 O  OE2 . GLU A 1 66  ? -3.012  -13.350 -2.905  1.00 25.48 ? 61  GLU A OE2 1 
ATOM   509 N  N   . ASN A 1 67  ? 0.348   -10.492 -0.152  1.00 19.56 ? 62  ASN A N   1 
ATOM   510 C  CA  . ASN A 1 67  ? 1.091   -11.191 0.880   1.00 20.00 ? 62  ASN A CA  1 
ATOM   511 C  C   . ASN A 1 67  ? 2.165   -10.278 1.492   1.00 19.77 ? 62  ASN A C   1 
ATOM   512 O  O   . ASN A 1 67  ? 2.280   -10.117 2.730   1.00 16.08 ? 62  ASN A O   1 
ATOM   513 C  CB  . ASN A 1 67  ? 1.631   -12.482 0.282   1.00 24.90 ? 62  ASN A CB  1 
ATOM   514 C  CG  . ASN A 1 67  ? 0.662   -13.575 -0.148  1.00 27.78 ? 62  ASN A CG  1 
ATOM   515 O  OD1 . ASN A 1 67  ? -0.574  -13.508 -0.183  1.00 28.71 ? 62  ASN A OD1 1 
ATOM   516 N  ND2 . ASN A 1 67  ? 1.254   -14.737 -0.521  1.00 28.24 ? 62  ASN A ND2 1 
ATOM   517 N  N   . ASN A 1 68  ? 2.968   -9.696  0.634   1.00 19.81 ? 63  ASN A N   1 
ATOM   518 C  CA  . ASN A 1 68  ? 4.034   -8.716  0.886   1.00 19.26 ? 63  ASN A CA  1 
ATOM   519 C  C   . ASN A 1 68  ? 3.472   -7.498  1.675   1.00 16.62 ? 63  ASN A C   1 
ATOM   520 O  O   . ASN A 1 68  ? 3.800   -7.116  2.790   1.00 12.08 ? 63  ASN A O   1 
ATOM   521 C  CB  . ASN A 1 68  ? 4.643   -8.221  -0.469  1.00 23.08 ? 63  ASN A CB  1 
ATOM   522 C  CG  . ASN A 1 68  ? 6.163   -8.229  -0.175  1.00 26.97 ? 63  ASN A CG  1 
ATOM   523 O  OD1 . ASN A 1 68  ? 6.659   -7.420  0.629   1.00 24.05 ? 63  ASN A OD1 1 
ATOM   524 N  ND2 . ASN A 1 68  ? 6.797   -9.245  -0.798  1.00 28.85 ? 63  ASN A ND2 1 
ATOM   525 N  N   . MET A 1 69  ? 2.445   -6.977  0.996   1.00 16.23 ? 64  MET A N   1 
ATOM   526 C  CA  . MET A 1 69  ? 1.653   -5.834  1.385   1.00 16.65 ? 64  MET A CA  1 
ATOM   527 C  C   . MET A 1 69  ? 0.935   -5.919  2.710   1.00 16.25 ? 64  MET A C   1 
ATOM   528 O  O   . MET A 1 69  ? 0.510   -4.850  3.198   1.00 15.00 ? 64  MET A O   1 
ATOM   529 C  CB  . MET A 1 69  ? 0.628   -5.635  0.253   1.00 15.89 ? 64  MET A CB  1 
ATOM   530 C  CG  . MET A 1 69  ? -0.263  -4.424  0.525   1.00 17.41 ? 64  MET A CG  1 
ATOM   531 S  SD  . MET A 1 69  ? 0.761   -3.016  0.216   1.00 17.20 ? 64  MET A SD  1 
ATOM   532 C  CE  . MET A 1 69  ? 0.843   -2.814  -1.616  1.00 15.07 ? 64  MET A CE  1 
ATOM   533 N  N   . SER A 1 70  ? 0.717   -7.141  3.219   1.00 15.03 ? 65  SER A N   1 
ATOM   534 C  CA  . SER A 1 70  ? -0.046  -7.290  4.462   1.00 15.60 ? 65  SER A CA  1 
ATOM   535 C  C   . SER A 1 70  ? 0.855   -7.074  5.669   1.00 17.08 ? 65  SER A C   1 
ATOM   536 O  O   . SER A 1 70  ? 0.586   -6.420  6.672   1.00 11.62 ? 65  SER A O   1 
ATOM   537 C  CB  . SER A 1 70  ? -0.832  -8.604  4.516   1.00 12.75 ? 65  SER A CB  1 
ATOM   538 O  OG  . SER A 1 70  ? -1.611  -8.585  5.718   1.00 15.06 ? 65  SER A OG  1 
ATOM   539 N  N   . GLU A 1 71  ? 1.970   -7.786  5.486   1.00 22.80 ? 66  GLU A N   1 
ATOM   540 C  CA  . GLU A 1 71  ? 3.072   -7.677  6.500   1.00 26.79 ? 66  GLU A CA  1 
ATOM   541 C  C   . GLU A 1 71  ? 3.344   -6.174  6.669   1.00 25.04 ? 66  GLU A C   1 
ATOM   542 O  O   . GLU A 1 71  ? 3.354   -5.567  7.723   1.00 22.88 ? 66  GLU A O   1 
ATOM   543 C  CB  . GLU A 1 71  ? 4.259   -8.368  5.821   1.00 33.88 ? 66  GLU A CB  1 
ATOM   544 C  CG  . GLU A 1 71  ? 5.654   -7.967  6.250   1.00 43.10 ? 66  GLU A CG  1 
ATOM   545 C  CD  . GLU A 1 71  ? 5.884   -8.163  7.736   1.00 47.62 ? 66  GLU A CD  1 
ATOM   546 O  OE1 . GLU A 1 71  ? 4.934   -8.064  8.509   1.00 50.31 ? 66  GLU A OE1 1 
ATOM   547 O  OE2 . GLU A 1 71  ? 7.094   -8.393  7.969   1.00 51.15 ? 66  GLU A OE2 1 
ATOM   548 N  N   . TYR A 1 72  ? 3.486   -5.562  5.494   1.00 25.39 ? 67  TYR A N   1 
ATOM   549 C  CA  . TYR A 1 72  ? 3.745   -4.136  5.292   1.00 23.16 ? 67  TYR A CA  1 
ATOM   550 C  C   . TYR A 1 72  ? 2.703   -3.246  5.951   1.00 20.76 ? 67  TYR A C   1 
ATOM   551 O  O   . TYR A 1 72  ? 3.271   -2.361  6.674   1.00 20.57 ? 67  TYR A O   1 
ATOM   552 C  CB  . TYR A 1 72  ? 4.009   -3.688  3.831   1.00 22.36 ? 67  TYR A CB  1 
ATOM   553 C  CG  . TYR A 1 72  ? 4.246   -2.198  3.625   1.00 23.88 ? 67  TYR A CG  1 
ATOM   554 C  CD1 . TYR A 1 72  ? 3.412   -1.492  2.757   1.00 23.20 ? 67  TYR A CD1 1 
ATOM   555 C  CD2 . TYR A 1 72  ? 5.272   -1.504  4.287   1.00 23.27 ? 67  TYR A CD2 1 
ATOM   556 C  CE1 . TYR A 1 72  ? 3.565   -0.149  2.542   1.00 27.31 ? 67  TYR A CE1 1 
ATOM   557 C  CE2 . TYR A 1 72  ? 5.447   -0.133  4.079   1.00 25.06 ? 67  TYR A CE2 1 
ATOM   558 C  CZ  . TYR A 1 72  ? 4.610   0.535   3.212   1.00 26.35 ? 67  TYR A CZ  1 
ATOM   559 O  OH  . TYR A 1 72  ? 4.731   1.884   2.966   1.00 28.39 ? 67  TYR A OH  1 
ATOM   560 N  N   . LEU A 1 73  ? 1.422   -3.423  5.756   1.00 17.40 ? 68  LEU A N   1 
ATOM   561 C  CA  . LEU A 1 73  ? 0.438   -2.507  6.418   1.00 14.63 ? 68  LEU A CA  1 
ATOM   562 C  C   . LEU A 1 73  ? 0.309   -2.707  7.894   1.00 13.60 ? 68  LEU A C   1 
ATOM   563 O  O   . LEU A 1 73  ? -0.260  -1.891  8.662   1.00 13.39 ? 68  LEU A O   1 
ATOM   564 C  CB  . LEU A 1 73  ? -0.874  -2.571  5.620   1.00 12.35 ? 68  LEU A CB  1 
ATOM   565 C  CG  . LEU A 1 73  ? -0.834  -2.283  4.154   1.00 14.65 ? 68  LEU A CG  1 
ATOM   566 C  CD1 . LEU A 1 73  ? -2.234  -1.804  3.688   1.00 17.40 ? 68  LEU A CD1 1 
ATOM   567 C  CD2 . LEU A 1 73  ? 0.150   -1.126  3.789   1.00 15.32 ? 68  LEU A CD2 1 
ATOM   568 N  N   . THR A 1 74  ? 0.917   -3.792  8.347   1.00 13.62 ? 69  THR A N   1 
ATOM   569 C  CA  . THR A 1 74  ? 0.944   -4.122  9.781   1.00 15.64 ? 69  THR A CA  1 
ATOM   570 C  C   . THR A 1 74  ? 1.684   -3.069  10.592  1.00 17.06 ? 69  THR A C   1 
ATOM   571 O  O   . THR A 1 74  ? 1.289   -2.630  11.662  1.00 16.71 ? 69  THR A O   1 
ATOM   572 C  CB  . THR A 1 74  ? 1.659   -5.567  9.873   1.00 16.00 ? 69  THR A CB  1 
ATOM   573 O  OG1 . THR A 1 74  ? 0.904   -6.334  8.906   1.00 12.67 ? 69  THR A OG1 1 
ATOM   574 C  CG2 . THR A 1 74  ? 1.877   -6.144  11.242  1.00 11.89 ? 69  THR A CG2 1 
ATOM   575 N  N   . ASN A 1 75  ? 2.824   -2.632  10.056  1.00 18.78 ? 70  ASN A N   1 
ATOM   576 C  CA  . ASN A 1 75  ? 3.795   -1.678  10.617  1.00 18.16 ? 70  ASN A CA  1 
ATOM   577 C  C   . ASN A 1 75  ? 4.989   -1.573  9.644   1.00 16.23 ? 70  ASN A C   1 
ATOM   578 O  O   . ASN A 1 75  ? 5.868   -2.479  9.642   1.00 13.73 ? 70  ASN A O   1 
ATOM   579 C  CB  . ASN A 1 75  ? 4.340   -2.354  11.928  1.00 22.37 ? 70  ASN A CB  1 
ATOM   580 C  CG  . ASN A 1 75  ? 4.818   -1.179  12.793  1.00 25.75 ? 70  ASN A CG  1 
ATOM   581 O  OD1 . ASN A 1 75  ? 5.488   -0.304  12.241  1.00 23.99 ? 70  ASN A OD1 1 
ATOM   582 N  ND2 . ASN A 1 75  ? 4.397   -1.290  14.065  1.00 28.49 ? 70  ASN A ND2 1 
ATOM   583 N  N   . PRO A 1 76  ? 4.849   -0.554  8.799   1.00 16.23 ? 71  PRO A N   1 
ATOM   584 C  CA  . PRO A 1 76  ? 5.815   -0.253  7.714   1.00 16.98 ? 71  PRO A CA  1 
ATOM   585 C  C   . PRO A 1 76  ? 7.230   0.094   8.129   1.00 16.80 ? 71  PRO A C   1 
ATOM   586 O  O   . PRO A 1 76  ? 8.222   -0.342  7.491   1.00 19.08 ? 71  PRO A O   1 
ATOM   587 C  CB  . PRO A 1 76  ? 5.239   0.972   7.010   1.00 16.47 ? 71  PRO A CB  1 
ATOM   588 C  CG  . PRO A 1 76  ? 4.370   1.597   8.018   1.00 17.24 ? 71  PRO A CG  1 
ATOM   589 C  CD  . PRO A 1 76  ? 3.761   0.414   8.823   1.00 16.23 ? 71  PRO A CD  1 
HETATM 590 N  N   . M3L A 1 77  ? 7.267   0.882   9.215   1.00 14.96 ? 72  M3L A N   1 
HETATM 591 C  CA  . M3L A 1 77  ? 8.554   1.340   9.767   1.00 16.33 ? 72  M3L A CA  1 
HETATM 592 C  CB  . M3L A 1 77  ? 8.425   2.496   10.778  1.00 15.10 ? 72  M3L A CB  1 
HETATM 593 C  CG  . M3L A 1 77  ? 7.590   3.659   10.199  1.00 12.47 ? 72  M3L A CG  1 
HETATM 594 C  CD  . M3L A 1 77  ? 8.258   4.955   10.839  1.00 14.51 ? 72  M3L A CD  1 
HETATM 595 C  CE  . M3L A 1 77  ? 7.923   6.127   9.921   1.00 15.34 ? 72  M3L A CE  1 
HETATM 596 N  NZ  . M3L A 1 77  ? 7.779   7.395   10.707  1.00 18.04 ? 72  M3L A NZ  1 
HETATM 597 C  C   . M3L A 1 77  ? 9.422   0.221   10.317  1.00 14.98 ? 72  M3L A C   1 
HETATM 598 O  O   . M3L A 1 77  ? 10.640  0.427   10.440  1.00 13.97 ? 72  M3L A O   1 
HETATM 599 C  CM1 . M3L A 1 77  ? 9.192   7.884   10.809  1.00 18.13 ? 72  M3L A CM1 1 
HETATM 600 C  CM2 . M3L A 1 77  ? 7.018   8.497   10.038  1.00 14.30 ? 72  M3L A CM2 1 
HETATM 601 C  CM3 . M3L A 1 77  ? 7.177   7.049   12.031  1.00 15.26 ? 72  M3L A CM3 1 
ATOM   602 N  N   . LYS A 1 78  ? 8.777   -0.839  10.641  1.00 15.63 ? 73  LYS A N   1 
ATOM   603 C  CA  . LYS A 1 78  ? 9.418   -2.077  11.180  1.00 17.42 ? 73  LYS A CA  1 
ATOM   604 C  C   . LYS A 1 78  ? 9.833   -2.857  9.915   1.00 16.88 ? 73  LYS A C   1 
ATOM   605 O  O   . LYS A 1 78  ? 10.947  -3.443  9.807   1.00 16.12 ? 73  LYS A O   1 
ATOM   606 C  CB  . LYS A 1 78  ? 8.415   -2.836  12.012  1.00 20.56 ? 73  LYS A CB  1 
ATOM   607 C  CG  . LYS A 1 78  ? 8.930   -3.944  12.933  1.00 21.06 ? 73  LYS A CG  1 
ATOM   608 C  CD  . LYS A 1 78  ? 8.789   -3.525  14.366  1.00 24.42 ? 73  LYS A CD  1 
ATOM   609 C  CE  . LYS A 1 78  ? 7.331   -3.322  14.848  1.00 25.84 ? 73  LYS A CE  1 
ATOM   610 N  NZ  . LYS A 1 78  ? 7.376   -3.605  16.316  1.00 27.77 ? 73  LYS A NZ  1 
ATOM   611 N  N   . TYR A 1 79  ? 8.921   -2.817  8.966   1.00 16.82 ? 74  TYR A N   1 
ATOM   612 C  CA  . TYR A 1 79  ? 9.113   -3.466  7.681   1.00 21.69 ? 74  TYR A CA  1 
ATOM   613 C  C   . TYR A 1 79  ? 10.280  -2.832  6.932   1.00 23.85 ? 74  TYR A C   1 
ATOM   614 O  O   . TYR A 1 79  ? 11.225  -3.496  6.442   1.00 23.68 ? 74  TYR A O   1 
ATOM   615 C  CB  . TYR A 1 79  ? 7.825   -3.521  6.810   1.00 22.99 ? 74  TYR A CB  1 
ATOM   616 C  CG  . TYR A 1 79  ? 7.920   -4.550  5.694   1.00 25.12 ? 74  TYR A CG  1 
ATOM   617 C  CD1 . TYR A 1 79  ? 8.334   -5.887  5.976   1.00 24.24 ? 74  TYR A CD1 1 
ATOM   618 C  CD2 . TYR A 1 79  ? 7.589   -4.234  4.373   1.00 25.20 ? 74  TYR A CD2 1 
ATOM   619 C  CE1 . TYR A 1 79  ? 8.445   -6.810  4.965   1.00 22.96 ? 74  TYR A CE1 1 
ATOM   620 C  CE2 . TYR A 1 79  ? 7.705   -5.180  3.362   1.00 24.26 ? 74  TYR A CE2 1 
ATOM   621 C  CZ  . TYR A 1 79  ? 8.103   -6.477  3.663   1.00 24.44 ? 74  TYR A CZ  1 
ATOM   622 O  OH  . TYR A 1 79  ? 8.193   -7.429  2.648   1.00 22.33 ? 74  TYR A OH  1 
ATOM   623 N  N   . MET A 1 80  ? 10.176  -1.487  6.814   1.00 25.06 ? 75  MET A N   1 
ATOM   624 C  CA  . MET A 1 80  ? 11.295  -0.797  6.074   1.00 26.38 ? 75  MET A CA  1 
ATOM   625 C  C   . MET A 1 80  ? 11.623  0.435   6.924   1.00 26.63 ? 75  MET A C   1 
ATOM   626 O  O   . MET A 1 80  ? 10.919  1.474   6.850   1.00 26.37 ? 75  MET A O   1 
ATOM   627 C  CB  . MET A 1 80  ? 10.947  -0.524  4.637   1.00 25.07 ? 75  MET A CB  1 
ATOM   628 C  CG  . MET A 1 80  ? 9.656   0.220   4.539   1.00 25.84 ? 75  MET A CG  1 
ATOM   629 S  SD  . MET A 1 80  ? 9.656   1.317   3.085   1.00 27.10 ? 75  MET A SD  1 
ATOM   630 C  CE  . MET A 1 80  ? 9.520   0.121   1.730   1.00 31.72 ? 75  MET A CE  1 
ATOM   631 N  N   . PRO A 1 81  ? 12.638  0.261   7.780   1.00 26.56 ? 76  PRO A N   1 
ATOM   632 C  CA  . PRO A 1 81  ? 13.056  1.353   8.675   1.00 24.09 ? 76  PRO A CA  1 
ATOM   633 C  C   . PRO A 1 81  ? 13.701  2.417   7.810   1.00 24.31 ? 76  PRO A C   1 
ATOM   634 O  O   . PRO A 1 81  ? 14.667  2.170   7.049   1.00 23.67 ? 76  PRO A O   1 
ATOM   635 C  CB  . PRO A 1 81  ? 13.955  0.684   9.676   1.00 24.88 ? 76  PRO A CB  1 
ATOM   636 C  CG  . PRO A 1 81  ? 13.762  -0.827  9.484   1.00 24.00 ? 76  PRO A CG  1 
ATOM   637 C  CD  . PRO A 1 81  ? 13.507  -0.934  7.977   1.00 25.69 ? 76  PRO A CD  1 
ATOM   638 N  N   . GLY A 1 82  ? 13.094  3.600   7.939   1.00 25.59 ? 77  GLY A N   1 
ATOM   639 C  CA  . GLY A 1 82  ? 13.555  4.790   7.233   1.00 25.78 ? 77  GLY A CA  1 
ATOM   640 C  C   . GLY A 1 82  ? 12.662  5.413   6.189   1.00 25.36 ? 77  GLY A C   1 
ATOM   641 O  O   . GLY A 1 82  ? 13.070  6.493   5.662   1.00 27.69 ? 77  GLY A O   1 
ATOM   642 N  N   . THR A 1 83  ? 11.587  4.791   5.845   1.00 24.46 ? 78  THR A N   1 
ATOM   643 C  CA  . THR A 1 83  ? 10.480  5.068   4.912   1.00 19.78 ? 78  THR A CA  1 
ATOM   644 C  C   . THR A 1 83  ? 9.731   6.296   5.375   1.00 17.55 ? 78  THR A C   1 
ATOM   645 O  O   . THR A 1 83  ? 9.648   6.345   6.647   1.00 17.81 ? 78  THR A O   1 
ATOM   646 C  CB  . THR A 1 83  ? 9.416   3.864   4.942   1.00 17.67 ? 78  THR A CB  1 
ATOM   647 O  OG1 . THR A 1 83  ? 8.392   4.348   4.034   1.00 18.30 ? 78  THR A OG1 1 
ATOM   648 C  CG2 . THR A 1 83  ? 8.847   3.590   6.342   1.00 16.71 ? 78  THR A CG2 1 
ATOM   649 N  N   . LYS A 1 84  ? 9.265   7.240   4.547   1.00 15.13 ? 79  LYS A N   1 
ATOM   650 C  CA  . LYS A 1 84  ? 8.591   8.349   5.311   1.00 14.99 ? 79  LYS A CA  1 
ATOM   651 C  C   . LYS A 1 84  ? 7.116   8.004   5.349   1.00 15.92 ? 79  LYS A C   1 
ATOM   652 O  O   . LYS A 1 84  ? 6.268   8.866   5.126   1.00 16.62 ? 79  LYS A O   1 
ATOM   653 C  CB  . LYS A 1 84  ? 8.870   9.758   4.998   1.00 17.24 ? 79  LYS A CB  1 
ATOM   654 C  CG  . LYS A 1 84  ? 8.289   10.359  3.734   1.00 18.77 ? 79  LYS A CG  1 
ATOM   655 C  CD  . LYS A 1 84  ? 9.309   11.268  3.000   1.00 23.26 ? 79  LYS A CD  1 
ATOM   656 C  CE  . LYS A 1 84  ? 8.875   11.624  1.581   1.00 21.55 ? 79  LYS A CE  1 
ATOM   657 N  NZ  . LYS A 1 84  ? 8.663   10.307  0.792   1.00 26.52 ? 79  LYS A NZ  1 
ATOM   658 N  N   . MET A 1 85  ? 6.862   6.660   5.646   1.00 13.38 ? 80  MET A N   1 
ATOM   659 C  CA  . MET A 1 85  ? 5.439   6.385   5.702   1.00 13.97 ? 80  MET A CA  1 
ATOM   660 C  C   . MET A 1 85  ? 5.059   6.705   7.149   1.00 13.27 ? 80  MET A C   1 
ATOM   661 O  O   . MET A 1 85  ? 5.575   6.028   8.032   1.00 14.24 ? 80  MET A O   1 
ATOM   662 C  CB  . MET A 1 85  ? 4.791   5.168   5.082   1.00 11.52 ? 80  MET A CB  1 
ATOM   663 C  CG  . MET A 1 85  ? 3.520   5.604   4.413   1.00 4.00  ? 80  MET A CG  1 
ATOM   664 S  SD  . MET A 1 85  ? 2.660   4.079   3.581   1.00 4.93  ? 80  MET A SD  1 
ATOM   665 C  CE  . MET A 1 85  ? 1.626   3.855   5.071   1.00 10.05 ? 80  MET A CE  1 
ATOM   666 N  N   . ALA A 1 86  ? 4.255   7.722   7.159   1.00 13.55 ? 81  ALA A N   1 
ATOM   667 C  CA  . ALA A 1 86  ? 3.699   8.187   8.463   1.00 19.10 ? 81  ALA A CA  1 
ATOM   668 C  C   . ALA A 1 86  ? 2.466   7.339   8.810   1.00 20.91 ? 81  ALA A C   1 
ATOM   669 O  O   . ALA A 1 86  ? 1.337   7.899   9.001   1.00 21.35 ? 81  ALA A O   1 
ATOM   670 C  CB  . ALA A 1 86  ? 3.366   9.680   8.332   1.00 20.18 ? 81  ALA A CB  1 
ATOM   671 N  N   . PHE A 1 87  ? 2.710   6.000   8.931   1.00 21.38 ? 82  PHE A N   1 
ATOM   672 C  CA  . PHE A 1 87  ? 1.617   5.055   9.266   1.00 21.63 ? 82  PHE A CA  1 
ATOM   673 C  C   . PHE A 1 87  ? 2.063   3.977   10.266  1.00 20.30 ? 82  PHE A C   1 
ATOM   674 O  O   . PHE A 1 87  ? 2.979   3.212   9.942   1.00 17.53 ? 82  PHE A O   1 
ATOM   675 C  CB  . PHE A 1 87  ? 0.931   4.460   8.039   1.00 23.92 ? 82  PHE A CB  1 
ATOM   676 C  CG  . PHE A 1 87  ? -0.393  3.731   8.194   1.00 25.67 ? 82  PHE A CG  1 
ATOM   677 C  CD1 . PHE A 1 87  ? -0.436  2.323   8.305   1.00 23.05 ? 82  PHE A CD1 1 
ATOM   678 C  CD2 . PHE A 1 87  ? -1.613  4.443   8.154   1.00 25.63 ? 82  PHE A CD2 1 
ATOM   679 C  CE1 . PHE A 1 87  ? -1.634  1.670   8.430   1.00 21.74 ? 82  PHE A CE1 1 
ATOM   680 C  CE2 . PHE A 1 87  ? -2.851  3.771   8.267   1.00 26.02 ? 82  PHE A CE2 1 
ATOM   681 C  CZ  . PHE A 1 87  ? -2.827  2.373   8.410   1.00 23.26 ? 82  PHE A CZ  1 
ATOM   682 N  N   . GLY A 1 88  ? 1.383   4.008   11.424  1.00 18.28 ? 83  GLY A N   1 
ATOM   683 C  CA  . GLY A 1 88  ? 1.673   3.011   12.468  1.00 20.89 ? 83  GLY A CA  1 
ATOM   684 C  C   . GLY A 1 88  ? 1.233   1.608   12.019  1.00 23.30 ? 83  GLY A C   1 
ATOM   685 O  O   . GLY A 1 88  ? 1.867   0.604   12.403  1.00 24.67 ? 83  GLY A O   1 
ATOM   686 N  N   . GLY A 1 89  ? 0.140   1.473   11.258  1.00 23.85 ? 84  GLY A N   1 
ATOM   687 C  CA  . GLY A 1 89  ? -0.318  0.142   10.756  1.00 23.55 ? 84  GLY A CA  1 
ATOM   688 C  C   . GLY A 1 89  ? -1.761  -0.255  11.094  1.00 23.31 ? 84  GLY A C   1 
ATOM   689 O  O   . GLY A 1 89  ? -2.502  0.462   11.837  1.00 21.79 ? 84  GLY A O   1 
ATOM   690 N  N   . LEU A 1 90  ? -2.114  -1.400  10.444  1.00 20.10 ? 85  LEU A N   1 
ATOM   691 C  CA  . LEU A 1 90  ? -3.353  -2.172  10.509  1.00 14.89 ? 85  LEU A CA  1 
ATOM   692 C  C   . LEU A 1 90  ? -2.900  -3.435  11.310  1.00 11.18 ? 85  LEU A C   1 
ATOM   693 O  O   . LEU A 1 90  ? -2.079  -4.308  10.977  1.00 7.07  ? 85  LEU A O   1 
ATOM   694 C  CB  . LEU A 1 90  ? -4.094  -2.399  9.230   1.00 12.52 ? 85  LEU A CB  1 
ATOM   695 C  CG  . LEU A 1 90  ? -4.876  -1.267  8.559   1.00 13.91 ? 85  LEU A CG  1 
ATOM   696 C  CD1 . LEU A 1 90  ? -5.294  -1.756  7.145   1.00 16.43 ? 85  LEU A CD1 1 
ATOM   697 C  CD2 . LEU A 1 90  ? -6.146  -0.890  9.331   1.00 11.43 ? 85  LEU A CD2 1 
ATOM   698 N  N   . LYS A 1 91  ? -3.365  -3.279  12.544  1.00 10.71 ? 86  LYS A N   1 
ATOM   699 C  CA  . LYS A 1 91  ? -3.034  -4.263  13.565  1.00 16.55 ? 86  LYS A CA  1 
ATOM   700 C  C   . LYS A 1 91  ? -3.830  -5.560  13.274  1.00 17.22 ? 86  LYS A C   1 
ATOM   701 O  O   . LYS A 1 91  ? -3.316  -6.651  13.525  1.00 17.03 ? 86  LYS A O   1 
ATOM   702 C  CB  . LYS A 1 91  ? -3.336  -3.673  14.941  1.00 19.59 ? 86  LYS A CB  1 
ATOM   703 C  CG  . LYS A 1 91  ? -2.141  -2.930  15.553  1.00 27.88 ? 86  LYS A CG  1 
ATOM   704 C  CD  . LYS A 1 91  ? -2.543  -1.851  16.556  1.00 35.27 ? 86  LYS A CD  1 
ATOM   705 C  CE  . LYS A 1 91  ? -1.304  -0.853  16.895  1.00 36.34 ? 86  LYS A CE  1 
ATOM   706 N  NZ  . LYS A 1 91  ? -1.965  0.359   17.556  1.00 36.44 ? 86  LYS A NZ  1 
ATOM   707 N  N   . LYS A 1 92  ? -5.053  -5.319  12.725  1.00 17.28 ? 87  LYS A N   1 
ATOM   708 C  CA  . LYS A 1 92  ? -6.030  -6.320  12.425  1.00 14.98 ? 87  LYS A CA  1 
ATOM   709 C  C   . LYS A 1 92  ? -6.047  -7.007  11.096  1.00 14.63 ? 87  LYS A C   1 
ATOM   710 O  O   . LYS A 1 92  ? -6.468  -6.452  10.078  1.00 12.71 ? 87  LYS A O   1 
ATOM   711 C  CB  . LYS A 1 92  ? -7.474  -5.855  12.632  1.00 17.00 ? 87  LYS A CB  1 
ATOM   712 C  CG  . LYS A 1 92  ? -8.060  -6.147  13.967  1.00 19.50 ? 87  LYS A CG  1 
ATOM   713 C  CD  . LYS A 1 92  ? -7.688  -5.298  15.130  1.00 23.55 ? 87  LYS A CD  1 
ATOM   714 C  CE  . LYS A 1 92  ? -8.761  -4.400  15.688  1.00 27.63 ? 87  LYS A CE  1 
ATOM   715 N  NZ  . LYS A 1 92  ? -9.555  -3.687  14.632  1.00 29.51 ? 87  LYS A NZ  1 
ATOM   716 N  N   . GLU A 1 93  ? -5.851  -8.342  11.229  1.00 14.98 ? 88  GLU A N   1 
ATOM   717 C  CA  . GLU A 1 93  ? -5.849  -9.203  10.054  1.00 15.45 ? 88  GLU A CA  1 
ATOM   718 C  C   . GLU A 1 93  ? -6.977  -8.913  9.087   1.00 16.59 ? 88  GLU A C   1 
ATOM   719 O  O   . GLU A 1 93  ? -6.720  -8.767  7.866   1.00 18.11 ? 88  GLU A O   1 
ATOM   720 C  CB  . GLU A 1 93  ? -5.700  -10.641 10.478  1.00 19.62 ? 88  GLU A CB  1 
ATOM   721 C  CG  . GLU A 1 93  ? -5.391  -11.683 9.432   1.00 23.61 ? 88  GLU A CG  1 
ATOM   722 C  CD  . GLU A 1 93  ? -5.168  -13.112 9.846   1.00 23.60 ? 88  GLU A CD  1 
ATOM   723 O  OE1 . GLU A 1 93  ? -5.026  -13.535 10.961  1.00 20.94 ? 88  GLU A OE1 1 
ATOM   724 O  OE2 . GLU A 1 93  ? -5.077  -13.750 8.759   1.00 24.34 ? 88  GLU A OE2 1 
ATOM   725 N  N   . LYS A 1 94  ? -8.209  -8.735  9.543   1.00 17.07 ? 89  LYS A N   1 
ATOM   726 C  CA  . LYS A 1 94  ? -9.419  -8.477  8.741   1.00 16.88 ? 89  LYS A CA  1 
ATOM   727 C  C   . LYS A 1 94  ? -9.433  -7.183  7.950   1.00 14.37 ? 89  LYS A C   1 
ATOM   728 O  O   . LYS A 1 94  ? -9.668  -7.204  6.719   1.00 11.03 ? 89  LYS A O   1 
ATOM   729 C  CB  . LYS A 1 94  ? -10.674 -8.735  9.555   1.00 16.22 ? 89  LYS A CB  1 
ATOM   730 C  CG  . LYS A 1 94  ? -11.251 -7.602  10.379  1.00 21.75 ? 89  LYS A CG  1 
ATOM   731 C  CD  . LYS A 1 94  ? -12.527 -7.063  9.679   1.00 25.28 ? 89  LYS A CD  1 
ATOM   732 C  CE  . LYS A 1 94  ? -13.732 -7.156  10.628  1.00 24.12 ? 89  LYS A CE  1 
ATOM   733 N  NZ  . LYS A 1 94  ? -14.171 -8.542  10.808  1.00 24.93 ? 89  LYS A NZ  1 
ATOM   734 N  N   . ASP A 1 95  ? -9.204  -6.045  8.619   1.00 14.60 ? 90  ASP A N   1 
ATOM   735 C  CA  . ASP A 1 95  ? -9.206  -4.678  7.927   1.00 11.48 ? 90  ASP A CA  1 
ATOM   736 C  C   . ASP A 1 95  ? -8.275  -4.771  6.718   1.00 6.91  ? 90  ASP A C   1 
ATOM   737 O  O   . ASP A 1 95  ? -8.579  -4.460  5.559   1.00 6.61  ? 90  ASP A O   1 
ATOM   738 C  CB  . ASP A 1 95  ? -8.783  -3.602  8.898   1.00 16.95 ? 90  ASP A CB  1 
ATOM   739 C  CG  . ASP A 1 95  ? -9.482  -3.619  10.222  1.00 16.89 ? 90  ASP A CG  1 
ATOM   740 O  OD1 . ASP A 1 95  ? -8.892  -3.904  11.254  1.00 19.20 ? 90  ASP A OD1 1 
ATOM   741 O  OD2 . ASP A 1 95  ? -10.723 -3.386  10.155  1.00 24.90 ? 90  ASP A OD2 1 
ATOM   742 N  N   . ARG A 1 96  ? -7.096  -5.283  7.084   1.00 4.00  ? 91  ARG A N   1 
ATOM   743 C  CA  . ARG A 1 96  ? -6.028  -5.534  6.135   1.00 4.00  ? 91  ARG A CA  1 
ATOM   744 C  C   . ARG A 1 96  ? -6.539  -6.445  5.012   1.00 4.98  ? 91  ARG A C   1 
ATOM   745 O  O   . ARG A 1 96  ? -6.141  -6.209  3.844   1.00 4.00  ? 91  ARG A O   1 
ATOM   746 C  CB  . ARG A 1 96  ? -4.820  -6.244  6.763   1.00 4.00  ? 91  ARG A CB  1 
ATOM   747 C  CG  . ARG A 1 96  ? -4.403  -5.975  8.192   1.00 4.04  ? 91  ARG A CG  1 
ATOM   748 C  CD  . ARG A 1 96  ? -2.888  -5.766  8.297   1.00 7.40  ? 91  ARG A CD  1 
ATOM   749 N  NE  . ARG A 1 96  ? -2.244  -7.098  8.506   1.00 7.80  ? 91  ARG A NE  1 
ATOM   750 C  CZ  . ARG A 1 96  ? -2.182  -7.548  9.783   1.00 7.45  ? 91  ARG A CZ  1 
ATOM   751 N  NH1 . ARG A 1 96  ? -1.622  -8.772  9.986   1.00 8.65  ? 91  ARG A NH1 1 
ATOM   752 N  NH2 . ARG A 1 96  ? -2.572  -6.793  10.783  1.00 4.00  ? 91  ARG A NH2 1 
ATOM   753 N  N   . ASN A 1 97  ? -7.410  -7.509  5.426   1.00 4.00  ? 92  ASN A N   1 
ATOM   754 C  CA  . ASN A 1 97  ? -7.799  -8.379  4.289   1.00 4.03  ? 92  ASN A CA  1 
ATOM   755 C  C   . ASN A 1 97  ? -8.697  -7.514  3.380   1.00 4.00  ? 92  ASN A C   1 
ATOM   756 O  O   . ASN A 1 97  ? -8.457  -7.431  2.171   1.00 4.00  ? 92  ASN A O   1 
ATOM   757 C  CB  . ASN A 1 97  ? -8.266  -9.760  4.608   1.00 10.00 ? 92  ASN A CB  1 
ATOM   758 C  CG  . ASN A 1 97  ? -7.194  -10.478 5.526   1.00 13.74 ? 92  ASN A CG  1 
ATOM   759 O  OD1 . ASN A 1 97  ? -6.012  -10.518 5.103   1.00 12.68 ? 92  ASN A OD1 1 
ATOM   760 N  ND2 . ASN A 1 97  ? -7.708  -10.963 6.644   1.00 10.83 ? 92  ASN A ND2 1 
ATOM   761 N  N   . ASP A 1 98  ? -9.555  -6.858  4.162   1.00 4.00  ? 93  ASP A N   1 
ATOM   762 C  CA  . ASP A 1 98  ? -10.517 -5.983  3.450   1.00 5.50  ? 93  ASP A CA  1 
ATOM   763 C  C   . ASP A 1 98  ? -9.787  -5.107  2.463   1.00 6.38  ? 93  ASP A C   1 
ATOM   764 O  O   . ASP A 1 98  ? -9.861  -5.213  1.196   1.00 7.14  ? 93  ASP A O   1 
ATOM   765 C  CB  . ASP A 1 98  ? -11.451 -5.428  4.510   1.00 8.27  ? 93  ASP A CB  1 
ATOM   766 C  CG  . ASP A 1 98  ? -12.239 -6.538  5.256   1.00 10.28 ? 93  ASP A CG  1 
ATOM   767 O  OD1 . ASP A 1 98  ? -12.281 -7.704  4.824   1.00 9.44  ? 93  ASP A OD1 1 
ATOM   768 O  OD2 . ASP A 1 98  ? -12.878 -6.200  6.296   1.00 12.74 ? 93  ASP A OD2 1 
ATOM   769 N  N   . LEU A 1 99  ? -8.907  -4.244  3.039   1.00 6.20  ? 94  LEU A N   1 
ATOM   770 C  CA  . LEU A 1 99  ? -8.169  -3.301  2.176   1.00 4.00  ? 94  LEU A CA  1 
ATOM   771 C  C   . LEU A 1 99  ? -7.463  -3.831  0.956   1.00 4.00  ? 94  LEU A C   1 
ATOM   772 O  O   . LEU A 1 99  ? -7.684  -3.231  -0.111  1.00 4.00  ? 94  LEU A O   1 
ATOM   773 C  CB  . LEU A 1 99  ? -7.303  -2.403  3.061   1.00 8.19  ? 94  LEU A CB  1 
ATOM   774 C  CG  . LEU A 1 99  ? -6.508  -1.275  2.244   1.00 5.93  ? 94  LEU A CG  1 
ATOM   775 C  CD1 . LEU A 1 99  ? -7.381  -0.050  2.295   1.00 5.67  ? 94  LEU A CD1 1 
ATOM   776 C  CD2 . LEU A 1 99  ? -5.186  -1.202  3.012   1.00 4.00  ? 94  LEU A CD2 1 
ATOM   777 N  N   . ILE A 1 100 ? -6.635  -4.818  1.042   1.00 4.00  ? 95  ILE A N   1 
ATOM   778 C  CA  . ILE A 1 100 ? -5.857  -5.346  -0.096  1.00 4.00  ? 95  ILE A CA  1 
ATOM   779 C  C   . ILE A 1 100 ? -6.774  -6.037  -1.065  1.00 6.27  ? 95  ILE A C   1 
ATOM   780 O  O   . ILE A 1 100 ? -6.314  -6.390  -2.186  1.00 7.89  ? 95  ILE A O   1 
ATOM   781 C  CB  . ILE A 1 100 ? -4.748  -6.337  0.328   1.00 4.00  ? 95  ILE A CB  1 
ATOM   782 C  CG1 . ILE A 1 100 ? -3.779  -5.628  1.255   1.00 4.00  ? 95  ILE A CG1 1 
ATOM   783 C  CG2 . ILE A 1 100 ? -4.045  -7.122  -0.841  1.00 6.07  ? 95  ILE A CG2 1 
ATOM   784 C  CD1 . ILE A 1 100 ? -2.593  -6.540  1.686   1.00 4.13  ? 95  ILE A CD1 1 
ATOM   785 N  N   . THR A 1 101 ? -7.979  -6.284  -0.599  1.00 9.09  ? 96  THR A N   1 
ATOM   786 C  CA  . THR A 1 101 ? -8.890  -6.974  -1.637  1.00 14.67 ? 96  THR A CA  1 
ATOM   787 C  C   . THR A 1 101 ? -9.197  -5.739  -2.511  1.00 16.11 ? 96  THR A C   1 
ATOM   788 O  O   . THR A 1 101 ? -9.143  -5.810  -3.718  1.00 17.72 ? 96  THR A O   1 
ATOM   789 C  CB  . THR A 1 101 ? -10.141 -7.691  -0.993  1.00 13.38 ? 96  THR A CB  1 
ATOM   790 O  OG1 . THR A 1 101 ? -9.606  -8.985  -0.489  1.00 15.12 ? 96  THR A OG1 1 
ATOM   791 C  CG2 . THR A 1 101 ? -11.421 -7.840  -1.791  1.00 11.06 ? 96  THR A CG2 1 
ATOM   792 N  N   . TYR A 1 102 ? -9.401  -4.642  -1.749  1.00 19.08 ? 97  TYR A N   1 
ATOM   793 C  CA  . TYR A 1 102 ? -9.749  -3.339  -2.366  1.00 18.59 ? 97  TYR A CA  1 
ATOM   794 C  C   . TYR A 1 102 ? -8.629  -2.940  -3.314  1.00 18.32 ? 97  TYR A C   1 
ATOM   795 O  O   . TYR A 1 102 ? -8.790  -2.891  -4.540  1.00 17.66 ? 97  TYR A O   1 
ATOM   796 C  CB  . TYR A 1 102 ? -10.033 -2.282  -1.286  1.00 20.81 ? 97  TYR A CB  1 
ATOM   797 C  CG  . TYR A 1 102 ? -10.202 -0.915  -1.978  1.00 23.67 ? 97  TYR A CG  1 
ATOM   798 C  CD1 . TYR A 1 102 ? -11.443 -0.591  -2.566  1.00 22.43 ? 97  TYR A CD1 1 
ATOM   799 C  CD2 . TYR A 1 102 ? -9.096  -0.058  -2.119  1.00 24.05 ? 97  TYR A CD2 1 
ATOM   800 C  CE1 . TYR A 1 102 ? -11.563 0.622   -3.216  1.00 22.34 ? 97  TYR A CE1 1 
ATOM   801 C  CE2 . TYR A 1 102 ? -9.226  1.168   -2.811  1.00 20.48 ? 97  TYR A CE2 1 
ATOM   802 C  CZ  . TYR A 1 102 ? -10.454 1.498   -3.359  1.00 19.83 ? 97  TYR A CZ  1 
ATOM   803 O  OH  . TYR A 1 102 ? -10.596 2.649   -4.025  1.00 16.73 ? 97  TYR A OH  1 
ATOM   804 N  N   . LEU A 1 103 ? -7.471  -2.720  -2.613  1.00 18.23 ? 98  LEU A N   1 
ATOM   805 C  CA  . LEU A 1 103 ? -6.260  -2.350  -3.354  1.00 16.76 ? 98  LEU A CA  1 
ATOM   806 C  C   . LEU A 1 103 ? -6.004  -3.309  -4.487  1.00 16.21 ? 98  LEU A C   1 
ATOM   807 O  O   . LEU A 1 103 ? -5.591  -2.908  -5.589  1.00 14.58 ? 98  LEU A O   1 
ATOM   808 C  CB  . LEU A 1 103 ? -5.099  -2.044  -2.337  1.00 15.81 ? 98  LEU A CB  1 
ATOM   809 C  CG  . LEU A 1 103 ? -5.463  -1.002  -1.264  1.00 15.90 ? 98  LEU A CG  1 
ATOM   810 C  CD1 . LEU A 1 103 ? -4.442  -0.853  -0.150  1.00 12.49 ? 98  LEU A CD1 1 
ATOM   811 C  CD2 . LEU A 1 103 ? -5.792  0.374   -1.886  1.00 12.26 ? 98  LEU A CD2 1 
ATOM   812 N  N   . LYS A 1 104 ? -6.258  -4.615  -4.334  1.00 16.50 ? 99  LYS A N   1 
ATOM   813 C  CA  . LYS A 1 104 ? -5.977  -5.524  -5.490  1.00 17.68 ? 99  LYS A CA  1 
ATOM   814 C  C   . LYS A 1 104 ? -6.993  -5.287  -6.600  1.00 17.66 ? 99  LYS A C   1 
ATOM   815 O  O   . LYS A 1 104 ? -6.672  -5.559  -7.797  1.00 14.98 ? 99  LYS A O   1 
ATOM   816 C  CB  . LYS A 1 104 ? -5.854  -6.969  -5.039  1.00 20.99 ? 99  LYS A CB  1 
ATOM   817 C  CG  . LYS A 1 104 ? -4.592  -7.764  -5.474  1.00 19.31 ? 99  LYS A CG  1 
ATOM   818 C  CD  . LYS A 1 104 ? -4.841  -9.230  -5.227  1.00 20.98 ? 99  LYS A CD  1 
ATOM   819 C  CE  . LYS A 1 104 ? -3.756  -10.147 -4.755  1.00 21.69 ? 99  LYS A CE  1 
ATOM   820 N  NZ  . LYS A 1 104 ? -4.293  -11.042 -3.641  1.00 22.39 ? 99  LYS A NZ  1 
ATOM   821 N  N   . LYS A 1 105 ? -8.189  -4.771  -6.240  1.00 19.37 ? 100 LYS A N   1 
ATOM   822 C  CA  . LYS A 1 105 ? -9.196  -4.490  -7.274  1.00 22.24 ? 100 LYS A CA  1 
ATOM   823 C  C   . LYS A 1 105 ? -8.988  -3.095  -7.894  1.00 21.99 ? 100 LYS A C   1 
ATOM   824 O  O   . LYS A 1 105 ? -8.816  -3.117  -9.142  1.00 22.41 ? 100 LYS A O   1 
ATOM   825 C  CB  . LYS A 1 105 ? -10.671 -4.703  -7.036  1.00 23.23 ? 100 LYS A CB  1 
ATOM   826 C  CG  . LYS A 1 105 ? -11.425 -3.765  -6.149  1.00 26.42 ? 100 LYS A CG  1 
ATOM   827 C  CD  . LYS A 1 105 ? -12.947 -3.577  -6.422  1.00 27.58 ? 100 LYS A CD  1 
ATOM   828 C  CE  . LYS A 1 105 ? -13.528 -2.680  -5.308  1.00 26.57 ? 100 LYS A CE  1 
ATOM   829 N  NZ  . LYS A 1 105 ? -14.890 -3.125  -4.903  1.00 28.45 ? 100 LYS A NZ  1 
ATOM   830 N  N   . ALA A 1 106 ? -8.950  -2.049  -7.111  1.00 19.23 ? 101 ALA A N   1 
ATOM   831 C  CA  . ALA A 1 106 ? -8.786  -0.654  -7.590  1.00 17.62 ? 101 ALA A CA  1 
ATOM   832 C  C   . ALA A 1 106 ? -7.472  -0.292  -8.263  1.00 16.36 ? 101 ALA A C   1 
ATOM   833 O  O   . ALA A 1 106 ? -7.483  0.436   -9.305  1.00 18.29 ? 101 ALA A O   1 
ATOM   834 C  CB  . ALA A 1 106 ? -9.133  0.291   -6.444  1.00 18.20 ? 101 ALA A CB  1 
ATOM   835 N  N   . THR A 1 107 ? -6.314  -0.807  -7.900  1.00 14.96 ? 102 THR A N   1 
ATOM   836 C  CA  . THR A 1 107 ? -5.037  -0.543  -8.524  1.00 13.89 ? 102 THR A CA  1 
ATOM   837 C  C   . THR A 1 107 ? -4.824  -1.415  -9.763  1.00 15.88 ? 102 THR A C   1 
ATOM   838 O  O   . THR A 1 107 ? -3.639  -1.544  -10.204 1.00 16.36 ? 102 THR A O   1 
ATOM   839 C  CB  . THR A 1 107 ? -3.824  -0.628  -7.535  1.00 12.82 ? 102 THR A CB  1 
ATOM   840 O  OG1 . THR A 1 107 ? -3.140  -1.929  -7.460  1.00 13.02 ? 102 THR A OG1 1 
ATOM   841 C  CG2 . THR A 1 107 ? -4.038  -0.196  -6.058  1.00 12.39 ? 102 THR A CG2 1 
ATOM   842 N  N   . GLU A 1 108 ? -5.796  -2.119  -10.314 1.00 13.67 ? 103 GLU A N   1 
ATOM   843 C  CA  . GLU A 1 108 ? -5.497  -2.989  -11.431 1.00 15.58 ? 103 GLU A CA  1 
ATOM   844 C  C   . GLU A 1 108 ? -5.710  -2.378  -12.823 1.00 15.10 ? 103 GLU A C   1 
ATOM   845 O  O   . GLU A 1 108 ? -4.784  -2.788  -13.575 1.00 13.14 ? 103 GLU A O   1 
ATOM   846 C  CB  . GLU A 1 108 ? -6.332  -4.271  -11.635 1.00 20.81 ? 103 GLU A CB  1 
ATOM   847 C  CG  . GLU A 1 108 ? -5.481  -5.413  -12.296 1.00 26.36 ? 103 GLU A CG  1 
ATOM   848 C  CD  . GLU A 1 108 ? -4.329  -5.797  -11.347 1.00 29.76 ? 103 GLU A CD  1 
ATOM   849 O  OE1 . GLU A 1 108 ? -3.193  -6.073  -11.705 1.00 29.39 ? 103 GLU A OE1 1 
ATOM   850 O  OE2 . GLU A 1 108 ? -4.746  -5.752  -10.134 1.00 30.89 ? 103 GLU A OE2 1 
ATOM   851 O  OXT . GLU A 1 108 ? -6.775  -1.757  -12.928 1.00 14.98 ? 103 GLU A OXT 1 
HETATM 852 S  S   . SO4 B 2 .   ? -17.964 -7.105  -0.926  1.00 26.11 ? 117 SO4 A S   1 
HETATM 853 O  O1  . SO4 B 2 .   ? -17.871 -6.542  -2.337  1.00 24.33 ? 117 SO4 A O1  1 
HETATM 854 O  O2  . SO4 B 2 .   ? -18.206 -6.130  0.158   1.00 25.19 ? 117 SO4 A O2  1 
HETATM 855 O  O3  . SO4 B 2 .   ? -19.317 -7.869  -1.034  1.00 27.53 ? 117 SO4 A O3  1 
HETATM 856 O  O4  . SO4 B 2 .   ? -16.846 -8.009  -0.544  1.00 25.57 ? 117 SO4 A O4  1 
HETATM 857 C  CHA . HEM C 3 .   ? 4.434   4.664   0.471   1.00 8.74  ? 104 HEM A CHA 1 
HETATM 858 C  CHB . HEM C 3 .   ? 0.255   2.189   0.698   1.00 9.87  ? 104 HEM A CHB 1 
HETATM 859 C  CHC . HEM C 3 .   ? -1.003  5.086   4.386   1.00 8.94  ? 104 HEM A CHC 1 
HETATM 860 C  CHD . HEM C 3 .   ? 2.459   8.267   2.967   1.00 12.15 ? 104 HEM A CHD 1 
HETATM 861 C  C1A . HEM C 3 .   ? 3.496   3.669   0.318   1.00 6.87  ? 104 HEM A C1A 1 
HETATM 862 C  C2A . HEM C 3 .   ? 3.706   2.388   -0.337  1.00 6.30  ? 104 HEM A C2A 1 
HETATM 863 C  C3A . HEM C 3 .   ? 2.531   1.682   -0.195  1.00 8.11  ? 104 HEM A C3A 1 
HETATM 864 C  C4A . HEM C 3 .   ? 1.586   2.503   0.496   1.00 8.16  ? 104 HEM A C4A 1 
HETATM 865 C  CMA . HEM C 3 .   ? 2.259   0.248   -0.684  1.00 5.64  ? 104 HEM A CMA 1 
HETATM 866 C  CAA . HEM C 3 .   ? 5.021   1.903   -0.953  1.00 4.00  ? 104 HEM A CAA 1 
HETATM 867 C  CBA . HEM C 3 .   ? 5.271   2.488   -2.290  1.00 4.48  ? 104 HEM A CBA 1 
HETATM 868 C  CGA . HEM C 3 .   ? 5.931   2.035   -3.504  1.00 6.63  ? 104 HEM A CGA 1 
HETATM 869 O  O1A . HEM C 3 .   ? 5.553   2.691   -4.585  1.00 11.55 ? 104 HEM A O1A 1 
HETATM 870 O  O2A . HEM C 3 .   ? 6.852   1.168   -3.638  1.00 7.25  ? 104 HEM A O2A 1 
HETATM 871 C  C1B . HEM C 3 .   ? -0.471  2.821   1.700   1.00 10.85 ? 104 HEM A C1B 1 
HETATM 872 C  C2B . HEM C 3 .   ? -1.792  2.375   2.170   1.00 10.43 ? 104 HEM A C2B 1 
HETATM 873 C  C3B . HEM C 3 .   ? -2.087  3.100   3.236   1.00 8.71  ? 104 HEM A C3B 1 
HETATM 874 C  C4B . HEM C 3 .   ? -1.047  4.110   3.402   1.00 8.58  ? 104 HEM A C4B 1 
HETATM 875 C  CMB . HEM C 3 .   ? -2.529  1.169   1.530   1.00 11.70 ? 104 HEM A CMB 1 
HETATM 876 C  CAB . HEM C 3 .   ? -3.351  3.038   4.095   1.00 8.63  ? 104 HEM A CAB 1 
HETATM 877 C  CBB . HEM C 3 .   ? -3.599  1.683   4.774   1.00 10.88 ? 104 HEM A CBB 1 
HETATM 878 C  C1C . HEM C 3 .   ? -0.195  6.241   4.250   1.00 11.33 ? 104 HEM A C1C 1 
HETATM 879 C  C2C . HEM C 3 .   ? -0.563  7.550   4.816   1.00 12.13 ? 104 HEM A C2C 1 
HETATM 880 C  C3C . HEM C 3 .   ? 0.346   8.452   4.399   1.00 10.24 ? 104 HEM A C3C 1 
HETATM 881 C  C4C . HEM C 3 .   ? 1.286   7.736   3.558   1.00 11.28 ? 104 HEM A C4C 1 
HETATM 882 C  CMC . HEM C 3 .   ? -1.839  7.722   5.700   1.00 12.33 ? 104 HEM A CMC 1 
HETATM 883 C  CAC . HEM C 3 .   ? 0.449   9.956   4.743   1.00 4.00  ? 104 HEM A CAC 1 
HETATM 884 C  CBC . HEM C 3 .   ? 0.128   10.439  6.144   1.00 4.00  ? 104 HEM A CBC 1 
HETATM 885 C  C1D . HEM C 3 .   ? 3.404   7.558   2.222   1.00 10.16 ? 104 HEM A C1D 1 
HETATM 886 C  C2D . HEM C 3 .   ? 4.797   7.932   1.885   1.00 10.33 ? 104 HEM A C2D 1 
HETATM 887 C  C3D . HEM C 3 .   ? 5.337   6.936   1.202   1.00 7.93  ? 104 HEM A C3D 1 
HETATM 888 C  C4D . HEM C 3 .   ? 4.346   5.857   1.165   1.00 9.29  ? 104 HEM A C4D 1 
HETATM 889 C  CMD . HEM C 3 .   ? 5.384   9.303   2.281   1.00 9.59  ? 104 HEM A CMD 1 
HETATM 890 C  CAD . HEM C 3 .   ? 6.743   6.848   0.566   1.00 7.18  ? 104 HEM A CAD 1 
HETATM 891 C  CBD . HEM C 3 .   ? 7.819   6.316   1.440   1.00 6.12  ? 104 HEM A CBD 1 
HETATM 892 C  CGD . HEM C 3 .   ? 9.300   6.336   1.137   1.00 8.33  ? 104 HEM A CGD 1 
HETATM 893 O  O1D . HEM C 3 .   ? 9.805   6.849   0.099   1.00 4.79  ? 104 HEM A O1D 1 
HETATM 894 O  O2D . HEM C 3 .   ? 10.028  5.895   2.105   1.00 6.64  ? 104 HEM A O2D 1 
HETATM 895 N  NA  . HEM C 3 .   ? 2.182   3.782   0.733   1.00 7.35  ? 104 HEM A NA  1 
HETATM 896 N  NB  . HEM C 3 .   ? -0.107  3.915   2.447   1.00 7.49  ? 104 HEM A NB  1 
HETATM 897 N  NC  . HEM C 3 .   ? 0.848   6.428   3.393   1.00 9.44  ? 104 HEM A NC  1 
HETATM 898 N  ND  . HEM C 3 .   ? 3.186   6.270   1.778   1.00 7.93  ? 104 HEM A ND  1 
HETATM 899 FE FE  . HEM C 3 .   ? 1.445   5.190   1.944   1.00 8.27  ? 104 HEM A FE  1 
HETATM 900 O  O   . HOH D 4 .   ? -3.261  1.983   13.694  1.00 20.55 ? 107 HOH A O   1 
HETATM 901 O  O   . HOH D 4 .   ? -0.759  9.275   -4.857  1.00 4.00  ? 110 HOH A O   1 
HETATM 902 O  O   . HOH D 4 .   ? 5.962   1.452   -7.690  1.00 12.94 ? 121 HOH A O   1 
HETATM 903 O  O   . HOH D 4 .   ? 12.604  9.647   -10.630 1.00 13.66 ? 129 HOH A O   1 
HETATM 904 O  O   . HOH D 4 .   ? -1.115  6.273   -13.541 1.00 7.54  ? 133 HOH A O   1 
HETATM 905 O  O   . HOH D 4 .   ? 11.190  8.025   -8.676  1.00 29.09 ? 140 HOH A O   1 
HETATM 906 O  O   . HOH D 4 .   ? -9.142  -1.840  -11.610 1.00 21.19 ? 154 HOH A O   1 
HETATM 907 O  O   . HOH D 4 .   ? 12.701  0.296   -14.160 1.00 30.61 ? 155 HOH A O   1 
HETATM 908 O  O   . HOH D 4 .   ? -7.270  -3.211  12.699  1.00 19.58 ? 158 HOH A O   1 
HETATM 909 O  O   . HOH D 4 .   ? 7.489   2.445   2.217   1.00 10.38 ? 166 HOH A O   1 
HETATM 910 O  O   . HOH D 4 .   ? 3.597   3.832   -6.609  1.00 4.00  ? 168 HOH A O   1 
HETATM 911 O  O   . HOH D 4 .   ? 4.127   2.192   11.706  1.00 20.31 ? 172 HOH A O   1 
HETATM 912 O  O   . HOH D 4 .   ? 1.860   16.710  -7.449  1.00 4.33  ? 189 HOH A O   1 
HETATM 913 O  O   . HOH D 4 .   ? -1.189  14.829  5.283   1.00 24.02 ? 191 HOH A O   1 
HETATM 914 O  O   . HOH D 4 .   ? -1.485  -3.593  -15.574 1.00 13.57 ? 204 HOH A O   1 
HETATM 915 O  O   . HOH D 4 .   ? -4.769  -12.466 5.788   1.00 20.78 ? 208 HOH A O   1 
HETATM 916 O  O   . HOH D 4 .   ? -0.776  -12.797 6.441   1.00 23.36 ? 214 HOH A O   1 
HETATM 917 O  O   . HOH D 4 .   ? 11.073  6.032   8.718   1.00 21.75 ? 215 HOH A O   1 
HETATM 918 O  O   . HOH D 4 .   ? -15.876 -7.333  -3.493  1.00 25.38 ? 219 HOH A O   1 
HETATM 919 O  O   . HOH D 4 .   ? 0.769   -20.685 1.505   1.00 7.50  ? 300 HOH A O   1 
HETATM 920 O  O   . HOH D 4 .   ? 16.899  5.762   3.271   1.00 10.63 ? 301 HOH A O   1 
HETATM 921 O  O   . HOH D 4 .   ? -1.526  -0.037  -16.836 1.00 12.31 ? 302 HOH A O   1 
HETATM 922 O  O   . HOH D 4 .   ? -2.761  6.115   11.911  1.00 13.81 ? 303 HOH A O   1 
HETATM 923 O  O   . HOH D 4 .   ? 6.043   13.658  -10.804 1.00 15.88 ? 304 HOH A O   1 
HETATM 924 O  O   . HOH D 4 .   ? 16.325  -0.695  -6.314  1.00 15.87 ? 305 HOH A O   1 
HETATM 925 O  O   . HOH D 4 .   ? 1.286   -2.612  14.243  1.00 23.36 ? 306 HOH A O   1 
HETATM 926 O  O   . HOH D 4 .   ? 4.676   15.743  -1.203  1.00 27.83 ? 307 HOH A O   1 
HETATM 927 O  O   . HOH D 4 .   ? -8.757  -8.539  -5.537  1.00 28.02 ? 308 HOH A O   1 
HETATM 928 O  O   . HOH D 4 .   ? -8.022  10.785  -10.540 1.00 38.02 ? 309 HOH A O   1 
# 
loop_
_pdbx_poly_seq_scheme.asym_id 
_pdbx_poly_seq_scheme.entity_id 
_pdbx_poly_seq_scheme.seq_id 
_pdbx_poly_seq_scheme.mon_id 
_pdbx_poly_seq_scheme.ndb_seq_num 
_pdbx_poly_seq_scheme.pdb_seq_num 
_pdbx_poly_seq_scheme.auth_seq_num 
_pdbx_poly_seq_scheme.pdb_mon_id 
_pdbx_poly_seq_scheme.auth_mon_id 
_pdbx_poly_seq_scheme.pdb_strand_id 
_pdbx_poly_seq_scheme.pdb_ins_code 
_pdbx_poly_seq_scheme.hetero 
A 1 1   THR 1   -5  -5  THR THR A . n 
A 1 2   GLU 2   -4  -4  GLU GLU A . n 
A 1 3   PHE 3   -3  -3  PHE PHE A . n 
A 1 4   LYS 4   -2  -2  LYS LYS A . n 
A 1 5   ALA 5   -1  -1  ALA ALA A . n 
A 1 6   GLY 6   1   1   GLY GLY A . n 
A 1 7   SER 7   2   2   SER SER A . n 
A 1 8   ALA 8   3   3   ALA ALA A . n 
A 1 9   LYS 9   4   4   LYS LYS A . n 
A 1 10  LYS 10  5   5   LYS LYS A . n 
A 1 11  GLY 11  6   6   GLY GLY A . n 
A 1 12  ALA 12  7   7   ALA ALA A . n 
A 1 13  THR 13  8   8   THR THR A . n 
A 1 14  LEU 14  9   9   LEU LEU A . n 
A 1 15  PHE 15  10  10  PHE PHE A . n 
A 1 16  LYS 16  11  11  LYS LYS A . n 
A 1 17  THR 17  12  12  THR THR A . n 
A 1 18  ARG 18  13  13  ARG ARG A . n 
A 1 19  CYS 19  14  14  CYS CYS A . n 
A 1 20  LEU 20  15  15  LEU LEU A . n 
A 1 21  GLN 21  16  16  GLN GLN A . n 
A 1 22  CYS 22  17  17  CYS CYS A . n 
A 1 23  HIS 23  18  18  HIS HIS A . n 
A 1 24  THR 24  19  19  THR THR A . n 
A 1 25  VAL 25  20  20  VAL VAL A . n 
A 1 26  GLU 26  21  21  GLU GLU A . n 
A 1 27  LYS 27  22  22  LYS LYS A . n 
A 1 28  GLY 28  23  23  GLY GLY A . n 
A 1 29  GLY 29  24  24  GLY GLY A . n 
A 1 30  PRO 30  25  25  PRO PRO A . n 
A 1 31  HIS 31  26  26  HIS HIS A . n 
A 1 32  LYS 32  27  27  LYS LYS A . n 
A 1 33  VAL 33  28  28  VAL VAL A . n 
A 1 34  GLY 34  29  29  GLY GLY A . n 
A 1 35  PRO 35  30  30  PRO PRO A . n 
A 1 36  ASN 36  31  31  ASN ASN A . n 
A 1 37  LEU 37  32  32  LEU LEU A . n 
A 1 38  HIS 38  33  33  HIS HIS A . n 
A 1 39  GLY 39  34  34  GLY GLY A . n 
A 1 40  ILE 40  35  35  ILE ILE A . n 
A 1 41  PHE 41  36  36  PHE PHE A . n 
A 1 42  GLY 42  37  37  GLY GLY A . n 
A 1 43  ARG 43  38  38  ARG ARG A . n 
A 1 44  HIS 44  39  39  HIS HIS A . n 
A 1 45  SER 45  40  40  SER SER A . n 
A 1 46  GLY 46  41  41  GLY GLY A . n 
A 1 47  GLN 47  42  42  GLN GLN A . n 
A 1 48  ALA 48  43  43  ALA ALA A . n 
A 1 49  GLU 49  44  44  GLU GLU A . n 
A 1 50  GLY 50  45  45  GLY GLY A . n 
A 1 51  TYR 51  46  46  TYR TYR A . n 
A 1 52  SER 52  47  47  SER SER A . n 
A 1 53  TYR 53  48  48  TYR TYR A . n 
A 1 54  THR 54  49  49  THR THR A . n 
A 1 55  ASP 55  50  50  ASP ASP A . n 
A 1 56  ALA 56  51  51  ALA ALA A . n 
A 1 57  ASN 57  52  52  ASN ASN A . n 
A 1 58  ILE 58  53  53  ILE ILE A . n 
A 1 59  LYS 59  54  54  LYS LYS A . n 
A 1 60  LYS 60  55  55  LYS LYS A . n 
A 1 61  ASN 61  56  56  ASN ASN A . n 
A 1 62  VAL 62  57  57  VAL VAL A . n 
A 1 63  LEU 63  58  58  LEU LEU A . n 
A 1 64  TRP 64  59  59  TRP TRP A . n 
A 1 65  ASP 65  60  60  ASP ASP A . n 
A 1 66  GLU 66  61  61  GLU GLU A . n 
A 1 67  ASN 67  62  62  ASN ASN A . n 
A 1 68  ASN 68  63  63  ASN ASN A . n 
A 1 69  MET 69  64  64  MET MET A . n 
A 1 70  SER 70  65  65  SER SER A . n 
A 1 71  GLU 71  66  66  GLU GLU A . n 
A 1 72  TYR 72  67  67  TYR TYR A . n 
A 1 73  LEU 73  68  68  LEU LEU A . n 
A 1 74  THR 74  69  69  THR THR A . n 
A 1 75  ASN 75  70  70  ASN ASN A . n 
A 1 76  PRO 76  71  71  PRO PRO A . n 
A 1 77  M3L 77  72  72  M3L M3L A . n 
A 1 78  LYS 78  73  73  LYS LYS A . n 
A 1 79  TYR 79  74  74  TYR TYR A . n 
A 1 80  MET 80  75  75  MET MET A . n 
A 1 81  PRO 81  76  76  PRO PRO A . n 
A 1 82  GLY 82  77  77  GLY GLY A . n 
A 1 83  THR 83  78  78  THR THR A . n 
A 1 84  LYS 84  79  79  LYS LYS A . n 
A 1 85  MET 85  80  80  MET MET A . n 
A 1 86  ALA 86  81  81  ALA ALA A . n 
A 1 87  PHE 87  82  82  PHE PHE A . n 
A 1 88  GLY 88  83  83  GLY GLY A . n 
A 1 89  GLY 89  84  84  GLY GLY A . n 
A 1 90  LEU 90  85  85  LEU LEU A . n 
A 1 91  LYS 91  86  86  LYS LYS A . n 
A 1 92  LYS 92  87  87  LYS LYS A . n 
A 1 93  GLU 93  88  88  GLU GLU A . n 
A 1 94  LYS 94  89  89  LYS LYS A . n 
A 1 95  ASP 95  90  90  ASP ASP A . n 
A 1 96  ARG 96  91  91  ARG ARG A . n 
A 1 97  ASN 97  92  92  ASN ASN A . n 
A 1 98  ASP 98  93  93  ASP ASP A . n 
A 1 99  LEU 99  94  94  LEU LEU A . n 
A 1 100 ILE 100 95  95  ILE ILE A . n 
A 1 101 THR 101 96  96  THR THR A . n 
A 1 102 TYR 102 97  97  TYR TYR A . n 
A 1 103 LEU 103 98  98  LEU LEU A . n 
A 1 104 LYS 104 99  99  LYS LYS A . n 
A 1 105 LYS 105 100 100 LYS LYS A . n 
A 1 106 ALA 106 101 101 ALA ALA A . n 
A 1 107 THR 107 102 102 THR THR A . n 
A 1 108 GLU 108 103 103 GLU GLU A . n 
# 
loop_
_pdbx_nonpoly_scheme.asym_id 
_pdbx_nonpoly_scheme.entity_id 
_pdbx_nonpoly_scheme.mon_id 
_pdbx_nonpoly_scheme.ndb_seq_num 
_pdbx_nonpoly_scheme.pdb_seq_num 
_pdbx_nonpoly_scheme.auth_seq_num 
_pdbx_nonpoly_scheme.pdb_mon_id 
_pdbx_nonpoly_scheme.auth_mon_id 
_pdbx_nonpoly_scheme.pdb_strand_id 
_pdbx_nonpoly_scheme.pdb_ins_code 
B 2 SO4 1  117 117 SO4 SO4 A . 
C 3 HEM 1  104 104 HEM HEM A . 
D 4 HOH 1  107 107 HOH HOH A . 
D 4 HOH 2  110 110 HOH HOH A . 
D 4 HOH 3  121 121 HOH HOH A . 
D 4 HOH 4  129 129 HOH HOH A . 
D 4 HOH 5  133 133 HOH HOH A . 
D 4 HOH 6  140 140 HOH HOH A . 
D 4 HOH 7  154 154 HOH HOH A . 
D 4 HOH 8  155 155 HOH HOH A . 
D 4 HOH 9  158 158 HOH HOH A . 
D 4 HOH 10 166 166 HOH HOH A . 
D 4 HOH 11 168 168 HOH HOH A . 
D 4 HOH 12 172 172 HOH HOH A . 
D 4 HOH 13 189 189 HOH HOH A . 
D 4 HOH 14 191 191 HOH HOH A . 
D 4 HOH 15 204 204 HOH HOH A . 
D 4 HOH 16 208 208 HOH HOH A . 
D 4 HOH 17 214 214 HOH HOH A . 
D 4 HOH 18 215 215 HOH HOH A . 
D 4 HOH 19 219 219 HOH HOH A . 
D 4 HOH 20 300 300 HOH HOH A . 
D 4 HOH 21 301 301 HOH HOH A . 
D 4 HOH 22 302 302 HOH HOH A . 
D 4 HOH 23 303 303 HOH HOH A . 
D 4 HOH 24 304 304 HOH HOH A . 
D 4 HOH 25 305 305 HOH HOH A . 
D 4 HOH 26 306 306 HOH HOH A . 
D 4 HOH 27 307 307 HOH HOH A . 
D 4 HOH 28 308 308 HOH HOH A . 
D 4 HOH 29 309 309 HOH HOH A . 
# 
_pdbx_struct_mod_residue.id               1 
_pdbx_struct_mod_residue.label_asym_id    A 
_pdbx_struct_mod_residue.label_comp_id    M3L 
_pdbx_struct_mod_residue.label_seq_id     77 
_pdbx_struct_mod_residue.auth_asym_id     A 
_pdbx_struct_mod_residue.auth_comp_id     M3L 
_pdbx_struct_mod_residue.auth_seq_id      72 
_pdbx_struct_mod_residue.PDB_ins_code     ? 
_pdbx_struct_mod_residue.parent_comp_id   LYS 
_pdbx_struct_mod_residue.details          N-TRIMETHYLLYSINE 
# 
_pdbx_struct_assembly.id                   1 
_pdbx_struct_assembly.details              author_defined_assembly 
_pdbx_struct_assembly.method_details       ? 
_pdbx_struct_assembly.oligomeric_details   monomeric 
_pdbx_struct_assembly.oligomeric_count     1 
# 
_pdbx_struct_assembly_gen.assembly_id       1 
_pdbx_struct_assembly_gen.oper_expression   1 
_pdbx_struct_assembly_gen.asym_id_list      A,B,C,D 
# 
_pdbx_struct_oper_list.id                   1 
_pdbx_struct_oper_list.type                 'identity operation' 
_pdbx_struct_oper_list.name                 1_555 
_pdbx_struct_oper_list.symmetry_operation   x,y,z 
_pdbx_struct_oper_list.matrix[1][1]         1.0000000000 
_pdbx_struct_oper_list.matrix[1][2]         0.0000000000 
_pdbx_struct_oper_list.matrix[1][3]         0.0000000000 
_pdbx_struct_oper_list.vector[1]            0.0000000000 
_pdbx_struct_oper_list.matrix[2][1]         0.0000000000 
_pdbx_struct_oper_list.matrix[2][2]         1.0000000000 
_pdbx_struct_oper_list.matrix[2][3]         0.0000000000 
_pdbx_struct_oper_list.vector[2]            0.0000000000 
_pdbx_struct_oper_list.matrix[3][1]         0.0000000000 
_pdbx_struct_oper_list.matrix[3][2]         0.0000000000 
_pdbx_struct_oper_list.matrix[3][3]         1.0000000000 
_pdbx_struct_oper_list.vector[3]            0.0000000000 
# 
loop_
_pdbx_struct_conn_angle.id 
_pdbx_struct_conn_angle.ptnr1_label_atom_id 
_pdbx_struct_conn_angle.ptnr1_label_alt_id 
_pdbx_struct_conn_angle.ptnr1_label_asym_id 
_pdbx_struct_conn_angle.ptnr1_label_comp_id 
_pdbx_struct_conn_angle.ptnr1_label_seq_id 
_pdbx_struct_conn_angle.ptnr1_auth_atom_id 
_pdbx_struct_conn_angle.ptnr1_auth_asym_id 
_pdbx_struct_conn_angle.ptnr1_auth_comp_id 
_pdbx_struct_conn_angle.ptnr1_auth_seq_id 
_pdbx_struct_conn_angle.ptnr1_PDB_ins_code 
_pdbx_struct_conn_angle.ptnr1_symmetry 
_pdbx_struct_conn_angle.ptnr2_label_atom_id 
_pdbx_struct_conn_angle.ptnr2_label_alt_id 
_pdbx_struct_conn_angle.ptnr2_label_asym_id 
_pdbx_struct_conn_angle.ptnr2_label_comp_id 
_pdbx_struct_conn_angle.ptnr2_label_seq_id 
_pdbx_struct_conn_angle.ptnr2_auth_atom_id 
_pdbx_struct_conn_angle.ptnr2_auth_asym_id 
_pdbx_struct_conn_angle.ptnr2_auth_comp_id 
_pdbx_struct_conn_angle.ptnr2_auth_seq_id 
_pdbx_struct_conn_angle.ptnr2_PDB_ins_code 
_pdbx_struct_conn_angle.ptnr2_symmetry 
_pdbx_struct_conn_angle.ptnr3_label_atom_id 
_pdbx_struct_conn_angle.ptnr3_label_alt_id 
_pdbx_struct_conn_angle.ptnr3_label_asym_id 
_pdbx_struct_conn_angle.ptnr3_label_comp_id 
_pdbx_struct_conn_angle.ptnr3_label_seq_id 
_pdbx_struct_conn_angle.ptnr3_auth_atom_id 
_pdbx_struct_conn_angle.ptnr3_auth_asym_id 
_pdbx_struct_conn_angle.ptnr3_auth_comp_id 
_pdbx_struct_conn_angle.ptnr3_auth_seq_id 
_pdbx_struct_conn_angle.ptnr3_PDB_ins_code 
_pdbx_struct_conn_angle.ptnr3_symmetry 
_pdbx_struct_conn_angle.value 
_pdbx_struct_conn_angle.value_esd 
1  NE2 ? A HIS 23 ? A HIS 18  ? 1_555 FE ? C HEM . ? A HEM 104 ? 1_555 NA ? C HEM .  ? A HEM 104 ? 1_555 87.4  ? 
2  NE2 ? A HIS 23 ? A HIS 18  ? 1_555 FE ? C HEM . ? A HEM 104 ? 1_555 NB ? C HEM .  ? A HEM 104 ? 1_555 95.8  ? 
3  NA  ? C HEM .  ? A HEM 104 ? 1_555 FE ? C HEM . ? A HEM 104 ? 1_555 NB ? C HEM .  ? A HEM 104 ? 1_555 89.4  ? 
4  NE2 ? A HIS 23 ? A HIS 18  ? 1_555 FE ? C HEM . ? A HEM 104 ? 1_555 NC ? C HEM .  ? A HEM 104 ? 1_555 101.9 ? 
5  NA  ? C HEM .  ? A HEM 104 ? 1_555 FE ? C HEM . ? A HEM 104 ? 1_555 NC ? C HEM .  ? A HEM 104 ? 1_555 170.7 ? 
6  NB  ? C HEM .  ? A HEM 104 ? 1_555 FE ? C HEM . ? A HEM 104 ? 1_555 NC ? C HEM .  ? A HEM 104 ? 1_555 88.9  ? 
7  NE2 ? A HIS 23 ? A HIS 18  ? 1_555 FE ? C HEM . ? A HEM 104 ? 1_555 ND ? C HEM .  ? A HEM 104 ? 1_555 96.3  ? 
8  NA  ? C HEM .  ? A HEM 104 ? 1_555 FE ? C HEM . ? A HEM 104 ? 1_555 ND ? C HEM .  ? A HEM 104 ? 1_555 90.5  ? 
9  NB  ? C HEM .  ? A HEM 104 ? 1_555 FE ? C HEM . ? A HEM 104 ? 1_555 ND ? C HEM .  ? A HEM 104 ? 1_555 167.9 ? 
10 NC  ? C HEM .  ? A HEM 104 ? 1_555 FE ? C HEM . ? A HEM 104 ? 1_555 ND ? C HEM .  ? A HEM 104 ? 1_555 89.2  ? 
11 NE2 ? A HIS 23 ? A HIS 18  ? 1_555 FE ? C HEM . ? A HEM 104 ? 1_555 SD ? A MET 85 ? A MET 80  ? 1_555 171.3 ? 
12 NA  ? C HEM .  ? A HEM 104 ? 1_555 FE ? C HEM . ? A HEM 104 ? 1_555 SD ? A MET 85 ? A MET 80  ? 1_555 84.1  ? 
13 NB  ? C HEM .  ? A HEM 104 ? 1_555 FE ? C HEM . ? A HEM 104 ? 1_555 SD ? A MET 85 ? A MET 80  ? 1_555 85.8  ? 
14 NC  ? C HEM .  ? A HEM 104 ? 1_555 FE ? C HEM . ? A HEM 104 ? 1_555 SD ? A MET 85 ? A MET 80  ? 1_555 86.6  ? 
15 ND  ? C HEM .  ? A HEM 104 ? 1_555 FE ? C HEM . ? A HEM 104 ? 1_555 SD ? A MET 85 ? A MET 80  ? 1_555 82.2  ? 
# 
loop_
_pdbx_audit_revision_history.ordinal 
_pdbx_audit_revision_history.data_content_type 
_pdbx_audit_revision_history.major_revision 
_pdbx_audit_revision_history.minor_revision 
_pdbx_audit_revision_history.revision_date 
1 'Structure model' 1 0 1997-01-11 
2 'Structure model' 1 1 2008-03-24 
3 'Structure model' 1 2 2011-07-13 
4 'Structure model' 1 3 2017-11-29 
5 'Structure model' 1 4 2018-04-18 
6 'Structure model' 1 5 2021-11-03 
# 
_pdbx_audit_revision_details.ordinal             1 
_pdbx_audit_revision_details.revision_ordinal    1 
_pdbx_audit_revision_details.data_content_type   'Structure model' 
_pdbx_audit_revision_details.provider            repository 
_pdbx_audit_revision_details.type                'Initial release' 
_pdbx_audit_revision_details.description         ? 
_pdbx_audit_revision_details.details             ? 
# 
loop_
_pdbx_audit_revision_group.ordinal 
_pdbx_audit_revision_group.revision_ordinal 
_pdbx_audit_revision_group.data_content_type 
_pdbx_audit_revision_group.group 
1 2 'Structure model' 'Version format compliance' 
2 3 'Structure model' 'Version format compliance' 
3 4 'Structure model' 'Derived calculations'      
4 4 'Structure model' Other                       
5 5 'Structure model' 'Data collection'           
6 6 'Structure model' 'Database references'       
7 6 'Structure model' 'Derived calculations'      
# 
loop_
_pdbx_audit_revision_category.ordinal 
_pdbx_audit_revision_category.revision_ordinal 
_pdbx_audit_revision_category.data_content_type 
_pdbx_audit_revision_category.category 
1 4 'Structure model' pdbx_database_status 
2 4 'Structure model' struct_conf          
3 4 'Structure model' struct_conf_type     
4 5 'Structure model' diffrn_detector      
5 6 'Structure model' database_2           
6 6 'Structure model' struct_conn          
7 6 'Structure model' struct_ref_seq_dif   
8 6 'Structure model' struct_site          
# 
loop_
_pdbx_audit_revision_item.ordinal 
_pdbx_audit_revision_item.revision_ordinal 
_pdbx_audit_revision_item.data_content_type 
_pdbx_audit_revision_item.item 
1  4 'Structure model' '_pdbx_database_status.process_site'  
2  5 'Structure model' '_diffrn_detector.detector'           
3  6 'Structure model' '_database_2.pdbx_DOI'                
4  6 'Structure model' '_database_2.pdbx_database_accession' 
5  6 'Structure model' '_struct_conn.conn_type_id'           
6  6 'Structure model' '_struct_conn.id'                     
7  6 'Structure model' '_struct_conn.pdbx_dist_value'        
8  6 'Structure model' '_struct_conn.pdbx_leaving_atom_flag' 
9  6 'Structure model' '_struct_conn.ptnr1_auth_comp_id'     
10 6 'Structure model' '_struct_conn.ptnr1_auth_seq_id'      
11 6 'Structure model' '_struct_conn.ptnr1_label_asym_id'    
12 6 'Structure model' '_struct_conn.ptnr1_label_atom_id'    
13 6 'Structure model' '_struct_conn.ptnr1_label_comp_id'    
14 6 'Structure model' '_struct_conn.ptnr1_label_seq_id'     
15 6 'Structure model' '_struct_conn.ptnr2_auth_comp_id'     
16 6 'Structure model' '_struct_conn.ptnr2_auth_seq_id'      
17 6 'Structure model' '_struct_conn.ptnr2_label_asym_id'    
18 6 'Structure model' '_struct_conn.ptnr2_label_atom_id'    
19 6 'Structure model' '_struct_conn.ptnr2_label_comp_id'    
20 6 'Structure model' '_struct_conn.ptnr2_label_seq_id'     
21 6 'Structure model' '_struct_ref_seq_dif.details'         
22 6 'Structure model' '_struct_site.pdbx_auth_asym_id'      
23 6 'Structure model' '_struct_site.pdbx_auth_comp_id'      
24 6 'Structure model' '_struct_site.pdbx_auth_seq_id'       
# 
loop_
_software.name 
_software.classification 
_software.version 
_software.citation_id 
_software.pdbx_ordinal 
PROLSQ   refinement       .        ? 1 
IN-HOUSE 'data reduction' SOFTWARE ? 2 
# 
_pdbx_validate_symm_contact.id                1 
_pdbx_validate_symm_contact.PDB_model_num     1 
_pdbx_validate_symm_contact.auth_atom_id_1    CD1 
_pdbx_validate_symm_contact.auth_asym_id_1    A 
_pdbx_validate_symm_contact.auth_comp_id_1    LEU 
_pdbx_validate_symm_contact.auth_seq_id_1     58 
_pdbx_validate_symm_contact.PDB_ins_code_1    ? 
_pdbx_validate_symm_contact.label_alt_id_1    ? 
_pdbx_validate_symm_contact.site_symmetry_1   1_555 
_pdbx_validate_symm_contact.auth_atom_id_2    OD1 
_pdbx_validate_symm_contact.auth_asym_id_2    A 
_pdbx_validate_symm_contact.auth_comp_id_2    ASN 
_pdbx_validate_symm_contact.auth_seq_id_2     62 
_pdbx_validate_symm_contact.PDB_ins_code_2    ? 
_pdbx_validate_symm_contact.label_alt_id_2    ? 
_pdbx_validate_symm_contact.site_symmetry_2   7_555 
_pdbx_validate_symm_contact.dist              1.98 
# 
loop_
_pdbx_validate_rmsd_angle.id 
_pdbx_validate_rmsd_angle.PDB_model_num 
_pdbx_validate_rmsd_angle.auth_atom_id_1 
_pdbx_validate_rmsd_angle.auth_asym_id_1 
_pdbx_validate_rmsd_angle.auth_comp_id_1 
_pdbx_validate_rmsd_angle.auth_seq_id_1 
_pdbx_validate_rmsd_angle.PDB_ins_code_1 
_pdbx_validate_rmsd_angle.label_alt_id_1 
_pdbx_validate_rmsd_angle.auth_atom_id_2 
_pdbx_validate_rmsd_angle.auth_asym_id_2 
_pdbx_validate_rmsd_angle.auth_comp_id_2 
_pdbx_validate_rmsd_angle.auth_seq_id_2 
_pdbx_validate_rmsd_angle.PDB_ins_code_2 
_pdbx_validate_rmsd_angle.label_alt_id_2 
_pdbx_validate_rmsd_angle.auth_atom_id_3 
_pdbx_validate_rmsd_angle.auth_asym_id_3 
_pdbx_validate_rmsd_angle.auth_comp_id_3 
_pdbx_validate_rmsd_angle.auth_seq_id_3 
_pdbx_validate_rmsd_angle.PDB_ins_code_3 
_pdbx_validate_rmsd_angle.label_alt_id_3 
_pdbx_validate_rmsd_angle.angle_value 
_pdbx_validate_rmsd_angle.angle_target_value 
_pdbx_validate_rmsd_angle.angle_deviation 
_pdbx_validate_rmsd_angle.angle_standard_deviation 
_pdbx_validate_rmsd_angle.linker_flag 
1  1 N  A ALA -1  ? ? CA A ALA -1  ? ? CB  A ALA -1  ? ? 118.58 110.10 8.48   1.40 N 
2  1 CD A ARG 13  ? ? NE A ARG 13  ? ? CZ  A ARG 13  ? ? 135.86 123.60 12.26  1.40 N 
3  1 NE A ARG 13  ? ? CZ A ARG 13  ? ? NH2 A ARG 13  ? ? 123.64 120.30 3.34   0.50 N 
4  1 CA A LEU 15  ? ? C  A LEU 15  ? ? N   A GLN 16  ? ? 103.50 117.20 -13.70 2.20 Y 
5  1 CA A HIS 18  ? ? CB A HIS 18  ? ? CG  A HIS 18  ? ? 125.81 113.60 12.21  1.70 N 
6  1 C  A HIS 18  ? ? N  A THR 19  ? ? CA  A THR 19  ? ? 136.89 121.70 15.19  2.50 Y 
7  1 NE A ARG 38  ? ? CZ A ARG 38  ? ? NH1 A ARG 38  ? ? 123.74 120.30 3.44   0.50 N 
8  1 CB A TYR 46  ? ? CG A TYR 46  ? ? CD2 A TYR 46  ? ? 115.24 121.00 -5.76  0.60 N 
9  1 CA A TYR 48  ? ? CB A TYR 48  ? ? CG  A TYR 48  ? ? 130.65 113.40 17.25  1.90 N 
10 1 N  A THR 49  ? ? CA A THR 49  ? ? CB  A THR 49  ? ? 123.33 110.30 13.03  1.90 N 
11 1 CB A ASP 50  ? ? CA A ASP 50  ? ? C   A ASP 50  ? ? 123.44 110.40 13.04  2.00 N 
12 1 CA A LEU 58  ? ? CB A LEU 58  ? ? CG  A LEU 58  ? ? 129.57 115.30 14.27  2.30 N 
13 1 CG A GLU 61  ? ? CD A GLU 61  ? ? OE1 A GLU 61  ? ? 133.63 118.30 15.33  2.00 N 
14 1 N  A MET 80  ? ? CA A MET 80  ? ? CB  A MET 80  ? ? 123.86 110.60 13.26  1.80 N 
15 1 CG A MET 80  ? ? SD A MET 80  ? ? CE  A MET 80  ? ? 89.84  100.20 -10.36 1.60 N 
16 1 O  A MET 80  ? ? C  A MET 80  ? ? N   A ALA 81  ? ? 133.47 122.70 10.77  1.60 Y 
17 1 CG A GLU 88  ? ? CD A GLU 88  ? ? OE2 A GLU 88  ? ? 104.68 118.30 -13.62 2.00 N 
18 1 NE A ARG 91  ? ? CZ A ARG 91  ? ? NH1 A ARG 91  ? ? 117.24 120.30 -3.06  0.50 N 
19 1 CB A ASP 93  ? ? CA A ASP 93  ? ? C   A ASP 93  ? ? 122.89 110.40 12.49  2.00 N 
20 1 N  A LYS 100 ? ? CA A LYS 100 ? ? CB  A LYS 100 ? ? 122.15 110.60 11.55  1.80 N 
21 1 CB A GLU 103 ? ? CA A GLU 103 ? ? C   A GLU 103 ? ? 97.77  110.40 -12.63 2.00 N 
# 
loop_
_pdbx_validate_torsion.id 
_pdbx_validate_torsion.PDB_model_num 
_pdbx_validate_torsion.auth_comp_id 
_pdbx_validate_torsion.auth_asym_id 
_pdbx_validate_torsion.auth_seq_id 
_pdbx_validate_torsion.PDB_ins_code 
_pdbx_validate_torsion.label_alt_id 
_pdbx_validate_torsion.phi 
_pdbx_validate_torsion.psi 
1 1 ALA A -1 ? ? -47.51  163.94  
2 1 CYS A 14 ? ? -140.93 -0.25   
3 1 LYS A 27 ? ? -130.64 -141.49 
4 1 THR A 49 ? ? -38.42  158.44  
5 1 ASN A 56 ? ? 37.37   30.05   
6 1 GLU A 61 ? ? -27.11  -38.57  
7 1 ASN A 70 ? ? 176.55  94.50   
8 1 LYS A 79 ? ? -93.96  44.21   
# 
loop_
_pdbx_entity_nonpoly.entity_id 
_pdbx_entity_nonpoly.name 
_pdbx_entity_nonpoly.comp_id 
2 'SULFATE ION'                     SO4 
3 'PROTOPORPHYRIN IX CONTAINING FE' HEM 
4 water                             HOH 
# 
